data_1RRA
# 
_entry.id   1RRA 
# 
_audit_conform.dict_name       mmcif_pdbx.dic 
_audit_conform.dict_version    5.397 
_audit_conform.dict_location   http://mmcif.pdb.org/dictionaries/ascii/mmcif_pdbx.dic 
# 
loop_
_database_2.database_id 
_database_2.database_code 
_database_2.pdbx_database_accession 
_database_2.pdbx_DOI 
PDB   1RRA         pdb_00001rra 10.2210/pdb1rra/pdb 
RCSB  RCSB000222   ?            ?                   
WWPDB D_1000000222 ?            ?                   
# 
loop_
_pdbx_audit_revision_history.ordinal 
_pdbx_audit_revision_history.data_content_type 
_pdbx_audit_revision_history.major_revision 
_pdbx_audit_revision_history.minor_revision 
_pdbx_audit_revision_history.revision_date 
1 'Structure model' 1 0 1998-12-09 
2 'Structure model' 1 1 2008-04-26 
3 'Structure model' 1 2 2011-07-13 
4 'Structure model' 1 3 2023-08-23 
5 'Structure model' 1 4 2024-10-30 
# 
_pdbx_audit_revision_details.ordinal             1 
_pdbx_audit_revision_details.revision_ordinal    1 
_pdbx_audit_revision_details.data_content_type   'Structure model' 
_pdbx_audit_revision_details.provider            repository 
_pdbx_audit_revision_details.type                'Initial release' 
_pdbx_audit_revision_details.description         ? 
_pdbx_audit_revision_details.details             ? 
# 
loop_
_pdbx_audit_revision_group.ordinal 
_pdbx_audit_revision_group.revision_ordinal 
_pdbx_audit_revision_group.data_content_type 
_pdbx_audit_revision_group.group 
1 2 'Structure model' 'Version format compliance' 
2 3 'Structure model' 'Version format compliance' 
3 4 'Structure model' 'Data collection'           
4 4 'Structure model' 'Database references'       
5 4 'Structure model' 'Derived calculations'      
6 4 'Structure model' 'Refinement description'    
7 5 'Structure model' 'Structure summary'         
# 
loop_
_pdbx_audit_revision_category.ordinal 
_pdbx_audit_revision_category.revision_ordinal 
_pdbx_audit_revision_category.data_content_type 
_pdbx_audit_revision_category.category 
1 4 'Structure model' chem_comp_atom                
2 4 'Structure model' chem_comp_bond                
3 4 'Structure model' database_2                    
4 4 'Structure model' pdbx_initial_refinement_model 
5 4 'Structure model' struct_site                   
6 5 'Structure model' pdbx_entry_details            
7 5 'Structure model' pdbx_modification_feature     
# 
loop_
_pdbx_audit_revision_item.ordinal 
_pdbx_audit_revision_item.revision_ordinal 
_pdbx_audit_revision_item.data_content_type 
_pdbx_audit_revision_item.item 
1 4 'Structure model' '_database_2.pdbx_DOI'                
2 4 'Structure model' '_database_2.pdbx_database_accession' 
3 4 'Structure model' '_struct_site.pdbx_auth_asym_id'      
4 4 'Structure model' '_struct_site.pdbx_auth_comp_id'      
5 4 'Structure model' '_struct_site.pdbx_auth_seq_id'       
# 
_pdbx_database_status.status_code                     REL 
_pdbx_database_status.entry_id                        1RRA 
_pdbx_database_status.recvd_initial_deposition_date   1998-12-04 
_pdbx_database_status.deposit_site                    PDBE 
_pdbx_database_status.process_site                    RCSB 
_pdbx_database_status.SG_entry                        . 
_pdbx_database_status.pdb_format_compatible           Y 
_pdbx_database_status.status_code_mr                  ? 
_pdbx_database_status.status_code_sf                  ? 
_pdbx_database_status.status_code_cs                  ? 
_pdbx_database_status.status_code_nmr_data            ? 
_pdbx_database_status.methods_development_category    ? 
# 
loop_
_audit_author.name 
_audit_author.pdbx_ordinal 
'Gupta, V.'       1 
'Muyldermans, S.' 2 
'Wyns, L.'        3 
'Salunke, D.'     4 
# 
_citation.id                        primary 
_citation.title                     'The crystal structure of recombinant rat pancreatic RNase A.' 
_citation.journal_abbrev            Proteins 
_citation.journal_volume            35 
_citation.page_first                1 
_citation.page_last                 12 
_citation.year                      1999 
_citation.journal_id_ASTM           PSFGEY 
_citation.country                   US 
_citation.journal_id_ISSN           0887-3585 
_citation.journal_id_CSD            0867 
_citation.book_publisher            ? 
_citation.pdbx_database_id_PubMed   10090281 
_citation.pdbx_database_id_DOI      '10.1002/(SICI)1097-0134(19990401)35:1<1::AID-PROT1>3.0.CO;2-2' 
# 
loop_
_citation_author.citation_id 
_citation_author.name 
_citation_author.ordinal 
_citation_author.identifier_ORCID 
primary 'Gupta, V.'       1 ? 
primary 'Muyldermans, S.' 2 ? 
primary 'Wyns, L.'        3 ? 
primary 'Salunke, D.M.'   4 ? 
# 
loop_
_entity.id 
_entity.type 
_entity.src_method 
_entity.pdbx_description 
_entity.formula_weight 
_entity.pdbx_number_of_molecules 
_entity.pdbx_ec 
_entity.pdbx_mutation 
_entity.pdbx_fragment 
_entity.details 
1 polymer     man 'PROTEIN (RIBONUCLEASE)' 13756.479 1  3.1.27.5 'FOUR N-TERMINAL AMINO ACIDS SUBSTITUTED TO ONE SINGLE ALA' ? ? 
2 non-polymer syn 'PHOSPHATE ION'          94.971    1  ?        ?                                                           ? ? 
3 water       nat water                    18.015    91 ?        ?                                                           ? ? 
# 
_entity_name_com.entity_id   1 
_entity_name_com.name        'RNASE A' 
# 
_entity_poly.entity_id                      1 
_entity_poly.type                           'polypeptide(L)' 
_entity_poly.nstd_linkage                   no 
_entity_poly.nstd_monomer                   no 
_entity_poly.pdbx_seq_one_letter_code       
;AESSADKFKRQHMDTEGPSKSSPTYCNQMMKRQGMTKGSCKPVNTFVHEPLEDVQAICSQGQVTCKNGRNNCHKSSSTLR
ITDCRLKGSSKYPNCDYTTTDSQKHIIIACDGNPYVPVHFDASV
;
_entity_poly.pdbx_seq_one_letter_code_can   
;AESSADKFKRQHMDTEGPSKSSPTYCNQMMKRQGMTKGSCKPVNTFVHEPLEDVQAICSQGQVTCKNGRNNCHKSSSTLR
ITDCRLKGSSKYPNCDYTTTDSQKHIIIACDGNPYVPVHFDASV
;
_entity_poly.pdbx_strand_id                 A 
_entity_poly.pdbx_target_identifier         ? 
# 
loop_
_pdbx_entity_nonpoly.entity_id 
_pdbx_entity_nonpoly.name 
_pdbx_entity_nonpoly.comp_id 
2 'PHOSPHATE ION' PO4 
3 water           HOH 
# 
loop_
_entity_poly_seq.entity_id 
_entity_poly_seq.num 
_entity_poly_seq.mon_id 
_entity_poly_seq.hetero 
1 1   ALA n 
1 2   GLU n 
1 3   SER n 
1 4   SER n 
1 5   ALA n 
1 6   ASP n 
1 7   LYS n 
1 8   PHE n 
1 9   LYS n 
1 10  ARG n 
1 11  GLN n 
1 12  HIS n 
1 13  MET n 
1 14  ASP n 
1 15  THR n 
1 16  GLU n 
1 17  GLY n 
1 18  PRO n 
1 19  SER n 
1 20  LYS n 
1 21  SER n 
1 22  SER n 
1 23  PRO n 
1 24  THR n 
1 25  TYR n 
1 26  CYS n 
1 27  ASN n 
1 28  GLN n 
1 29  MET n 
1 30  MET n 
1 31  LYS n 
1 32  ARG n 
1 33  GLN n 
1 34  GLY n 
1 35  MET n 
1 36  THR n 
1 37  LYS n 
1 38  GLY n 
1 39  SER n 
1 40  CYS n 
1 41  LYS n 
1 42  PRO n 
1 43  VAL n 
1 44  ASN n 
1 45  THR n 
1 46  PHE n 
1 47  VAL n 
1 48  HIS n 
1 49  GLU n 
1 50  PRO n 
1 51  LEU n 
1 52  GLU n 
1 53  ASP n 
1 54  VAL n 
1 55  GLN n 
1 56  ALA n 
1 57  ILE n 
1 58  CYS n 
1 59  SER n 
1 60  GLN n 
1 61  GLY n 
1 62  GLN n 
1 63  VAL n 
1 64  THR n 
1 65  CYS n 
1 66  LYS n 
1 67  ASN n 
1 68  GLY n 
1 69  ARG n 
1 70  ASN n 
1 71  ASN n 
1 72  CYS n 
1 73  HIS n 
1 74  LYS n 
1 75  SER n 
1 76  SER n 
1 77  SER n 
1 78  THR n 
1 79  LEU n 
1 80  ARG n 
1 81  ILE n 
1 82  THR n 
1 83  ASP n 
1 84  CYS n 
1 85  ARG n 
1 86  LEU n 
1 87  LYS n 
1 88  GLY n 
1 89  SER n 
1 90  SER n 
1 91  LYS n 
1 92  TYR n 
1 93  PRO n 
1 94  ASN n 
1 95  CYS n 
1 96  ASP n 
1 97  TYR n 
1 98  THR n 
1 99  THR n 
1 100 THR n 
1 101 ASP n 
1 102 SER n 
1 103 GLN n 
1 104 LYS n 
1 105 HIS n 
1 106 ILE n 
1 107 ILE n 
1 108 ILE n 
1 109 ALA n 
1 110 CYS n 
1 111 ASP n 
1 112 GLY n 
1 113 ASN n 
1 114 PRO n 
1 115 TYR n 
1 116 VAL n 
1 117 PRO n 
1 118 VAL n 
1 119 HIS n 
1 120 PHE n 
1 121 ASP n 
1 122 ALA n 
1 123 SER n 
1 124 VAL n 
# 
_entity_src_gen.entity_id                          1 
_entity_src_gen.pdbx_src_id                        1 
_entity_src_gen.pdbx_alt_source_flag               sample 
_entity_src_gen.pdbx_seq_type                      ? 
_entity_src_gen.pdbx_beg_seq_num                   ? 
_entity_src_gen.pdbx_end_seq_num                   ? 
_entity_src_gen.gene_src_common_name               'Norway rat' 
_entity_src_gen.gene_src_genus                     Rattus 
_entity_src_gen.pdbx_gene_src_gene                 ? 
_entity_src_gen.gene_src_species                   ? 
_entity_src_gen.gene_src_strain                    ? 
_entity_src_gen.gene_src_tissue                    ? 
_entity_src_gen.gene_src_tissue_fraction           ? 
_entity_src_gen.gene_src_details                   ? 
_entity_src_gen.pdbx_gene_src_fragment             ? 
_entity_src_gen.pdbx_gene_src_scientific_name      'Rattus norvegicus' 
_entity_src_gen.pdbx_gene_src_ncbi_taxonomy_id     10116 
_entity_src_gen.pdbx_gene_src_variant              ? 
_entity_src_gen.pdbx_gene_src_cell_line            ? 
_entity_src_gen.pdbx_gene_src_atcc                 ? 
_entity_src_gen.pdbx_gene_src_organ                PANCREAS 
_entity_src_gen.pdbx_gene_src_organelle            ? 
_entity_src_gen.pdbx_gene_src_cell                 ? 
_entity_src_gen.pdbx_gene_src_cellular_location    ? 
_entity_src_gen.host_org_common_name               ? 
_entity_src_gen.pdbx_host_org_scientific_name      'Escherichia coli' 
_entity_src_gen.pdbx_host_org_ncbi_taxonomy_id     562 
_entity_src_gen.host_org_genus                     Escherichia 
_entity_src_gen.pdbx_host_org_gene                 ? 
_entity_src_gen.pdbx_host_org_organ                ? 
_entity_src_gen.host_org_species                   ? 
_entity_src_gen.pdbx_host_org_tissue               ? 
_entity_src_gen.pdbx_host_org_tissue_fraction      ? 
_entity_src_gen.pdbx_host_org_strain               JM101 
_entity_src_gen.pdbx_host_org_variant              ? 
_entity_src_gen.pdbx_host_org_cell_line            ? 
_entity_src_gen.pdbx_host_org_atcc                 ? 
_entity_src_gen.pdbx_host_org_culture_collection   ? 
_entity_src_gen.pdbx_host_org_cell                 ? 
_entity_src_gen.pdbx_host_org_organelle            ? 
_entity_src_gen.pdbx_host_org_cellular_location    PERIPLASM 
_entity_src_gen.pdbx_host_org_vector_type          PLASMID 
_entity_src_gen.pdbx_host_org_vector               ? 
_entity_src_gen.host_org_details                   ? 
_entity_src_gen.expression_system_id               ? 
_entity_src_gen.plasmid_name                       PMA19 
_entity_src_gen.plasmid_details                    ? 
_entity_src_gen.pdbx_description                   ? 
# 
loop_
_chem_comp.id 
_chem_comp.type 
_chem_comp.mon_nstd_flag 
_chem_comp.name 
_chem_comp.pdbx_synonyms 
_chem_comp.formula 
_chem_comp.formula_weight 
ALA 'L-peptide linking' y ALANINE         ? 'C3 H7 N O2'     89.093  
ARG 'L-peptide linking' y ARGININE        ? 'C6 H15 N4 O2 1' 175.209 
ASN 'L-peptide linking' y ASPARAGINE      ? 'C4 H8 N2 O3'    132.118 
ASP 'L-peptide linking' y 'ASPARTIC ACID' ? 'C4 H7 N O4'     133.103 
CYS 'L-peptide linking' y CYSTEINE        ? 'C3 H7 N O2 S'   121.158 
GLN 'L-peptide linking' y GLUTAMINE       ? 'C5 H10 N2 O3'   146.144 
GLU 'L-peptide linking' y 'GLUTAMIC ACID' ? 'C5 H9 N O4'     147.129 
GLY 'peptide linking'   y GLYCINE         ? 'C2 H5 N O2'     75.067  
HIS 'L-peptide linking' y HISTIDINE       ? 'C6 H10 N3 O2 1' 156.162 
HOH non-polymer         . WATER           ? 'H2 O'           18.015  
ILE 'L-peptide linking' y ISOLEUCINE      ? 'C6 H13 N O2'    131.173 
LEU 'L-peptide linking' y LEUCINE         ? 'C6 H13 N O2'    131.173 
LYS 'L-peptide linking' y LYSINE          ? 'C6 H15 N2 O2 1' 147.195 
MET 'L-peptide linking' y METHIONINE      ? 'C5 H11 N O2 S'  149.211 
PHE 'L-peptide linking' y PHENYLALANINE   ? 'C9 H11 N O2'    165.189 
PO4 non-polymer         . 'PHOSPHATE ION' ? 'O4 P -3'        94.971  
PRO 'L-peptide linking' y PROLINE         ? 'C5 H9 N O2'     115.130 
SER 'L-peptide linking' y SERINE          ? 'C3 H7 N O3'     105.093 
THR 'L-peptide linking' y THREONINE       ? 'C4 H9 N O3'     119.119 
TYR 'L-peptide linking' y TYROSINE        ? 'C9 H11 N O3'    181.189 
VAL 'L-peptide linking' y VALINE          ? 'C5 H11 N O2'    117.146 
# 
loop_
_pdbx_poly_seq_scheme.asym_id 
_pdbx_poly_seq_scheme.entity_id 
_pdbx_poly_seq_scheme.seq_id 
_pdbx_poly_seq_scheme.mon_id 
_pdbx_poly_seq_scheme.ndb_seq_num 
_pdbx_poly_seq_scheme.pdb_seq_num 
_pdbx_poly_seq_scheme.auth_seq_num 
_pdbx_poly_seq_scheme.pdb_mon_id 
_pdbx_poly_seq_scheme.auth_mon_id 
_pdbx_poly_seq_scheme.pdb_strand_id 
_pdbx_poly_seq_scheme.pdb_ins_code 
_pdbx_poly_seq_scheme.hetero 
A 1 1   ALA 1   1   1   ALA ALA A . n 
A 1 2   GLU 2   2   2   GLU GLU A . n 
A 1 3   SER 3   3   3   SER SER A . n 
A 1 4   SER 4   4   4   SER SER A . n 
A 1 5   ALA 5   5   5   ALA ALA A . n 
A 1 6   ASP 6   6   6   ASP ASP A . n 
A 1 7   LYS 7   7   7   LYS LYS A . n 
A 1 8   PHE 8   8   8   PHE PHE A . n 
A 1 9   LYS 9   9   9   LYS LYS A . n 
A 1 10  ARG 10  10  10  ARG ARG A . n 
A 1 11  GLN 11  11  11  GLN GLN A . n 
A 1 12  HIS 12  12  12  HIS HIS A . n 
A 1 13  MET 13  13  13  MET MET A . n 
A 1 14  ASP 14  14  14  ASP ASP A . n 
A 1 15  THR 15  15  15  THR THR A . n 
A 1 16  GLU 16  16  16  GLU GLU A . n 
A 1 17  GLY 17  17  17  GLY GLY A . n 
A 1 18  PRO 18  18  18  PRO PRO A . n 
A 1 19  SER 19  19  19  SER SER A . n 
A 1 20  LYS 20  20  20  LYS LYS A . n 
A 1 21  SER 21  21  21  SER SER A . n 
A 1 22  SER 22  22  22  SER SER A . n 
A 1 23  PRO 23  23  23  PRO PRO A . n 
A 1 24  THR 24  24  24  THR THR A . n 
A 1 25  TYR 25  25  25  TYR TYR A . n 
A 1 26  CYS 26  26  26  CYS CYS A . n 
A 1 27  ASN 27  27  27  ASN ASN A . n 
A 1 28  GLN 28  28  28  GLN GLN A . n 
A 1 29  MET 29  29  29  MET MET A . n 
A 1 30  MET 30  30  30  MET MET A . n 
A 1 31  LYS 31  31  31  LYS LYS A . n 
A 1 32  ARG 32  32  32  ARG ARG A . n 
A 1 33  GLN 33  33  33  GLN GLN A . n 
A 1 34  GLY 34  34  34  GLY GLY A . n 
A 1 35  MET 35  35  35  MET MET A . n 
A 1 36  THR 36  36  36  THR THR A . n 
A 1 37  LYS 37  37  37  LYS LYS A . n 
A 1 38  GLY 38  38  38  GLY GLY A . n 
A 1 39  SER 39  39  39  SER SER A . n 
A 1 40  CYS 40  40  40  CYS CYS A . n 
A 1 41  LYS 41  41  41  LYS LYS A . n 
A 1 42  PRO 42  42  42  PRO PRO A . n 
A 1 43  VAL 43  43  43  VAL VAL A . n 
A 1 44  ASN 44  44  44  ASN ASN A . n 
A 1 45  THR 45  45  45  THR THR A . n 
A 1 46  PHE 46  46  46  PHE PHE A . n 
A 1 47  VAL 47  47  47  VAL VAL A . n 
A 1 48  HIS 48  48  48  HIS HIS A . n 
A 1 49  GLU 49  49  49  GLU GLU A . n 
A 1 50  PRO 50  50  50  PRO PRO A . n 
A 1 51  LEU 51  51  51  LEU LEU A . n 
A 1 52  GLU 52  52  52  GLU GLU A . n 
A 1 53  ASP 53  53  53  ASP ASP A . n 
A 1 54  VAL 54  54  54  VAL VAL A . n 
A 1 55  GLN 55  55  55  GLN GLN A . n 
A 1 56  ALA 56  56  56  ALA ALA A . n 
A 1 57  ILE 57  57  57  ILE ILE A . n 
A 1 58  CYS 58  58  58  CYS CYS A . n 
A 1 59  SER 59  59  59  SER SER A . n 
A 1 60  GLN 60  60  60  GLN GLN A . n 
A 1 61  GLY 61  61  61  GLY GLY A . n 
A 1 62  GLN 62  62  62  GLN GLN A . n 
A 1 63  VAL 63  63  63  VAL VAL A . n 
A 1 64  THR 64  64  64  THR THR A . n 
A 1 65  CYS 65  65  65  CYS CYS A . n 
A 1 66  LYS 66  66  66  LYS LYS A . n 
A 1 67  ASN 67  67  67  ASN ASN A . n 
A 1 68  GLY 68  68  68  GLY GLY A . n 
A 1 69  ARG 69  69  69  ARG ARG A . n 
A 1 70  ASN 70  70  70  ASN ASN A . n 
A 1 71  ASN 71  71  71  ASN ASN A . n 
A 1 72  CYS 72  72  72  CYS CYS A . n 
A 1 73  HIS 73  73  73  HIS HIS A . n 
A 1 74  LYS 74  74  74  LYS LYS A . n 
A 1 75  SER 75  75  75  SER SER A . n 
A 1 76  SER 76  76  76  SER SER A . n 
A 1 77  SER 77  77  77  SER SER A . n 
A 1 78  THR 78  78  78  THR THR A . n 
A 1 79  LEU 79  79  79  LEU LEU A . n 
A 1 80  ARG 80  80  80  ARG ARG A . n 
A 1 81  ILE 81  81  81  ILE ILE A . n 
A 1 82  THR 82  82  82  THR THR A . n 
A 1 83  ASP 83  83  83  ASP ASP A . n 
A 1 84  CYS 84  84  84  CYS CYS A . n 
A 1 85  ARG 85  85  85  ARG ARG A . n 
A 1 86  LEU 86  86  86  LEU LEU A . n 
A 1 87  LYS 87  87  87  LYS LYS A . n 
A 1 88  GLY 88  88  88  GLY GLY A . n 
A 1 89  SER 89  89  89  SER SER A . n 
A 1 90  SER 90  90  90  SER SER A . n 
A 1 91  LYS 91  91  91  LYS LYS A . n 
A 1 92  TYR 92  92  92  TYR TYR A . n 
A 1 93  PRO 93  93  93  PRO PRO A . n 
A 1 94  ASN 94  94  94  ASN ASN A . n 
A 1 95  CYS 95  95  95  CYS CYS A . n 
A 1 96  ASP 96  96  96  ASP ASP A . n 
A 1 97  TYR 97  97  97  TYR TYR A . n 
A 1 98  THR 98  98  98  THR THR A . n 
A 1 99  THR 99  99  99  THR THR A . n 
A 1 100 THR 100 100 100 THR THR A . n 
A 1 101 ASP 101 101 101 ASP ASP A . n 
A 1 102 SER 102 102 102 SER SER A . n 
A 1 103 GLN 103 103 103 GLN GLN A . n 
A 1 104 LYS 104 104 104 LYS LYS A . n 
A 1 105 HIS 105 105 105 HIS HIS A . n 
A 1 106 ILE 106 106 106 ILE ILE A . n 
A 1 107 ILE 107 107 107 ILE ILE A . n 
A 1 108 ILE 108 108 108 ILE ILE A . n 
A 1 109 ALA 109 109 109 ALA ALA A . n 
A 1 110 CYS 110 110 110 CYS CYS A . n 
A 1 111 ASP 111 111 111 ASP ASP A . n 
A 1 112 GLY 112 112 112 GLY GLY A . n 
A 1 113 ASN 113 113 113 ASN ASN A . n 
A 1 114 PRO 114 114 114 PRO PRO A . n 
A 1 115 TYR 115 115 115 TYR TYR A . n 
A 1 116 VAL 116 116 116 VAL VAL A . n 
A 1 117 PRO 117 117 117 PRO PRO A . n 
A 1 118 VAL 118 118 118 VAL VAL A . n 
A 1 119 HIS 119 119 119 HIS HIS A . n 
A 1 120 PHE 120 120 120 PHE PHE A . n 
A 1 121 ASP 121 121 121 ASP ASP A . n 
A 1 122 ALA 122 122 122 ALA ALA A . n 
A 1 123 SER 123 123 123 SER SER A . n 
A 1 124 VAL 124 124 124 VAL VAL A . n 
# 
loop_
_pdbx_nonpoly_scheme.asym_id 
_pdbx_nonpoly_scheme.entity_id 
_pdbx_nonpoly_scheme.mon_id 
_pdbx_nonpoly_scheme.ndb_seq_num 
_pdbx_nonpoly_scheme.pdb_seq_num 
_pdbx_nonpoly_scheme.auth_seq_num 
_pdbx_nonpoly_scheme.pdb_mon_id 
_pdbx_nonpoly_scheme.auth_mon_id 
_pdbx_nonpoly_scheme.pdb_strand_id 
_pdbx_nonpoly_scheme.pdb_ins_code 
B 2 PO4 1  125 125 PO4 PO4 A . 
C 3 HOH 1  126 126 HOH HOH A . 
C 3 HOH 2  128 128 HOH HOH A . 
C 3 HOH 3  129 129 HOH HOH A . 
C 3 HOH 4  130 130 HOH HOH A . 
C 3 HOH 5  131 131 HOH HOH A . 
C 3 HOH 6  134 134 HOH HOH A . 
C 3 HOH 7  135 135 HOH HOH A . 
C 3 HOH 8  137 137 HOH HOH A . 
C 3 HOH 9  138 138 HOH HOH A . 
C 3 HOH 10 139 139 HOH HOH A . 
C 3 HOH 11 141 141 HOH HOH A . 
C 3 HOH 12 142 142 HOH HOH A . 
C 3 HOH 13 143 143 HOH HOH A . 
C 3 HOH 14 145 145 HOH HOH A . 
C 3 HOH 15 146 146 HOH HOH A . 
C 3 HOH 16 147 147 HOH HOH A . 
C 3 HOH 17 148 148 HOH HOH A . 
C 3 HOH 18 149 149 HOH HOH A . 
C 3 HOH 19 150 150 HOH HOH A . 
C 3 HOH 20 152 152 HOH HOH A . 
C 3 HOH 21 154 154 HOH HOH A . 
C 3 HOH 22 156 156 HOH HOH A . 
C 3 HOH 23 157 157 HOH HOH A . 
C 3 HOH 24 159 159 HOH HOH A . 
C 3 HOH 25 160 160 HOH HOH A . 
C 3 HOH 26 163 163 HOH HOH A . 
C 3 HOH 27 166 166 HOH HOH A . 
C 3 HOH 28 167 167 HOH HOH A . 
C 3 HOH 29 168 168 HOH HOH A . 
C 3 HOH 30 170 170 HOH HOH A . 
C 3 HOH 31 171 171 HOH HOH A . 
C 3 HOH 32 174 174 HOH HOH A . 
C 3 HOH 33 175 175 HOH HOH A . 
C 3 HOH 34 176 176 HOH HOH A . 
C 3 HOH 35 178 178 HOH HOH A . 
C 3 HOH 36 179 179 HOH HOH A . 
C 3 HOH 37 180 180 HOH HOH A . 
C 3 HOH 38 181 181 HOH HOH A . 
C 3 HOH 39 182 182 HOH HOH A . 
C 3 HOH 40 183 183 HOH HOH A . 
C 3 HOH 41 184 184 HOH HOH A . 
C 3 HOH 42 185 185 HOH HOH A . 
C 3 HOH 43 187 187 HOH HOH A . 
C 3 HOH 44 188 188 HOH HOH A . 
C 3 HOH 45 189 189 HOH HOH A . 
C 3 HOH 46 190 190 HOH HOH A . 
C 3 HOH 47 191 191 HOH HOH A . 
C 3 HOH 48 192 192 HOH HOH A . 
C 3 HOH 49 193 193 HOH HOH A . 
C 3 HOH 50 195 195 HOH HOH A . 
C 3 HOH 51 196 196 HOH HOH A . 
C 3 HOH 52 197 197 HOH HOH A . 
C 3 HOH 53 199 199 HOH HOH A . 
C 3 HOH 54 201 201 HOH HOH A . 
C 3 HOH 55 202 202 HOH HOH A . 
C 3 HOH 56 203 203 HOH HOH A . 
C 3 HOH 57 204 204 HOH HOH A . 
C 3 HOH 58 206 206 HOH HOH A . 
C 3 HOH 59 207 207 HOH HOH A . 
C 3 HOH 60 208 208 HOH HOH A . 
C 3 HOH 61 209 209 HOH HOH A . 
C 3 HOH 62 210 210 HOH HOH A . 
C 3 HOH 63 211 211 HOH HOH A . 
C 3 HOH 64 212 212 HOH HOH A . 
C 3 HOH 65 213 213 HOH HOH A . 
C 3 HOH 66 214 214 HOH HOH A . 
C 3 HOH 67 215 215 HOH HOH A . 
C 3 HOH 68 216 216 HOH HOH A . 
C 3 HOH 69 217 217 HOH HOH A . 
C 3 HOH 70 218 218 HOH HOH A . 
C 3 HOH 71 219 219 HOH HOH A . 
C 3 HOH 72 220 220 HOH HOH A . 
C 3 HOH 73 221 221 HOH HOH A . 
C 3 HOH 74 222 222 HOH HOH A . 
C 3 HOH 75 223 223 HOH HOH A . 
C 3 HOH 76 224 224 HOH HOH A . 
C 3 HOH 77 225 225 HOH HOH A . 
C 3 HOH 78 226 226 HOH HOH A . 
C 3 HOH 79 227 227 HOH HOH A . 
C 3 HOH 80 228 228 HOH HOH A . 
C 3 HOH 81 229 229 HOH HOH A . 
C 3 HOH 82 230 230 HOH HOH A . 
C 3 HOH 83 231 231 HOH HOH A . 
C 3 HOH 84 232 232 HOH HOH A . 
C 3 HOH 85 233 233 HOH HOH A . 
C 3 HOH 86 234 234 HOH HOH A . 
C 3 HOH 87 235 235 HOH HOH A . 
C 3 HOH 88 236 236 HOH HOH A . 
C 3 HOH 89 237 237 HOH HOH A . 
C 3 HOH 90 238 238 HOH HOH A . 
C 3 HOH 91 239 239 HOH HOH A . 
# 
loop_
_software.name 
_software.classification 
_software.version 
_software.citation_id 
_software.pdbx_ordinal 
DENZO     'data reduction' .   ? 1 
SCALEPACK 'data scaling'   .   ? 2 
AMoRE     phasing          .   ? 3 
X-PLOR    refinement       3.1 ? 4 
# 
_cell.entry_id           1RRA 
_cell.length_a           69.130 
_cell.length_b           69.130 
_cell.length_c           60.930 
_cell.angle_alpha        90.00 
_cell.angle_beta         90.00 
_cell.angle_gamma        120.00 
_cell.Z_PDB              6 
_cell.pdbx_unique_axis   ? 
# 
_symmetry.entry_id                         1RRA 
_symmetry.space_group_name_H-M             'P 31 2 1' 
_symmetry.pdbx_full_space_group_name_H-M   ? 
_symmetry.cell_setting                     ? 
_symmetry.Int_Tables_number                152 
# 
_exptl.entry_id          1RRA 
_exptl.method            'X-RAY DIFFRACTION' 
_exptl.crystals_number   1 
# 
_exptl_crystal.id                    1 
_exptl_crystal.density_meas          ? 
_exptl_crystal.density_Matthews      3.07 
_exptl_crystal.density_percent_sol   59.9 
_exptl_crystal.description           ? 
# 
_exptl_crystal_grow.crystal_id      1 
_exptl_crystal_grow.method          ? 
_exptl_crystal_grow.temp            ? 
_exptl_crystal_grow.temp_details    ? 
_exptl_crystal_grow.pH              5.5 
_exptl_crystal_grow.pdbx_details    
'35% PEG-8K IN 10MM ACETATE BUFFER PH 5.5 CONTAINING 1MM DISODIUM HYDROGEN PHOSPHATE AND 10 MG/ML PROTEIN' 
_exptl_crystal_grow.pdbx_pH_range   ? 
# 
_diffrn.id                     1 
_diffrn.ambient_temp           298 
_diffrn.ambient_temp_details   ? 
_diffrn.crystal_id             1 
# 
_diffrn_detector.diffrn_id              1 
_diffrn_detector.detector               'IMAGE PLATE' 
_diffrn_detector.type                   MARRESEARCH 
_diffrn_detector.pdbx_collection_date   1993-07 
_diffrn_detector.details                'DUEL SLITS' 
# 
_diffrn_radiation.diffrn_id                        1 
_diffrn_radiation.wavelength_id                    1 
_diffrn_radiation.pdbx_monochromatic_or_laue_m_l   M 
_diffrn_radiation.monochromator                    'NI FILTER' 
_diffrn_radiation.pdbx_diffrn_protocol             'SINGLE WAVELENGTH' 
_diffrn_radiation.pdbx_scattering_type             x-ray 
# 
_diffrn_radiation_wavelength.id           1 
_diffrn_radiation_wavelength.wavelength   1.5418 
_diffrn_radiation_wavelength.wt           1.0 
# 
_diffrn_source.diffrn_id                   1 
_diffrn_source.source                      'ROTATING ANODE' 
_diffrn_source.type                        'RIGAKU RU200' 
_diffrn_source.pdbx_synchrotron_site       ? 
_diffrn_source.pdbx_synchrotron_beamline   ? 
_diffrn_source.pdbx_wavelength             1.5418 
_diffrn_source.pdbx_wavelength_list        ? 
# 
_reflns.entry_id                     1RRA 
_reflns.observed_criterion_sigma_I   0 
_reflns.observed_criterion_sigma_F   ? 
_reflns.d_resolution_low             8.0 
_reflns.d_resolution_high            2.5 
_reflns.number_obs                   4534 
_reflns.number_all                   ? 
_reflns.percent_possible_obs         77.0 
_reflns.pdbx_Rmerge_I_obs            ? 
_reflns.pdbx_Rsym_value              0.106 
_reflns.pdbx_netI_over_sigmaI        ? 
_reflns.B_iso_Wilson_estimate        ? 
_reflns.pdbx_redundancy              2.9 
_reflns.R_free_details               ? 
_reflns.limit_h_max                  ? 
_reflns.limit_h_min                  ? 
_reflns.limit_k_max                  ? 
_reflns.limit_k_min                  ? 
_reflns.limit_l_max                  ? 
_reflns.limit_l_min                  ? 
_reflns.observed_criterion_F_max     ? 
_reflns.observed_criterion_F_min     ? 
_reflns.pdbx_diffrn_id               1 
_reflns.pdbx_ordinal                 1 
# 
_refine.entry_id                                 1RRA 
_refine.ls_number_reflns_obs                     4534 
_refine.ls_number_reflns_all                     ? 
_refine.pdbx_ls_sigma_I                          ? 
_refine.pdbx_ls_sigma_F                          0.0 
_refine.pdbx_data_cutoff_high_absF               0.0 
_refine.pdbx_data_cutoff_low_absF                0.0 
_refine.pdbx_data_cutoff_high_rms_absF           ? 
_refine.ls_d_res_low                             8.0 
_refine.ls_d_res_high                            2.5 
_refine.ls_percent_reflns_obs                    77.0 
_refine.ls_R_factor_obs                          ? 
_refine.ls_R_factor_all                          ? 
_refine.ls_R_factor_R_work                       0.186 
_refine.ls_R_factor_R_free                       0.277 
_refine.ls_R_factor_R_free_error                 ? 
_refine.ls_R_factor_R_free_error_details         ? 
_refine.ls_percent_reflns_R_free                 5.0 
_refine.ls_number_reflns_R_free                  252 
_refine.ls_number_parameters                     ? 
_refine.ls_number_restraints                     ? 
_refine.occupancy_min                            ? 
_refine.occupancy_max                            ? 
_refine.B_iso_mean                               ? 
_refine.aniso_B[1][1]                            ? 
_refine.aniso_B[2][2]                            ? 
_refine.aniso_B[3][3]                            ? 
_refine.aniso_B[1][2]                            ? 
_refine.aniso_B[1][3]                            ? 
_refine.aniso_B[2][3]                            ? 
_refine.solvent_model_details                    ? 
_refine.solvent_model_param_ksol                 ? 
_refine.solvent_model_param_bsol                 ? 
_refine.pdbx_ls_cross_valid_method               THROUGHOUT 
_refine.details                                  ? 
_refine.pdbx_starting_model                      7RSA 
_refine.pdbx_method_to_determine_struct          'MOLECULAR REPLACEMENT' 
_refine.pdbx_isotropic_thermal_model             RESTRAINED 
_refine.pdbx_stereochemistry_target_values       ? 
_refine.pdbx_stereochem_target_val_spec_case     ? 
_refine.pdbx_R_Free_selection_details            RANDOM 
_refine.pdbx_overall_ESU_R                       ? 
_refine.pdbx_overall_ESU_R_Free                  ? 
_refine.overall_SU_ML                            ? 
_refine.overall_SU_B                             ? 
_refine.ls_redundancy_reflns_obs                 ? 
_refine.B_iso_min                                ? 
_refine.B_iso_max                                ? 
_refine.correlation_coeff_Fo_to_Fc               ? 
_refine.correlation_coeff_Fo_to_Fc_free          ? 
_refine.pdbx_solvent_vdw_probe_radii             ? 
_refine.pdbx_solvent_ion_probe_radii             ? 
_refine.pdbx_solvent_shrinkage_radii             ? 
_refine.overall_SU_R_Cruickshank_DPI             ? 
_refine.overall_SU_R_free                        ? 
_refine.pdbx_refine_id                           'X-RAY DIFFRACTION' 
_refine.pdbx_diffrn_id                           1 
_refine.pdbx_TLS_residual_ADP_flag               ? 
_refine.pdbx_overall_phase_error                 ? 
_refine.pdbx_overall_SU_R_free_Cruickshank_DPI   ? 
_refine.pdbx_overall_SU_R_Blow_DPI               ? 
_refine.pdbx_overall_SU_R_free_Blow_DPI          ? 
# 
_refine_analyze.entry_id                        1RRA 
_refine_analyze.Luzzati_coordinate_error_obs    0.25 
_refine_analyze.Luzzati_sigma_a_obs             ? 
_refine_analyze.Luzzati_d_res_low_obs           ? 
_refine_analyze.Luzzati_coordinate_error_free   ? 
_refine_analyze.Luzzati_sigma_a_free            ? 
_refine_analyze.Luzzati_d_res_low_free          ? 
_refine_analyze.number_disordered_residues      ? 
_refine_analyze.occupancy_sum_hydrogen          ? 
_refine_analyze.occupancy_sum_non_hydrogen      ? 
_refine_analyze.pdbx_Luzzati_d_res_high_obs     ? 
_refine_analyze.pdbx_refine_id                  'X-RAY DIFFRACTION' 
# 
_refine_hist.pdbx_refine_id                   'X-RAY DIFFRACTION' 
_refine_hist.cycle_id                         LAST 
_refine_hist.pdbx_number_atoms_protein        954 
_refine_hist.pdbx_number_atoms_nucleic_acid   0 
_refine_hist.pdbx_number_atoms_ligand         5 
_refine_hist.number_atoms_solvent             91 
_refine_hist.number_atoms_total               1050 
_refine_hist.d_res_high                       2.5 
_refine_hist.d_res_low                        8.0 
# 
loop_
_refine_ls_restr.type 
_refine_ls_restr.dev_ideal 
_refine_ls_restr.dev_ideal_target 
_refine_ls_restr.weight 
_refine_ls_restr.number 
_refine_ls_restr.pdbx_refine_id 
_refine_ls_restr.pdbx_restraint_function 
x_bond_d                0.012 ? ? ? 'X-RAY DIFFRACTION' ? 
x_bond_d_na             ?     ? ? ? 'X-RAY DIFFRACTION' ? 
x_bond_d_prot           ?     ? ? ? 'X-RAY DIFFRACTION' ? 
x_angle_d               ?     ? ? ? 'X-RAY DIFFRACTION' ? 
x_angle_d_na            ?     ? ? ? 'X-RAY DIFFRACTION' ? 
x_angle_d_prot          ?     ? ? ? 'X-RAY DIFFRACTION' ? 
x_angle_deg             1.96  ? ? ? 'X-RAY DIFFRACTION' ? 
x_angle_deg_na          ?     ? ? ? 'X-RAY DIFFRACTION' ? 
x_angle_deg_prot        ?     ? ? ? 'X-RAY DIFFRACTION' ? 
x_dihedral_angle_d      26.18 ? ? ? 'X-RAY DIFFRACTION' ? 
x_dihedral_angle_d_na   ?     ? ? ? 'X-RAY DIFFRACTION' ? 
x_dihedral_angle_d_prot ?     ? ? ? 'X-RAY DIFFRACTION' ? 
x_improper_angle_d      1.68  ? ? ? 'X-RAY DIFFRACTION' ? 
x_improper_angle_d_na   ?     ? ? ? 'X-RAY DIFFRACTION' ? 
x_improper_angle_d_prot ?     ? ? ? 'X-RAY DIFFRACTION' ? 
x_mcbond_it             ?     ? ? ? 'X-RAY DIFFRACTION' ? 
x_mcangle_it            ?     ? ? ? 'X-RAY DIFFRACTION' ? 
x_scbond_it             ?     ? ? ? 'X-RAY DIFFRACTION' ? 
x_scangle_it            ?     ? ? ? 'X-RAY DIFFRACTION' ? 
# 
_pdbx_xplor_file.serial_no        1 
_pdbx_xplor_file.param_file       PARAM19X.PRO 
_pdbx_xplor_file.topol_file       ? 
_pdbx_xplor_file.pdbx_refine_id   'X-RAY DIFFRACTION' 
# 
_struct.entry_id                  1RRA 
_struct.title                     'RIBONUCLEASE A FROM RATTUS NORVEGICUS (COMMON RAT)' 
_struct.pdbx_model_details        ? 
_struct.pdbx_CASP_flag            ? 
_struct.pdbx_model_type_details   ? 
# 
_struct_keywords.entry_id        1RRA 
_struct_keywords.pdbx_keywords   HYDROLASE 
_struct_keywords.text            'HYDROLASE(PHOSPHORIC DIESTER), RIBONUCLEASE, HYDROLASE' 
# 
loop_
_struct_asym.id 
_struct_asym.pdbx_blank_PDB_chainid_flag 
_struct_asym.pdbx_modified 
_struct_asym.entity_id 
_struct_asym.details 
A N N 1 ? 
B N N 2 ? 
C N N 3 ? 
# 
_struct_ref.id                         1 
_struct_ref.db_name                    UNP 
_struct_ref.db_code                    RNAS1_RAT 
_struct_ref.entity_id                  1 
_struct_ref.pdbx_db_accession          P00684 
_struct_ref.pdbx_align_begin           ? 
_struct_ref.pdbx_seq_one_letter_code   ? 
_struct_ref.pdbx_db_isoform            ? 
# 
_struct_ref_seq.align_id                      1 
_struct_ref_seq.ref_id                        1 
_struct_ref_seq.pdbx_PDB_id_code              1RRA 
_struct_ref_seq.pdbx_strand_id                A 
_struct_ref_seq.seq_align_beg                 1 
_struct_ref_seq.pdbx_seq_align_beg_ins_code   ? 
_struct_ref_seq.seq_align_end                 124 
_struct_ref_seq.pdbx_seq_align_end_ins_code   ? 
_struct_ref_seq.pdbx_db_accession             P00684 
_struct_ref_seq.db_align_beg                  29 
_struct_ref_seq.pdbx_db_align_beg_ins_code    ? 
_struct_ref_seq.db_align_end                  152 
_struct_ref_seq.pdbx_db_align_end_ins_code    ? 
_struct_ref_seq.pdbx_auth_seq_align_beg       1 
_struct_ref_seq.pdbx_auth_seq_align_end       124 
# 
_pdbx_struct_assembly.id                   1 
_pdbx_struct_assembly.details              author_defined_assembly 
_pdbx_struct_assembly.method_details       ? 
_pdbx_struct_assembly.oligomeric_details   monomeric 
_pdbx_struct_assembly.oligomeric_count     1 
# 
_pdbx_struct_assembly_gen.assembly_id       1 
_pdbx_struct_assembly_gen.oper_expression   1 
_pdbx_struct_assembly_gen.asym_id_list      A,B,C 
# 
_pdbx_struct_oper_list.id                   1 
_pdbx_struct_oper_list.type                 'identity operation' 
_pdbx_struct_oper_list.name                 1_555 
_pdbx_struct_oper_list.symmetry_operation   x,y,z 
_pdbx_struct_oper_list.matrix[1][1]         1.0000000000 
_pdbx_struct_oper_list.matrix[1][2]         0.0000000000 
_pdbx_struct_oper_list.matrix[1][3]         0.0000000000 
_pdbx_struct_oper_list.vector[1]            0.0000000000 
_pdbx_struct_oper_list.matrix[2][1]         0.0000000000 
_pdbx_struct_oper_list.matrix[2][2]         1.0000000000 
_pdbx_struct_oper_list.matrix[2][3]         0.0000000000 
_pdbx_struct_oper_list.vector[2]            0.0000000000 
_pdbx_struct_oper_list.matrix[3][1]         0.0000000000 
_pdbx_struct_oper_list.matrix[3][2]         0.0000000000 
_pdbx_struct_oper_list.matrix[3][3]         1.0000000000 
_pdbx_struct_oper_list.vector[3]            0.0000000000 
# 
_struct_biol.id                    1 
_struct_biol.pdbx_parent_biol_id   ? 
_struct_biol.details               ? 
# 
loop_
_struct_conf.conf_type_id 
_struct_conf.id 
_struct_conf.pdbx_PDB_helix_id 
_struct_conf.beg_label_comp_id 
_struct_conf.beg_label_asym_id 
_struct_conf.beg_label_seq_id 
_struct_conf.pdbx_beg_PDB_ins_code 
_struct_conf.end_label_comp_id 
_struct_conf.end_label_asym_id 
_struct_conf.end_label_seq_id 
_struct_conf.pdbx_end_PDB_ins_code 
_struct_conf.beg_auth_comp_id 
_struct_conf.beg_auth_asym_id 
_struct_conf.beg_auth_seq_id 
_struct_conf.end_auth_comp_id 
_struct_conf.end_auth_asym_id 
_struct_conf.end_auth_seq_id 
_struct_conf.pdbx_PDB_helix_class 
_struct_conf.details 
_struct_conf.pdbx_PDB_helix_length 
HELX_P HELX_P1 H1 SER A 3  ? MET A 13 ? SER A 3  MET A 13 1 ? 11 
HELX_P HELX_P2 H2 THR A 24 ? GLY A 34 ? THR A 24 GLY A 34 1 ? 11 
HELX_P HELX_P3 H3 PRO A 50 ? GLN A 60 ? PRO A 50 GLN A 60 1 ? 11 
# 
_struct_conf_type.id          HELX_P 
_struct_conf_type.criteria    ? 
_struct_conf_type.reference   ? 
# 
loop_
_struct_conn.id 
_struct_conn.conn_type_id 
_struct_conn.pdbx_leaving_atom_flag 
_struct_conn.pdbx_PDB_id 
_struct_conn.ptnr1_label_asym_id 
_struct_conn.ptnr1_label_comp_id 
_struct_conn.ptnr1_label_seq_id 
_struct_conn.ptnr1_label_atom_id 
_struct_conn.pdbx_ptnr1_label_alt_id 
_struct_conn.pdbx_ptnr1_PDB_ins_code 
_struct_conn.pdbx_ptnr1_standard_comp_id 
_struct_conn.ptnr1_symmetry 
_struct_conn.ptnr2_label_asym_id 
_struct_conn.ptnr2_label_comp_id 
_struct_conn.ptnr2_label_seq_id 
_struct_conn.ptnr2_label_atom_id 
_struct_conn.pdbx_ptnr2_label_alt_id 
_struct_conn.pdbx_ptnr2_PDB_ins_code 
_struct_conn.ptnr1_auth_asym_id 
_struct_conn.ptnr1_auth_comp_id 
_struct_conn.ptnr1_auth_seq_id 
_struct_conn.ptnr2_auth_asym_id 
_struct_conn.ptnr2_auth_comp_id 
_struct_conn.ptnr2_auth_seq_id 
_struct_conn.ptnr2_symmetry 
_struct_conn.pdbx_ptnr3_label_atom_id 
_struct_conn.pdbx_ptnr3_label_seq_id 
_struct_conn.pdbx_ptnr3_label_comp_id 
_struct_conn.pdbx_ptnr3_label_asym_id 
_struct_conn.pdbx_ptnr3_label_alt_id 
_struct_conn.pdbx_ptnr3_PDB_ins_code 
_struct_conn.details 
_struct_conn.pdbx_dist_value 
_struct_conn.pdbx_value_order 
_struct_conn.pdbx_role 
disulf1 disulf ? ? A CYS 26 SG ? ? ? 1_555 A CYS 84  SG ? ? A CYS 26 A CYS 84  1_555 ? ? ? ? ? ? ? 2.031 ? ? 
disulf2 disulf ? ? A CYS 40 SG ? ? ? 1_555 A CYS 95  SG ? ? A CYS 40 A CYS 95  1_555 ? ? ? ? ? ? ? 2.026 ? ? 
disulf3 disulf ? ? A CYS 58 SG ? ? ? 1_555 A CYS 110 SG ? ? A CYS 58 A CYS 110 1_555 ? ? ? ? ? ? ? 2.030 ? ? 
disulf4 disulf ? ? A CYS 65 SG ? ? ? 1_555 A CYS 72  SG ? ? A CYS 65 A CYS 72  1_555 ? ? ? ? ? ? ? 1.970 ? ? 
# 
_struct_conn_type.id          disulf 
_struct_conn_type.criteria    ? 
_struct_conn_type.reference   ? 
# 
loop_
_pdbx_modification_feature.ordinal 
_pdbx_modification_feature.label_comp_id 
_pdbx_modification_feature.label_asym_id 
_pdbx_modification_feature.label_seq_id 
_pdbx_modification_feature.label_alt_id 
_pdbx_modification_feature.modified_residue_label_comp_id 
_pdbx_modification_feature.modified_residue_label_asym_id 
_pdbx_modification_feature.modified_residue_label_seq_id 
_pdbx_modification_feature.modified_residue_label_alt_id 
_pdbx_modification_feature.auth_comp_id 
_pdbx_modification_feature.auth_asym_id 
_pdbx_modification_feature.auth_seq_id 
_pdbx_modification_feature.PDB_ins_code 
_pdbx_modification_feature.symmetry 
_pdbx_modification_feature.modified_residue_auth_comp_id 
_pdbx_modification_feature.modified_residue_auth_asym_id 
_pdbx_modification_feature.modified_residue_auth_seq_id 
_pdbx_modification_feature.modified_residue_PDB_ins_code 
_pdbx_modification_feature.modified_residue_symmetry 
_pdbx_modification_feature.comp_id_linking_atom 
_pdbx_modification_feature.modified_residue_id_linking_atom 
_pdbx_modification_feature.modified_residue_id 
_pdbx_modification_feature.ref_pcm_id 
_pdbx_modification_feature.ref_comp_id 
_pdbx_modification_feature.type 
_pdbx_modification_feature.category 
1 CYS A 26 ? CYS A 84  ? CYS A 26 ? 1_555 CYS A 84  ? 1_555 SG SG . . . None 'Disulfide bridge' 
2 CYS A 40 ? CYS A 95  ? CYS A 40 ? 1_555 CYS A 95  ? 1_555 SG SG . . . None 'Disulfide bridge' 
3 CYS A 58 ? CYS A 110 ? CYS A 58 ? 1_555 CYS A 110 ? 1_555 SG SG . . . None 'Disulfide bridge' 
4 CYS A 65 ? CYS A 72  ? CYS A 65 ? 1_555 CYS A 72  ? 1_555 SG SG . . . None 'Disulfide bridge' 
# 
loop_
_struct_mon_prot_cis.pdbx_id 
_struct_mon_prot_cis.label_comp_id 
_struct_mon_prot_cis.label_seq_id 
_struct_mon_prot_cis.label_asym_id 
_struct_mon_prot_cis.label_alt_id 
_struct_mon_prot_cis.pdbx_PDB_ins_code 
_struct_mon_prot_cis.auth_comp_id 
_struct_mon_prot_cis.auth_seq_id 
_struct_mon_prot_cis.auth_asym_id 
_struct_mon_prot_cis.pdbx_label_comp_id_2 
_struct_mon_prot_cis.pdbx_label_seq_id_2 
_struct_mon_prot_cis.pdbx_label_asym_id_2 
_struct_mon_prot_cis.pdbx_PDB_ins_code_2 
_struct_mon_prot_cis.pdbx_auth_comp_id_2 
_struct_mon_prot_cis.pdbx_auth_seq_id_2 
_struct_mon_prot_cis.pdbx_auth_asym_id_2 
_struct_mon_prot_cis.pdbx_PDB_model_num 
_struct_mon_prot_cis.pdbx_omega_angle 
1 TYR 92  A . ? TYR 92  A PRO 93  A ? PRO 93  A 1 0.42 
2 ASN 113 A . ? ASN 113 A PRO 114 A ? PRO 114 A 1 1.25 
# 
loop_
_struct_sheet.id 
_struct_sheet.type 
_struct_sheet.number_strands 
_struct_sheet.details 
S1A ? 3 ? 
S1B ? 3 ? 
S2A ? 4 ? 
S2B ? 4 ? 
# 
loop_
_struct_sheet_order.sheet_id 
_struct_sheet_order.range_id_1 
_struct_sheet_order.range_id_2 
_struct_sheet_order.offset 
_struct_sheet_order.sense 
S1A 2 3 ? anti-parallel 
S1B 2 3 ? anti-parallel 
S2A 2 3 ? anti-parallel 
S2A 3 4 ? anti-parallel 
S2B 2 3 ? anti-parallel 
S2B 3 4 ? anti-parallel 
# 
loop_
_struct_sheet_range.sheet_id 
_struct_sheet_range.id 
_struct_sheet_range.beg_label_comp_id 
_struct_sheet_range.beg_label_asym_id 
_struct_sheet_range.beg_label_seq_id 
_struct_sheet_range.pdbx_beg_PDB_ins_code 
_struct_sheet_range.end_label_comp_id 
_struct_sheet_range.end_label_asym_id 
_struct_sheet_range.end_label_seq_id 
_struct_sheet_range.pdbx_end_PDB_ins_code 
_struct_sheet_range.beg_auth_comp_id 
_struct_sheet_range.beg_auth_asym_id 
_struct_sheet_range.beg_auth_seq_id 
_struct_sheet_range.end_auth_comp_id 
_struct_sheet_range.end_auth_asym_id 
_struct_sheet_range.end_auth_seq_id 
S1A 1 LYS A 41  ? HIS A 48  ? LYS A 41  HIS A 48  
S1A 2 LEU A 79  ? LYS A 87  ? LEU A 79  LYS A 87  
S1A 3 ASN A 94  ? LYS A 104 ? ASN A 94  LYS A 104 
S1B 1 LYS A 41  ? HIS A 48  ? LYS A 41  HIS A 48  
S1B 2 SER A 90  ? LYS A 91  ? SER A 90  LYS A 91  
S1B 3 ASN A 94  ? LYS A 104 ? ASN A 94  LYS A 104 
S2A 1 GLY A 61  ? THR A 64  ? GLY A 61  THR A 64  
S2A 2 ASN A 71  ? SER A 75  ? ASN A 71  SER A 75  
S2A 3 HIS A 105 ? ASN A 113 ? HIS A 105 ASN A 113 
S2A 4 PRO A 114 ? HIS A 119 ? PRO A 114 HIS A 119 
S2B 1 GLY A 61  ? THR A 64  ? GLY A 61  THR A 64  
S2B 2 ASN A 71  ? SER A 75  ? ASN A 71  SER A 75  
S2B 3 HIS A 105 ? ASN A 113 ? HIS A 105 ASN A 113 
S2B 4 ASP A 121 ? VAL A 124 ? ASP A 121 VAL A 124 
# 
loop_
_pdbx_struct_sheet_hbond.sheet_id 
_pdbx_struct_sheet_hbond.range_id_1 
_pdbx_struct_sheet_hbond.range_id_2 
_pdbx_struct_sheet_hbond.range_1_label_atom_id 
_pdbx_struct_sheet_hbond.range_1_label_comp_id 
_pdbx_struct_sheet_hbond.range_1_label_asym_id 
_pdbx_struct_sheet_hbond.range_1_label_seq_id 
_pdbx_struct_sheet_hbond.range_1_PDB_ins_code 
_pdbx_struct_sheet_hbond.range_1_auth_atom_id 
_pdbx_struct_sheet_hbond.range_1_auth_comp_id 
_pdbx_struct_sheet_hbond.range_1_auth_asym_id 
_pdbx_struct_sheet_hbond.range_1_auth_seq_id 
_pdbx_struct_sheet_hbond.range_2_label_atom_id 
_pdbx_struct_sheet_hbond.range_2_label_comp_id 
_pdbx_struct_sheet_hbond.range_2_label_asym_id 
_pdbx_struct_sheet_hbond.range_2_label_seq_id 
_pdbx_struct_sheet_hbond.range_2_PDB_ins_code 
_pdbx_struct_sheet_hbond.range_2_auth_atom_id 
_pdbx_struct_sheet_hbond.range_2_auth_comp_id 
_pdbx_struct_sheet_hbond.range_2_auth_asym_id 
_pdbx_struct_sheet_hbond.range_2_auth_seq_id 
S1A 2 3 N LEU A 79  ? N LEU A 79  O LYS A 104 ? O LYS A 104 
S1B 2 3 N LYS A 91  ? N LYS A 91  O ASN A 94  ? O ASN A 94  
S2A 2 3 N HIS A 73  ? N HIS A 73  O ILE A 108 ? O ILE A 108 
S2A 3 4 N ASP A 111 ? N ASP A 111 O VAL A 116 ? O VAL A 116 
S2B 2 3 N HIS A 73  ? N HIS A 73  O ILE A 108 ? O ILE A 108 
S2B 3 4 O HIS A 105 ? O HIS A 105 N VAL A 124 ? N VAL A 124 
# 
_struct_site.id                   AC1 
_struct_site.pdbx_evidence_code   Software 
_struct_site.pdbx_auth_asym_id    A 
_struct_site.pdbx_auth_comp_id    PO4 
_struct_site.pdbx_auth_seq_id     125 
_struct_site.pdbx_auth_ins_code   ? 
_struct_site.pdbx_num_residues    7 
_struct_site.details              'BINDING SITE FOR RESIDUE PO4 A 125' 
# 
loop_
_struct_site_gen.id 
_struct_site_gen.site_id 
_struct_site_gen.pdbx_num_res 
_struct_site_gen.label_comp_id 
_struct_site_gen.label_asym_id 
_struct_site_gen.label_seq_id 
_struct_site_gen.pdbx_auth_ins_code 
_struct_site_gen.auth_comp_id 
_struct_site_gen.auth_asym_id 
_struct_site_gen.auth_seq_id 
_struct_site_gen.label_atom_id 
_struct_site_gen.label_alt_id 
_struct_site_gen.symmetry 
_struct_site_gen.details 
1 AC1 7 GLN A 11  ? GLN A 11  . ? 1_555 ? 
2 AC1 7 HIS A 12  ? HIS A 12  . ? 1_555 ? 
3 AC1 7 HIS A 119 ? HIS A 119 . ? 1_555 ? 
4 AC1 7 PHE A 120 ? PHE A 120 . ? 1_555 ? 
5 AC1 7 HOH C .   ? HOH A 131 . ? 1_555 ? 
6 AC1 7 HOH C .   ? HOH A 180 . ? 1_555 ? 
7 AC1 7 HOH C .   ? HOH A 227 . ? 1_555 ? 
# 
_pdbx_entry_details.entry_id                   1RRA 
_pdbx_entry_details.compound_details           ? 
_pdbx_entry_details.source_details             ? 
_pdbx_entry_details.nonpolymer_details         ? 
_pdbx_entry_details.sequence_details           ? 
_pdbx_entry_details.has_ligand_of_interest     ? 
_pdbx_entry_details.has_protein_modification   Y 
# 
_pdbx_validate_rmsd_angle.id                         1 
_pdbx_validate_rmsd_angle.PDB_model_num              1 
_pdbx_validate_rmsd_angle.auth_atom_id_1             CB 
_pdbx_validate_rmsd_angle.auth_asym_id_1             A 
_pdbx_validate_rmsd_angle.auth_comp_id_1             CYS 
_pdbx_validate_rmsd_angle.auth_seq_id_1              72 
_pdbx_validate_rmsd_angle.PDB_ins_code_1             ? 
_pdbx_validate_rmsd_angle.label_alt_id_1             ? 
_pdbx_validate_rmsd_angle.auth_atom_id_2             CA 
_pdbx_validate_rmsd_angle.auth_asym_id_2             A 
_pdbx_validate_rmsd_angle.auth_comp_id_2             CYS 
_pdbx_validate_rmsd_angle.auth_seq_id_2              72 
_pdbx_validate_rmsd_angle.PDB_ins_code_2             ? 
_pdbx_validate_rmsd_angle.label_alt_id_2             ? 
_pdbx_validate_rmsd_angle.auth_atom_id_3             C 
_pdbx_validate_rmsd_angle.auth_asym_id_3             A 
_pdbx_validate_rmsd_angle.auth_comp_id_3             CYS 
_pdbx_validate_rmsd_angle.auth_seq_id_3              72 
_pdbx_validate_rmsd_angle.PDB_ins_code_3             ? 
_pdbx_validate_rmsd_angle.label_alt_id_3             ? 
_pdbx_validate_rmsd_angle.angle_value                118.96 
_pdbx_validate_rmsd_angle.angle_target_value         111.50 
_pdbx_validate_rmsd_angle.angle_deviation            7.46 
_pdbx_validate_rmsd_angle.angle_standard_deviation   1.20 
_pdbx_validate_rmsd_angle.linker_flag                N 
# 
loop_
_pdbx_validate_torsion.id 
_pdbx_validate_torsion.PDB_model_num 
_pdbx_validate_torsion.auth_comp_id 
_pdbx_validate_torsion.auth_asym_id 
_pdbx_validate_torsion.auth_seq_id 
_pdbx_validate_torsion.PDB_ins_code 
_pdbx_validate_torsion.label_alt_id 
_pdbx_validate_torsion.phi 
_pdbx_validate_torsion.psi 
1 1 ASP A 14  ? ? -157.43 73.52   
2 1 GLU A 16  ? ? -109.08 45.32   
3 1 LYS A 37  ? ? -41.52  -119.24 
4 1 CYS A 58  ? ? -66.32  1.53    
5 1 LEU A 86  ? ? -46.36  155.81  
6 1 SER A 90  ? ? -14.94  124.14  
7 1 GLN A 103 ? ? -161.47 94.46   
8 1 TYR A 115 ? ? -60.63  93.58   
# 
loop_
_chem_comp_atom.comp_id 
_chem_comp_atom.atom_id 
_chem_comp_atom.type_symbol 
_chem_comp_atom.pdbx_aromatic_flag 
_chem_comp_atom.pdbx_stereo_config 
_chem_comp_atom.pdbx_ordinal 
ALA N    N N N 1   
ALA CA   C N S 2   
ALA C    C N N 3   
ALA O    O N N 4   
ALA CB   C N N 5   
ALA OXT  O N N 6   
ALA H    H N N 7   
ALA H2   H N N 8   
ALA HA   H N N 9   
ALA HB1  H N N 10  
ALA HB2  H N N 11  
ALA HB3  H N N 12  
ALA HXT  H N N 13  
ARG N    N N N 14  
ARG CA   C N S 15  
ARG C    C N N 16  
ARG O    O N N 17  
ARG CB   C N N 18  
ARG CG   C N N 19  
ARG CD   C N N 20  
ARG NE   N N N 21  
ARG CZ   C N N 22  
ARG NH1  N N N 23  
ARG NH2  N N N 24  
ARG OXT  O N N 25  
ARG H    H N N 26  
ARG H2   H N N 27  
ARG HA   H N N 28  
ARG HB2  H N N 29  
ARG HB3  H N N 30  
ARG HG2  H N N 31  
ARG HG3  H N N 32  
ARG HD2  H N N 33  
ARG HD3  H N N 34  
ARG HE   H N N 35  
ARG HH11 H N N 36  
ARG HH12 H N N 37  
ARG HH21 H N N 38  
ARG HH22 H N N 39  
ARG HXT  H N N 40  
ASN N    N N N 41  
ASN CA   C N S 42  
ASN C    C N N 43  
ASN O    O N N 44  
ASN CB   C N N 45  
ASN CG   C N N 46  
ASN OD1  O N N 47  
ASN ND2  N N N 48  
ASN OXT  O N N 49  
ASN H    H N N 50  
ASN H2   H N N 51  
ASN HA   H N N 52  
ASN HB2  H N N 53  
ASN HB3  H N N 54  
ASN HD21 H N N 55  
ASN HD22 H N N 56  
ASN HXT  H N N 57  
ASP N    N N N 58  
ASP CA   C N S 59  
ASP C    C N N 60  
ASP O    O N N 61  
ASP CB   C N N 62  
ASP CG   C N N 63  
ASP OD1  O N N 64  
ASP OD2  O N N 65  
ASP OXT  O N N 66  
ASP H    H N N 67  
ASP H2   H N N 68  
ASP HA   H N N 69  
ASP HB2  H N N 70  
ASP HB3  H N N 71  
ASP HD2  H N N 72  
ASP HXT  H N N 73  
CYS N    N N N 74  
CYS CA   C N R 75  
CYS C    C N N 76  
CYS O    O N N 77  
CYS CB   C N N 78  
CYS SG   S N N 79  
CYS OXT  O N N 80  
CYS H    H N N 81  
CYS H2   H N N 82  
CYS HA   H N N 83  
CYS HB2  H N N 84  
CYS HB3  H N N 85  
CYS HG   H N N 86  
CYS HXT  H N N 87  
GLN N    N N N 88  
GLN CA   C N S 89  
GLN C    C N N 90  
GLN O    O N N 91  
GLN CB   C N N 92  
GLN CG   C N N 93  
GLN CD   C N N 94  
GLN OE1  O N N 95  
GLN NE2  N N N 96  
GLN OXT  O N N 97  
GLN H    H N N 98  
GLN H2   H N N 99  
GLN HA   H N N 100 
GLN HB2  H N N 101 
GLN HB3  H N N 102 
GLN HG2  H N N 103 
GLN HG3  H N N 104 
GLN HE21 H N N 105 
GLN HE22 H N N 106 
GLN HXT  H N N 107 
GLU N    N N N 108 
GLU CA   C N S 109 
GLU C    C N N 110 
GLU O    O N N 111 
GLU CB   C N N 112 
GLU CG   C N N 113 
GLU CD   C N N 114 
GLU OE1  O N N 115 
GLU OE2  O N N 116 
GLU OXT  O N N 117 
GLU H    H N N 118 
GLU H2   H N N 119 
GLU HA   H N N 120 
GLU HB2  H N N 121 
GLU HB3  H N N 122 
GLU HG2  H N N 123 
GLU HG3  H N N 124 
GLU HE2  H N N 125 
GLU HXT  H N N 126 
GLY N    N N N 127 
GLY CA   C N N 128 
GLY C    C N N 129 
GLY O    O N N 130 
GLY OXT  O N N 131 
GLY H    H N N 132 
GLY H2   H N N 133 
GLY HA2  H N N 134 
GLY HA3  H N N 135 
GLY HXT  H N N 136 
HIS N    N N N 137 
HIS CA   C N S 138 
HIS C    C N N 139 
HIS O    O N N 140 
HIS CB   C N N 141 
HIS CG   C Y N 142 
HIS ND1  N Y N 143 
HIS CD2  C Y N 144 
HIS CE1  C Y N 145 
HIS NE2  N Y N 146 
HIS OXT  O N N 147 
HIS H    H N N 148 
HIS H2   H N N 149 
HIS HA   H N N 150 
HIS HB2  H N N 151 
HIS HB3  H N N 152 
HIS HD1  H N N 153 
HIS HD2  H N N 154 
HIS HE1  H N N 155 
HIS HE2  H N N 156 
HIS HXT  H N N 157 
HOH O    O N N 158 
HOH H1   H N N 159 
HOH H2   H N N 160 
ILE N    N N N 161 
ILE CA   C N S 162 
ILE C    C N N 163 
ILE O    O N N 164 
ILE CB   C N S 165 
ILE CG1  C N N 166 
ILE CG2  C N N 167 
ILE CD1  C N N 168 
ILE OXT  O N N 169 
ILE H    H N N 170 
ILE H2   H N N 171 
ILE HA   H N N 172 
ILE HB   H N N 173 
ILE HG12 H N N 174 
ILE HG13 H N N 175 
ILE HG21 H N N 176 
ILE HG22 H N N 177 
ILE HG23 H N N 178 
ILE HD11 H N N 179 
ILE HD12 H N N 180 
ILE HD13 H N N 181 
ILE HXT  H N N 182 
LEU N    N N N 183 
LEU CA   C N S 184 
LEU C    C N N 185 
LEU O    O N N 186 
LEU CB   C N N 187 
LEU CG   C N N 188 
LEU CD1  C N N 189 
LEU CD2  C N N 190 
LEU OXT  O N N 191 
LEU H    H N N 192 
LEU H2   H N N 193 
LEU HA   H N N 194 
LEU HB2  H N N 195 
LEU HB3  H N N 196 
LEU HG   H N N 197 
LEU HD11 H N N 198 
LEU HD12 H N N 199 
LEU HD13 H N N 200 
LEU HD21 H N N 201 
LEU HD22 H N N 202 
LEU HD23 H N N 203 
LEU HXT  H N N 204 
LYS N    N N N 205 
LYS CA   C N S 206 
LYS C    C N N 207 
LYS O    O N N 208 
LYS CB   C N N 209 
LYS CG   C N N 210 
LYS CD   C N N 211 
LYS CE   C N N 212 
LYS NZ   N N N 213 
LYS OXT  O N N 214 
LYS H    H N N 215 
LYS H2   H N N 216 
LYS HA   H N N 217 
LYS HB2  H N N 218 
LYS HB3  H N N 219 
LYS HG2  H N N 220 
LYS HG3  H N N 221 
LYS HD2  H N N 222 
LYS HD3  H N N 223 
LYS HE2  H N N 224 
LYS HE3  H N N 225 
LYS HZ1  H N N 226 
LYS HZ2  H N N 227 
LYS HZ3  H N N 228 
LYS HXT  H N N 229 
MET N    N N N 230 
MET CA   C N S 231 
MET C    C N N 232 
MET O    O N N 233 
MET CB   C N N 234 
MET CG   C N N 235 
MET SD   S N N 236 
MET CE   C N N 237 
MET OXT  O N N 238 
MET H    H N N 239 
MET H2   H N N 240 
MET HA   H N N 241 
MET HB2  H N N 242 
MET HB3  H N N 243 
MET HG2  H N N 244 
MET HG3  H N N 245 
MET HE1  H N N 246 
MET HE2  H N N 247 
MET HE3  H N N 248 
MET HXT  H N N 249 
PHE N    N N N 250 
PHE CA   C N S 251 
PHE C    C N N 252 
PHE O    O N N 253 
PHE CB   C N N 254 
PHE CG   C Y N 255 
PHE CD1  C Y N 256 
PHE CD2  C Y N 257 
PHE CE1  C Y N 258 
PHE CE2  C Y N 259 
PHE CZ   C Y N 260 
PHE OXT  O N N 261 
PHE H    H N N 262 
PHE H2   H N N 263 
PHE HA   H N N 264 
PHE HB2  H N N 265 
PHE HB3  H N N 266 
PHE HD1  H N N 267 
PHE HD2  H N N 268 
PHE HE1  H N N 269 
PHE HE2  H N N 270 
PHE HZ   H N N 271 
PHE HXT  H N N 272 
PO4 P    P N N 273 
PO4 O1   O N N 274 
PO4 O2   O N N 275 
PO4 O3   O N N 276 
PO4 O4   O N N 277 
PRO N    N N N 278 
PRO CA   C N S 279 
PRO C    C N N 280 
PRO O    O N N 281 
PRO CB   C N N 282 
PRO CG   C N N 283 
PRO CD   C N N 284 
PRO OXT  O N N 285 
PRO H    H N N 286 
PRO HA   H N N 287 
PRO HB2  H N N 288 
PRO HB3  H N N 289 
PRO HG2  H N N 290 
PRO HG3  H N N 291 
PRO HD2  H N N 292 
PRO HD3  H N N 293 
PRO HXT  H N N 294 
SER N    N N N 295 
SER CA   C N S 296 
SER C    C N N 297 
SER O    O N N 298 
SER CB   C N N 299 
SER OG   O N N 300 
SER OXT  O N N 301 
SER H    H N N 302 
SER H2   H N N 303 
SER HA   H N N 304 
SER HB2  H N N 305 
SER HB3  H N N 306 
SER HG   H N N 307 
SER HXT  H N N 308 
THR N    N N N 309 
THR CA   C N S 310 
THR C    C N N 311 
THR O    O N N 312 
THR CB   C N R 313 
THR OG1  O N N 314 
THR CG2  C N N 315 
THR OXT  O N N 316 
THR H    H N N 317 
THR H2   H N N 318 
THR HA   H N N 319 
THR HB   H N N 320 
THR HG1  H N N 321 
THR HG21 H N N 322 
THR HG22 H N N 323 
THR HG23 H N N 324 
THR HXT  H N N 325 
TYR N    N N N 326 
TYR CA   C N S 327 
TYR C    C N N 328 
TYR O    O N N 329 
TYR CB   C N N 330 
TYR CG   C Y N 331 
TYR CD1  C Y N 332 
TYR CD2  C Y N 333 
TYR CE1  C Y N 334 
TYR CE2  C Y N 335 
TYR CZ   C Y N 336 
TYR OH   O N N 337 
TYR OXT  O N N 338 
TYR H    H N N 339 
TYR H2   H N N 340 
TYR HA   H N N 341 
TYR HB2  H N N 342 
TYR HB3  H N N 343 
TYR HD1  H N N 344 
TYR HD2  H N N 345 
TYR HE1  H N N 346 
TYR HE2  H N N 347 
TYR HH   H N N 348 
TYR HXT  H N N 349 
VAL N    N N N 350 
VAL CA   C N S 351 
VAL C    C N N 352 
VAL O    O N N 353 
VAL CB   C N N 354 
VAL CG1  C N N 355 
VAL CG2  C N N 356 
VAL OXT  O N N 357 
VAL H    H N N 358 
VAL H2   H N N 359 
VAL HA   H N N 360 
VAL HB   H N N 361 
VAL HG11 H N N 362 
VAL HG12 H N N 363 
VAL HG13 H N N 364 
VAL HG21 H N N 365 
VAL HG22 H N N 366 
VAL HG23 H N N 367 
VAL HXT  H N N 368 
# 
loop_
_chem_comp_bond.comp_id 
_chem_comp_bond.atom_id_1 
_chem_comp_bond.atom_id_2 
_chem_comp_bond.value_order 
_chem_comp_bond.pdbx_aromatic_flag 
_chem_comp_bond.pdbx_stereo_config 
_chem_comp_bond.pdbx_ordinal 
ALA N   CA   sing N N 1   
ALA N   H    sing N N 2   
ALA N   H2   sing N N 3   
ALA CA  C    sing N N 4   
ALA CA  CB   sing N N 5   
ALA CA  HA   sing N N 6   
ALA C   O    doub N N 7   
ALA C   OXT  sing N N 8   
ALA CB  HB1  sing N N 9   
ALA CB  HB2  sing N N 10  
ALA CB  HB3  sing N N 11  
ALA OXT HXT  sing N N 12  
ARG N   CA   sing N N 13  
ARG N   H    sing N N 14  
ARG N   H2   sing N N 15  
ARG CA  C    sing N N 16  
ARG CA  CB   sing N N 17  
ARG CA  HA   sing N N 18  
ARG C   O    doub N N 19  
ARG C   OXT  sing N N 20  
ARG CB  CG   sing N N 21  
ARG CB  HB2  sing N N 22  
ARG CB  HB3  sing N N 23  
ARG CG  CD   sing N N 24  
ARG CG  HG2  sing N N 25  
ARG CG  HG3  sing N N 26  
ARG CD  NE   sing N N 27  
ARG CD  HD2  sing N N 28  
ARG CD  HD3  sing N N 29  
ARG NE  CZ   sing N N 30  
ARG NE  HE   sing N N 31  
ARG CZ  NH1  sing N N 32  
ARG CZ  NH2  doub N N 33  
ARG NH1 HH11 sing N N 34  
ARG NH1 HH12 sing N N 35  
ARG NH2 HH21 sing N N 36  
ARG NH2 HH22 sing N N 37  
ARG OXT HXT  sing N N 38  
ASN N   CA   sing N N 39  
ASN N   H    sing N N 40  
ASN N   H2   sing N N 41  
ASN CA  C    sing N N 42  
ASN CA  CB   sing N N 43  
ASN CA  HA   sing N N 44  
ASN C   O    doub N N 45  
ASN C   OXT  sing N N 46  
ASN CB  CG   sing N N 47  
ASN CB  HB2  sing N N 48  
ASN CB  HB3  sing N N 49  
ASN CG  OD1  doub N N 50  
ASN CG  ND2  sing N N 51  
ASN ND2 HD21 sing N N 52  
ASN ND2 HD22 sing N N 53  
ASN OXT HXT  sing N N 54  
ASP N   CA   sing N N 55  
ASP N   H    sing N N 56  
ASP N   H2   sing N N 57  
ASP CA  C    sing N N 58  
ASP CA  CB   sing N N 59  
ASP CA  HA   sing N N 60  
ASP C   O    doub N N 61  
ASP C   OXT  sing N N 62  
ASP CB  CG   sing N N 63  
ASP CB  HB2  sing N N 64  
ASP CB  HB3  sing N N 65  
ASP CG  OD1  doub N N 66  
ASP CG  OD2  sing N N 67  
ASP OD2 HD2  sing N N 68  
ASP OXT HXT  sing N N 69  
CYS N   CA   sing N N 70  
CYS N   H    sing N N 71  
CYS N   H2   sing N N 72  
CYS CA  C    sing N N 73  
CYS CA  CB   sing N N 74  
CYS CA  HA   sing N N 75  
CYS C   O    doub N N 76  
CYS C   OXT  sing N N 77  
CYS CB  SG   sing N N 78  
CYS CB  HB2  sing N N 79  
CYS CB  HB3  sing N N 80  
CYS SG  HG   sing N N 81  
CYS OXT HXT  sing N N 82  
GLN N   CA   sing N N 83  
GLN N   H    sing N N 84  
GLN N   H2   sing N N 85  
GLN CA  C    sing N N 86  
GLN CA  CB   sing N N 87  
GLN CA  HA   sing N N 88  
GLN C   O    doub N N 89  
GLN C   OXT  sing N N 90  
GLN CB  CG   sing N N 91  
GLN CB  HB2  sing N N 92  
GLN CB  HB3  sing N N 93  
GLN CG  CD   sing N N 94  
GLN CG  HG2  sing N N 95  
GLN CG  HG3  sing N N 96  
GLN CD  OE1  doub N N 97  
GLN CD  NE2  sing N N 98  
GLN NE2 HE21 sing N N 99  
GLN NE2 HE22 sing N N 100 
GLN OXT HXT  sing N N 101 
GLU N   CA   sing N N 102 
GLU N   H    sing N N 103 
GLU N   H2   sing N N 104 
GLU CA  C    sing N N 105 
GLU CA  CB   sing N N 106 
GLU CA  HA   sing N N 107 
GLU C   O    doub N N 108 
GLU C   OXT  sing N N 109 
GLU CB  CG   sing N N 110 
GLU CB  HB2  sing N N 111 
GLU CB  HB3  sing N N 112 
GLU CG  CD   sing N N 113 
GLU CG  HG2  sing N N 114 
GLU CG  HG3  sing N N 115 
GLU CD  OE1  doub N N 116 
GLU CD  OE2  sing N N 117 
GLU OE2 HE2  sing N N 118 
GLU OXT HXT  sing N N 119 
GLY N   CA   sing N N 120 
GLY N   H    sing N N 121 
GLY N   H2   sing N N 122 
GLY CA  C    sing N N 123 
GLY CA  HA2  sing N N 124 
GLY CA  HA3  sing N N 125 
GLY C   O    doub N N 126 
GLY C   OXT  sing N N 127 
GLY OXT HXT  sing N N 128 
HIS N   CA   sing N N 129 
HIS N   H    sing N N 130 
HIS N   H2   sing N N 131 
HIS CA  C    sing N N 132 
HIS CA  CB   sing N N 133 
HIS CA  HA   sing N N 134 
HIS C   O    doub N N 135 
HIS C   OXT  sing N N 136 
HIS CB  CG   sing N N 137 
HIS CB  HB2  sing N N 138 
HIS CB  HB3  sing N N 139 
HIS CG  ND1  sing Y N 140 
HIS CG  CD2  doub Y N 141 
HIS ND1 CE1  doub Y N 142 
HIS ND1 HD1  sing N N 143 
HIS CD2 NE2  sing Y N 144 
HIS CD2 HD2  sing N N 145 
HIS CE1 NE2  sing Y N 146 
HIS CE1 HE1  sing N N 147 
HIS NE2 HE2  sing N N 148 
HIS OXT HXT  sing N N 149 
HOH O   H1   sing N N 150 
HOH O   H2   sing N N 151 
ILE N   CA   sing N N 152 
ILE N   H    sing N N 153 
ILE N   H2   sing N N 154 
ILE CA  C    sing N N 155 
ILE CA  CB   sing N N 156 
ILE CA  HA   sing N N 157 
ILE C   O    doub N N 158 
ILE C   OXT  sing N N 159 
ILE CB  CG1  sing N N 160 
ILE CB  CG2  sing N N 161 
ILE CB  HB   sing N N 162 
ILE CG1 CD1  sing N N 163 
ILE CG1 HG12 sing N N 164 
ILE CG1 HG13 sing N N 165 
ILE CG2 HG21 sing N N 166 
ILE CG2 HG22 sing N N 167 
ILE CG2 HG23 sing N N 168 
ILE CD1 HD11 sing N N 169 
ILE CD1 HD12 sing N N 170 
ILE CD1 HD13 sing N N 171 
ILE OXT HXT  sing N N 172 
LEU N   CA   sing N N 173 
LEU N   H    sing N N 174 
LEU N   H2   sing N N 175 
LEU CA  C    sing N N 176 
LEU CA  CB   sing N N 177 
LEU CA  HA   sing N N 178 
LEU C   O    doub N N 179 
LEU C   OXT  sing N N 180 
LEU CB  CG   sing N N 181 
LEU CB  HB2  sing N N 182 
LEU CB  HB3  sing N N 183 
LEU CG  CD1  sing N N 184 
LEU CG  CD2  sing N N 185 
LEU CG  HG   sing N N 186 
LEU CD1 HD11 sing N N 187 
LEU CD1 HD12 sing N N 188 
LEU CD1 HD13 sing N N 189 
LEU CD2 HD21 sing N N 190 
LEU CD2 HD22 sing N N 191 
LEU CD2 HD23 sing N N 192 
LEU OXT HXT  sing N N 193 
LYS N   CA   sing N N 194 
LYS N   H    sing N N 195 
LYS N   H2   sing N N 196 
LYS CA  C    sing N N 197 
LYS CA  CB   sing N N 198 
LYS CA  HA   sing N N 199 
LYS C   O    doub N N 200 
LYS C   OXT  sing N N 201 
LYS CB  CG   sing N N 202 
LYS CB  HB2  sing N N 203 
LYS CB  HB3  sing N N 204 
LYS CG  CD   sing N N 205 
LYS CG  HG2  sing N N 206 
LYS CG  HG3  sing N N 207 
LYS CD  CE   sing N N 208 
LYS CD  HD2  sing N N 209 
LYS CD  HD3  sing N N 210 
LYS CE  NZ   sing N N 211 
LYS CE  HE2  sing N N 212 
LYS CE  HE3  sing N N 213 
LYS NZ  HZ1  sing N N 214 
LYS NZ  HZ2  sing N N 215 
LYS NZ  HZ3  sing N N 216 
LYS OXT HXT  sing N N 217 
MET N   CA   sing N N 218 
MET N   H    sing N N 219 
MET N   H2   sing N N 220 
MET CA  C    sing N N 221 
MET CA  CB   sing N N 222 
MET CA  HA   sing N N 223 
MET C   O    doub N N 224 
MET C   OXT  sing N N 225 
MET CB  CG   sing N N 226 
MET CB  HB2  sing N N 227 
MET CB  HB3  sing N N 228 
MET CG  SD   sing N N 229 
MET CG  HG2  sing N N 230 
MET CG  HG3  sing N N 231 
MET SD  CE   sing N N 232 
MET CE  HE1  sing N N 233 
MET CE  HE2  sing N N 234 
MET CE  HE3  sing N N 235 
MET OXT HXT  sing N N 236 
PHE N   CA   sing N N 237 
PHE N   H    sing N N 238 
PHE N   H2   sing N N 239 
PHE CA  C    sing N N 240 
PHE CA  CB   sing N N 241 
PHE CA  HA   sing N N 242 
PHE C   O    doub N N 243 
PHE C   OXT  sing N N 244 
PHE CB  CG   sing N N 245 
PHE CB  HB2  sing N N 246 
PHE CB  HB3  sing N N 247 
PHE CG  CD1  doub Y N 248 
PHE CG  CD2  sing Y N 249 
PHE CD1 CE1  sing Y N 250 
PHE CD1 HD1  sing N N 251 
PHE CD2 CE2  doub Y N 252 
PHE CD2 HD2  sing N N 253 
PHE CE1 CZ   doub Y N 254 
PHE CE1 HE1  sing N N 255 
PHE CE2 CZ   sing Y N 256 
PHE CE2 HE2  sing N N 257 
PHE CZ  HZ   sing N N 258 
PHE OXT HXT  sing N N 259 
PO4 P   O1   doub N N 260 
PO4 P   O2   sing N N 261 
PO4 P   O3   sing N N 262 
PO4 P   O4   sing N N 263 
PRO N   CA   sing N N 264 
PRO N   CD   sing N N 265 
PRO N   H    sing N N 266 
PRO CA  C    sing N N 267 
PRO CA  CB   sing N N 268 
PRO CA  HA   sing N N 269 
PRO C   O    doub N N 270 
PRO C   OXT  sing N N 271 
PRO CB  CG   sing N N 272 
PRO CB  HB2  sing N N 273 
PRO CB  HB3  sing N N 274 
PRO CG  CD   sing N N 275 
PRO CG  HG2  sing N N 276 
PRO CG  HG3  sing N N 277 
PRO CD  HD2  sing N N 278 
PRO CD  HD3  sing N N 279 
PRO OXT HXT  sing N N 280 
SER N   CA   sing N N 281 
SER N   H    sing N N 282 
SER N   H2   sing N N 283 
SER CA  C    sing N N 284 
SER CA  CB   sing N N 285 
SER CA  HA   sing N N 286 
SER C   O    doub N N 287 
SER C   OXT  sing N N 288 
SER CB  OG   sing N N 289 
SER CB  HB2  sing N N 290 
SER CB  HB3  sing N N 291 
SER OG  HG   sing N N 292 
SER OXT HXT  sing N N 293 
THR N   CA   sing N N 294 
THR N   H    sing N N 295 
THR N   H2   sing N N 296 
THR CA  C    sing N N 297 
THR CA  CB   sing N N 298 
THR CA  HA   sing N N 299 
THR C   O    doub N N 300 
THR C   OXT  sing N N 301 
THR CB  OG1  sing N N 302 
THR CB  CG2  sing N N 303 
THR CB  HB   sing N N 304 
THR OG1 HG1  sing N N 305 
THR CG2 HG21 sing N N 306 
THR CG2 HG22 sing N N 307 
THR CG2 HG23 sing N N 308 
THR OXT HXT  sing N N 309 
TYR N   CA   sing N N 310 
TYR N   H    sing N N 311 
TYR N   H2   sing N N 312 
TYR CA  C    sing N N 313 
TYR CA  CB   sing N N 314 
TYR CA  HA   sing N N 315 
TYR C   O    doub N N 316 
TYR C   OXT  sing N N 317 
TYR CB  CG   sing N N 318 
TYR CB  HB2  sing N N 319 
TYR CB  HB3  sing N N 320 
TYR CG  CD1  doub Y N 321 
TYR CG  CD2  sing Y N 322 
TYR CD1 CE1  sing Y N 323 
TYR CD1 HD1  sing N N 324 
TYR CD2 CE2  doub Y N 325 
TYR CD2 HD2  sing N N 326 
TYR CE1 CZ   doub Y N 327 
TYR CE1 HE1  sing N N 328 
TYR CE2 CZ   sing Y N 329 
TYR CE2 HE2  sing N N 330 
TYR CZ  OH   sing N N 331 
TYR OH  HH   sing N N 332 
TYR OXT HXT  sing N N 333 
VAL N   CA   sing N N 334 
VAL N   H    sing N N 335 
VAL N   H2   sing N N 336 
VAL CA  C    sing N N 337 
VAL CA  CB   sing N N 338 
VAL CA  HA   sing N N 339 
VAL C   O    doub N N 340 
VAL C   OXT  sing N N 341 
VAL CB  CG1  sing N N 342 
VAL CB  CG2  sing N N 343 
VAL CB  HB   sing N N 344 
VAL CG1 HG11 sing N N 345 
VAL CG1 HG12 sing N N 346 
VAL CG1 HG13 sing N N 347 
VAL CG2 HG21 sing N N 348 
VAL CG2 HG22 sing N N 349 
VAL CG2 HG23 sing N N 350 
VAL OXT HXT  sing N N 351 
# 
_pdbx_initial_refinement_model.id               1 
_pdbx_initial_refinement_model.entity_id_list   ? 
_pdbx_initial_refinement_model.type             'experimental model' 
_pdbx_initial_refinement_model.source_name      PDB 
_pdbx_initial_refinement_model.accession_code   7RSA 
_pdbx_initial_refinement_model.details          ? 
# 
_atom_sites.entry_id                    1RRA 
_atom_sites.fract_transf_matrix[1][1]   -0.01251427 
_atom_sites.fract_transf_matrix[1][2]   -0.00924412 
_atom_sites.fract_transf_matrix[1][3]   0.00607711 
_atom_sites.fract_transf_matrix[2][1]   0.00322477 
_atom_sites.fract_transf_matrix[2][2]   -0.01472005 
_atom_sites.fract_transf_matrix[2][3]   0.00720494 
_atom_sites.fract_transf_matrix[3][1]   0.00155228 
_atom_sites.fract_transf_matrix[3][2]   0.00745590 
_atom_sites.fract_transf_matrix[3][3]   0.01453801 
_atom_sites.fract_transf_vector[1]      0.561113 
_atom_sites.fract_transf_vector[2]      0.772151 
_atom_sites.fract_transf_vector[3]      0.085149 
# 
loop_
_atom_type.symbol 
C 
N 
O 
P 
S 
# 
loop_
_atom_site.group_PDB 
_atom_site.id 
_atom_site.type_symbol 
_atom_site.label_atom_id 
_atom_site.label_alt_id 
_atom_site.label_comp_id 
_atom_site.label_asym_id 
_atom_site.label_entity_id 
_atom_site.label_seq_id 
_atom_site.pdbx_PDB_ins_code 
_atom_site.Cartn_x 
_atom_site.Cartn_y 
_atom_site.Cartn_z 
_atom_site.occupancy 
_atom_site.B_iso_or_equiv 
_atom_site.pdbx_formal_charge 
_atom_site.auth_seq_id 
_atom_site.auth_comp_id 
_atom_site.auth_asym_id 
_atom_site.auth_atom_id 
_atom_site.pdbx_PDB_model_num 
ATOM   1    N N   . ALA A 1 1   ? 0.647   16.903  -11.939 1.00 27.63 ? 1   ALA A N   1 
ATOM   2    C CA  . ALA A 1 1   ? 0.583   15.940  -10.804 1.00 28.00 ? 1   ALA A CA  1 
ATOM   3    C C   . ALA A 1 1   ? 1.950   15.296  -10.620 1.00 29.20 ? 1   ALA A C   1 
ATOM   4    O O   . ALA A 1 1   ? 2.845   15.504  -11.436 1.00 30.45 ? 1   ALA A O   1 
ATOM   5    C CB  . ALA A 1 1   ? -0.474  14.879  -11.093 1.00 29.21 ? 1   ALA A CB  1 
ATOM   6    N N   . GLU A 1 2   ? 2.110   14.542  -9.536  1.00 28.00 ? 2   GLU A N   1 
ATOM   7    C CA  . GLU A 1 2   ? 3.361   13.841  -9.215  1.00 26.79 ? 2   GLU A CA  1 
ATOM   8    C C   . GLU A 1 2   ? 3.449   12.509  -9.944  1.00 27.34 ? 2   GLU A C   1 
ATOM   9    O O   . GLU A 1 2   ? 2.437   12.018  -10.449 1.00 31.80 ? 2   GLU A O   1 
ATOM   10   C CB  . GLU A 1 2   ? 3.426   13.595  -7.722  1.00 26.45 ? 2   GLU A CB  1 
ATOM   11   C CG  . GLU A 1 2   ? 2.161   13.003  -7.124  1.00 18.06 ? 2   GLU A CG  1 
ATOM   12   C CD  . GLU A 1 2   ? 2.362   12.522  -5.708  1.00 16.76 ? 2   GLU A CD  1 
ATOM   13   O OE1 . GLU A 1 2   ? 3.495   12.620  -5.178  1.00 17.63 ? 2   GLU A OE1 1 
ATOM   14   O OE2 . GLU A 1 2   ? 1.385   12.023  -5.126  1.00 19.75 ? 2   GLU A OE2 1 
ATOM   15   N N   . SER A 1 3   ? 4.637   11.901  -9.982  1.00 27.71 ? 3   SER A N   1 
ATOM   16   C CA  . SER A 1 3   ? 4.811   10.606  -10.656 1.00 26.45 ? 3   SER A CA  1 
ATOM   17   C C   . SER A 1 3   ? 3.815   9.610   -10.088 1.00 28.78 ? 3   SER A C   1 
ATOM   18   O O   . SER A 1 3   ? 3.508   9.646   -8.907  1.00 33.28 ? 3   SER A O   1 
ATOM   19   C CB  . SER A 1 3   ? 6.209   10.029  -10.435 1.00 23.60 ? 3   SER A CB  1 
ATOM   20   O OG  . SER A 1 3   ? 7.235   10.866  -10.916 1.00 30.37 ? 3   SER A OG  1 
ATOM   21   N N   . SER A 1 4   ? 3.390   8.669   -10.914 1.00 31.76 ? 4   SER A N   1 
ATOM   22   C CA  . SER A 1 4   ? 2.461   7.635   -10.486 1.00 30.72 ? 4   SER A CA  1 
ATOM   23   C C   . SER A 1 4   ? 3.229   6.641   -9.595  1.00 28.43 ? 4   SER A C   1 
ATOM   24   O O   . SER A 1 4   ? 2.633   5.830   -8.892  1.00 27.35 ? 4   SER A O   1 
ATOM   25   C CB  . SER A 1 4   ? 1.894   6.954   -11.721 1.00 30.64 ? 4   SER A CB  1 
ATOM   26   O OG  . SER A 1 4   ? 0.681   6.287   -11.455 1.00 42.58 ? 4   SER A OG  1 
ATOM   27   N N   . ALA A 1 5   ? 4.558   6.706   -9.662  1.00 27.95 ? 5   ALA A N   1 
ATOM   28   C CA  . ALA A 1 5   ? 5.453   5.854   -8.874  1.00 28.91 ? 5   ALA A CA  1 
ATOM   29   C C   . ALA A 1 5   ? 5.906   6.545   -7.583  1.00 25.64 ? 5   ALA A C   1 
ATOM   30   O O   . ALA A 1 5   ? 6.331   5.890   -6.640  1.00 24.64 ? 5   ALA A O   1 
ATOM   31   C CB  . ALA A 1 5   ? 6.678   5.461   -9.715  1.00 34.46 ? 5   ALA A CB  1 
ATOM   32   N N   . ASP A 1 6   ? 5.880   7.875   -7.579  1.00 26.67 ? 6   ASP A N   1 
ATOM   33   C CA  . ASP A 1 6   ? 6.220   8.640   -6.394  1.00 26.63 ? 6   ASP A CA  1 
ATOM   34   C C   . ASP A 1 6   ? 5.022   8.596   -5.427  1.00 21.00 ? 6   ASP A C   1 
ATOM   35   O O   . ASP A 1 6   ? 5.150   8.337   -4.238  1.00 23.82 ? 6   ASP A O   1 
ATOM   36   C CB  . ASP A 1 6   ? 6.579   10.067  -6.781  1.00 30.56 ? 6   ASP A CB  1 
ATOM   37   C CG  . ASP A 1 6   ? 8.047   10.214  -7.141  1.00 35.75 ? 6   ASP A CG  1 
ATOM   38   O OD1 . ASP A 1 6   ? 8.422   9.981   -8.311  1.00 40.56 ? 6   ASP A OD1 1 
ATOM   39   O OD2 . ASP A 1 6   ? 8.836   10.560  -6.232  1.00 41.16 ? 6   ASP A OD2 1 
ATOM   40   N N   . LYS A 1 7   ? 3.847   8.754   -5.987  1.00 20.21 ? 7   LYS A N   1 
ATOM   41   C CA  . LYS A 1 7   ? 2.593   8.705   -5.254  1.00 21.33 ? 7   LYS A CA  1 
ATOM   42   C C   . LYS A 1 7   ? 2.486   7.385   -4.476  1.00 19.44 ? 7   LYS A C   1 
ATOM   43   O O   . LYS A 1 7   ? 2.037   7.353   -3.339  1.00 15.89 ? 7   LYS A O   1 
ATOM   44   C CB  . LYS A 1 7   ? 1.489   8.790   -6.308  1.00 21.84 ? 7   LYS A CB  1 
ATOM   45   C CG  . LYS A 1 7   ? 0.090   8.848   -5.824  1.00 24.02 ? 7   LYS A CG  1 
ATOM   46   C CD  . LYS A 1 7   ? -0.827  8.954   -7.016  1.00 22.48 ? 7   LYS A CD  1 
ATOM   47   C CE  . LYS A 1 7   ? -2.246  8.633   -6.615  1.00 26.99 ? 7   LYS A CE  1 
ATOM   48   N NZ  . LYS A 1 7   ? -3.141  8.501   -7.780  1.00 35.68 ? 7   LYS A NZ  1 
ATOM   49   N N   . PHE A 1 8   ? 2.905   6.302   -5.129  1.00 21.67 ? 8   PHE A N   1 
ATOM   50   C CA  . PHE A 1 8   ? 2.895   4.931   -4.588  1.00 19.00 ? 8   PHE A CA  1 
ATOM   51   C C   . PHE A 1 8   ? 3.868   4.857   -3.435  1.00 18.67 ? 8   PHE A C   1 
ATOM   52   O O   . PHE A 1 8   ? 3.633   4.189   -2.436  1.00 22.73 ? 8   PHE A O   1 
ATOM   53   C CB  . PHE A 1 8   ? 3.300   3.959   -5.699  1.00 17.05 ? 8   PHE A CB  1 
ATOM   54   C CG  . PHE A 1 8   ? 3.495   2.546   -5.245  1.00 12.66 ? 8   PHE A CG  1 
ATOM   55   C CD1 . PHE A 1 8   ? 4.729   2.119   -4.738  1.00 7.99  ? 8   PHE A CD1 1 
ATOM   56   C CD2 . PHE A 1 8   ? 2.461   1.633   -5.332  1.00 11.51 ? 8   PHE A CD2 1 
ATOM   57   C CE1 . PHE A 1 8   ? 4.911   0.814   -4.323  1.00 4.70  ? 8   PHE A CE1 1 
ATOM   58   C CE2 . PHE A 1 8   ? 2.638   0.300   -4.914  1.00 8.86  ? 8   PHE A CE2 1 
ATOM   59   C CZ  . PHE A 1 8   ? 3.858   -0.099  -4.411  1.00 4.26  ? 8   PHE A CZ  1 
ATOM   60   N N   . LYS A 1 9   ? 5.001   5.502   -3.619  1.00 19.33 ? 9   LYS A N   1 
ATOM   61   C CA  . LYS A 1 9   ? 5.976   5.539   -2.580  1.00 19.99 ? 9   LYS A CA  1 
ATOM   62   C C   . LYS A 1 9   ? 5.409   6.326   -1.392  1.00 23.54 ? 9   LYS A C   1 
ATOM   63   O O   . LYS A 1 9   ? 5.600   5.924   -0.244  1.00 33.03 ? 9   LYS A O   1 
ATOM   64   C CB  . LYS A 1 9   ? 7.283   6.080   -3.133  1.00 11.01 ? 9   LYS A CB  1 
ATOM   65   C CG  . LYS A 1 9   ? 8.029   4.952   -3.793  1.00 8.99  ? 9   LYS A CG  1 
ATOM   66   C CD  . LYS A 1 9   ? 8.910   5.404   -4.877  1.00 18.12 ? 9   LYS A CD  1 
ATOM   67   C CE  . LYS A 1 9   ? 9.995   6.288   -4.344  1.00 22.73 ? 9   LYS A CE  1 
ATOM   68   N NZ  . LYS A 1 9   ? 10.934  6.715   -5.421  1.00 32.67 ? 9   LYS A NZ  1 
ATOM   69   N N   . ARG A 1 10  ? 4.616   7.366   -1.669  1.00 22.26 ? 10  ARG A N   1 
ATOM   70   C CA  . ARG A 1 10  ? 4.005   8.205   -0.617  1.00 19.09 ? 10  ARG A CA  1 
ATOM   71   C C   . ARG A 1 10  ? 2.931   7.459   0.159   1.00 17.70 ? 10  ARG A C   1 
ATOM   72   O O   . ARG A 1 10  ? 2.921   7.384   1.386   1.00 17.54 ? 10  ARG A O   1 
ATOM   73   C CB  . ARG A 1 10  ? 3.387   9.457   -1.227  1.00 14.42 ? 10  ARG A CB  1 
ATOM   74   C CG  . ARG A 1 10  ? 2.789   10.393  -0.213  1.00 15.61 ? 10  ARG A CG  1 
ATOM   75   C CD  . ARG A 1 10  ? 2.406   11.712  -0.828  1.00 23.49 ? 10  ARG A CD  1 
ATOM   76   N NE  . ARG A 1 10  ? 1.371   11.581  -1.864  1.00 28.04 ? 10  ARG A NE  1 
ATOM   77   C CZ  . ARG A 1 10  ? 0.073   11.374  -1.625  1.00 30.04 ? 10  ARG A CZ  1 
ATOM   78   N NH1 . ARG A 1 10  ? -0.386  11.262  -0.374  1.00 23.26 ? 10  ARG A NH1 1 
ATOM   79   N NH2 . ARG A 1 10  ? -0.779  11.318  -2.645  1.00 23.13 ? 10  ARG A NH2 1 
ATOM   80   N N   . GLN A 1 11  ? 2.065   6.837   -0.607  1.00 19.59 ? 11  GLN A N   1 
ATOM   81   C CA  . GLN A 1 11  ? 0.953   6.105   -0.086  1.00 16.10 ? 11  GLN A CA  1 
ATOM   82   C C   . GLN A 1 11  ? 1.187   4.699   0.463   1.00 19.22 ? 11  GLN A C   1 
ATOM   83   O O   . GLN A 1 11  ? 0.555   4.334   1.461   1.00 19.84 ? 11  GLN A O   1 
ATOM   84   C CB  . GLN A 1 11  ? -0.122  6.078   -1.153  1.00 11.69 ? 11  GLN A CB  1 
ATOM   85   C CG  . GLN A 1 11  ? -0.747  7.424   -1.462  1.00 11.84 ? 11  GLN A CG  1 
ATOM   86   C CD  . GLN A 1 11  ? -1.886  7.318   -2.467  1.00 20.77 ? 11  GLN A CD  1 
ATOM   87   O OE1 . GLN A 1 11  ? -2.335  6.218   -2.792  1.00 23.93 ? 11  GLN A OE1 1 
ATOM   88   N NE2 . GLN A 1 11  ? -2.355  8.453   -2.962  1.00 14.06 ? 11  GLN A NE2 1 
ATOM   89   N N   . HIS A 1 12  ? 2.060   3.908   -0.172  1.00 19.60 ? 12  HIS A N   1 
ATOM   90   C CA  . HIS A 1 12  ? 2.255   2.512   0.253   1.00 19.42 ? 12  HIS A CA  1 
ATOM   91   C C   . HIS A 1 12  ? 3.587   1.982   0.785   1.00 21.44 ? 12  HIS A C   1 
ATOM   92   O O   . HIS A 1 12  ? 3.686   0.779   1.050   1.00 24.85 ? 12  HIS A O   1 
ATOM   93   C CB  . HIS A 1 12  ? 1.771   1.558   -0.839  1.00 14.06 ? 12  HIS A CB  1 
ATOM   94   C CG  . HIS A 1 12  ? 0.402   1.869   -1.347  1.00 13.49 ? 12  HIS A CG  1 
ATOM   95   N ND1 . HIS A 1 12  ? -0.739  1.356   -0.767  1.00 14.51 ? 12  HIS A ND1 1 
ATOM   96   C CD2 . HIS A 1 12  ? -0.016  2.710   -2.319  1.00 8.70  ? 12  HIS A CD2 1 
ATOM   97   C CE1 . HIS A 1 12  ? -1.808  1.876   -1.354  1.00 7.25  ? 12  HIS A CE1 1 
ATOM   98   N NE2 . HIS A 1 12  ? -1.394  2.706   -2.300  1.00 13.73 ? 12  HIS A NE2 1 
ATOM   99   N N   . MET A 1 13  ? 4.606   2.818   0.947   1.00 21.14 ? 13  MET A N   1 
ATOM   100  C CA  . MET A 1 13  ? 5.887   2.326   1.470   1.00 25.81 ? 13  MET A CA  1 
ATOM   101  C C   . MET A 1 13  ? 6.215   2.870   2.868   1.00 28.03 ? 13  MET A C   1 
ATOM   102  O O   . MET A 1 13  ? 6.035   4.058   3.131   1.00 30.03 ? 13  MET A O   1 
ATOM   103  C CB  . MET A 1 13  ? 7.063   2.725   0.543   1.00 24.36 ? 13  MET A CB  1 
ATOM   104  C CG  . MET A 1 13  ? 7.203   2.014   -0.810  1.00 23.06 ? 13  MET A CG  1 
ATOM   105  S SD  . MET A 1 13  ? 7.556   0.228   -0.795  1.00 26.10 ? 13  MET A SD  1 
ATOM   106  C CE  . MET A 1 13  ? 8.546   0.021   0.647   1.00 18.17 ? 13  MET A CE  1 
ATOM   107  N N   . ASP A 1 14  ? 6.750   2.004   3.733   1.00 29.50 ? 14  ASP A N   1 
ATOM   108  C CA  . ASP A 1 14  ? 7.209   2.351   5.093   1.00 25.14 ? 14  ASP A CA  1 
ATOM   109  C C   . ASP A 1 14  ? 8.220   1.284   5.493   1.00 20.16 ? 14  ASP A C   1 
ATOM   110  O O   . ASP A 1 14  ? 7.928   0.415   6.300   1.00 18.18 ? 14  ASP A O   1 
ATOM   111  C CB  . ASP A 1 14  ? 6.049   2.408   6.089   1.00 31.24 ? 14  ASP A CB  1 
ATOM   112  C CG  . ASP A 1 14  ? 6.447   3.051   7.413   1.00 35.50 ? 14  ASP A CG  1 
ATOM   113  O OD1 . ASP A 1 14  ? 7.106   4.119   7.414   1.00 38.15 ? 14  ASP A OD1 1 
ATOM   114  O OD2 . ASP A 1 14  ? 6.105   2.486   8.459   1.00 44.16 ? 14  ASP A OD2 1 
ATOM   115  N N   . THR A 1 15  ? 9.405   1.358   4.900   1.00 21.62 ? 15  THR A N   1 
ATOM   116  C CA  . THR A 1 15  ? 10.456  0.367   5.113   1.00 22.23 ? 15  THR A CA  1 
ATOM   117  C C   . THR A 1 15  ? 10.866  0.066   6.538   1.00 27.19 ? 15  THR A C   1 
ATOM   118  O O   . THR A 1 15  ? 10.995  -1.093  6.914   1.00 34.10 ? 15  THR A O   1 
ATOM   119  C CB  . THR A 1 15  ? 11.716  0.706   4.314   1.00 16.20 ? 15  THR A CB  1 
ATOM   120  O OG1 . THR A 1 15  ? 11.374  0.934   2.954   1.00 14.40 ? 15  THR A OG1 1 
ATOM   121  C CG2 . THR A 1 15  ? 12.673  -0.409  4.345   1.00 2.00  ? 15  THR A CG2 1 
ATOM   122  N N   . GLU A 1 16  ? 11.126  1.087   7.333   1.00 29.73 ? 16  GLU A N   1 
ATOM   123  C CA  . GLU A 1 16  ? 11.541  0.810   8.695   1.00 34.78 ? 16  GLU A CA  1 
ATOM   124  C C   . GLU A 1 16  ? 10.487  1.161   9.734   1.00 37.93 ? 16  GLU A C   1 
ATOM   125  O O   . GLU A 1 16  ? 10.764  1.810   10.745  1.00 38.29 ? 16  GLU A O   1 
ATOM   126  C CB  . GLU A 1 16  ? 12.887  1.462   9.006   1.00 37.70 ? 16  GLU A CB  1 
ATOM   127  C CG  . GLU A 1 16  ? 13.108  2.827   8.392   1.00 40.11 ? 16  GLU A CG  1 
ATOM   128  C CD  . GLU A 1 16  ? 14.293  2.857   7.452   1.00 40.42 ? 16  GLU A CD  1 
ATOM   129  O OE1 . GLU A 1 16  ? 15.250  2.088   7.701   1.00 37.82 ? 16  GLU A OE1 1 
ATOM   130  O OE2 . GLU A 1 16  ? 14.259  3.631   6.470   1.00 44.05 ? 16  GLU A OE2 1 
ATOM   131  N N   . GLY A 1 17  ? 9.259   0.765   9.445   1.00 40.13 ? 17  GLY A N   1 
ATOM   132  C CA  . GLY A 1 17  ? 8.190   1.011   10.368  1.00 39.89 ? 17  GLY A CA  1 
ATOM   133  C C   . GLY A 1 17  ? 8.201   -0.208  11.241  1.00 43.91 ? 17  GLY A C   1 
ATOM   134  O O   . GLY A 1 17  ? 8.756   -1.239  10.863  1.00 43.79 ? 17  GLY A O   1 
ATOM   135  N N   . PRO A 1 18  ? 7.576   -0.146  12.418  1.00 46.99 ? 18  PRO A N   1 
ATOM   136  C CA  . PRO A 1 18  ? 7.595   -1.336  13.258  1.00 47.96 ? 18  PRO A CA  1 
ATOM   137  C C   . PRO A 1 18  ? 6.728   -2.493  12.759  1.00 49.24 ? 18  PRO A C   1 
ATOM   138  O O   . PRO A 1 18  ? 5.695   -2.294  12.118  1.00 49.23 ? 18  PRO A O   1 
ATOM   139  C CB  . PRO A 1 18  ? 7.166   -0.800  14.629  1.00 47.90 ? 18  PRO A CB  1 
ATOM   140  C CG  . PRO A 1 18  ? 6.310   0.402   14.299  1.00 48.09 ? 18  PRO A CG  1 
ATOM   141  C CD  . PRO A 1 18  ? 6.977   1.019   13.098  1.00 46.81 ? 18  PRO A CD  1 
ATOM   142  N N   . SER A 1 19  ? 7.210   -3.705  13.000  1.00 51.94 ? 19  SER A N   1 
ATOM   143  C CA  . SER A 1 19  ? 6.483   -4.919  12.639  1.00 53.77 ? 19  SER A CA  1 
ATOM   144  C C   . SER A 1 19  ? 5.450   -5.048  13.770  1.00 54.84 ? 19  SER A C   1 
ATOM   145  O O   . SER A 1 19  ? 4.533   -5.860  13.724  1.00 55.05 ? 19  SER A O   1 
ATOM   146  C CB  . SER A 1 19  ? 7.438   -6.111  12.646  1.00 53.52 ? 19  SER A CB  1 
ATOM   147  O OG  . SER A 1 19  ? 7.007   -7.133  11.764  1.00 54.41 ? 19  SER A OG  1 
ATOM   148  N N   . LYS A 1 20  ? 5.664   -4.253  14.810  1.00 55.10 ? 20  LYS A N   1 
ATOM   149  C CA  . LYS A 1 20  ? 4.778   -4.190  15.958  1.00 52.50 ? 20  LYS A CA  1 
ATOM   150  C C   . LYS A 1 20  ? 4.122   -2.794  15.888  1.00 49.17 ? 20  LYS A C   1 
ATOM   151  O O   . LYS A 1 20  ? 4.635   -1.800  16.414  1.00 47.39 ? 20  LYS A O   1 
ATOM   152  C CB  . LYS A 1 20  ? 5.602   -4.421  17.259  1.00 55.11 ? 20  LYS A CB  1 
ATOM   153  C CG  . LYS A 1 20  ? 6.160   -3.195  18.108  1.00 57.72 ? 20  LYS A CG  1 
ATOM   154  C CD  . LYS A 1 20  ? 7.515   -2.592  17.528  1.00 59.73 ? 20  LYS A CD  1 
ATOM   155  C CE  . LYS A 1 20  ? 8.227   -3.503  16.568  1.00 62.36 ? 20  LYS A CE  1 
ATOM   156  N NZ  . LYS A 1 20  ? 8.838   -4.714  17.229  1.00 63.26 ? 20  LYS A NZ  1 
ATOM   157  N N   . SER A 1 21  ? 3.086   -2.684  15.070  1.00 45.75 ? 21  SER A N   1 
ATOM   158  C CA  . SER A 1 21  ? 2.415   -1.390  14.948  1.00 46.46 ? 21  SER A CA  1 
ATOM   159  C C   . SER A 1 21  ? 1.453   -1.198  16.125  1.00 46.24 ? 21  SER A C   1 
ATOM   160  O O   . SER A 1 21  ? 0.742   -2.126  16.536  1.00 47.41 ? 21  SER A O   1 
ATOM   161  C CB  . SER A 1 21  ? 1.734   -1.237  13.578  1.00 44.96 ? 21  SER A CB  1 
ATOM   162  O OG  . SER A 1 21  ? 2.691   -1.152  12.523  1.00 39.88 ? 21  SER A OG  1 
ATOM   163  N N   . SER A 1 22  ? 1.561   -0.038  16.777  1.00 42.91 ? 22  SER A N   1 
ATOM   164  C CA  . SER A 1 22  ? 0.686   0.283   17.890  1.00 38.70 ? 22  SER A CA  1 
ATOM   165  C C   . SER A 1 22  ? -0.664  0.582   17.279  1.00 37.49 ? 22  SER A C   1 
ATOM   166  O O   . SER A 1 22  ? -0.748  1.024   16.135  1.00 40.77 ? 22  SER A O   1 
ATOM   167  C CB  . SER A 1 22  ? 1.212   1.495   18.652  1.00 37.33 ? 22  SER A CB  1 
ATOM   168  O OG  . SER A 1 22  ? 1.631   2.515   17.760  1.00 31.67 ? 22  SER A OG  1 
ATOM   169  N N   . PRO A 1 23  ? -1.741  0.426   18.049  1.00 35.42 ? 23  PRO A N   1 
ATOM   170  C CA  . PRO A 1 23  ? -3.080  0.689   17.516  1.00 33.81 ? 23  PRO A CA  1 
ATOM   171  C C   . PRO A 1 23  ? -3.363  2.123   17.010  1.00 30.94 ? 23  PRO A C   1 
ATOM   172  O O   . PRO A 1 23  ? -4.426  2.392   16.425  1.00 27.74 ? 23  PRO A O   1 
ATOM   173  C CB  . PRO A 1 23  ? -3.996  0.236   18.661  1.00 38.89 ? 23  PRO A CB  1 
ATOM   174  C CG  . PRO A 1 23  ? -3.135  0.426   19.913  1.00 36.73 ? 23  PRO A CG  1 
ATOM   175  C CD  . PRO A 1 23  ? -1.781  -0.050  19.449  1.00 35.28 ? 23  PRO A CD  1 
ATOM   176  N N   . THR A 1 24  ? -2.394  3.008   17.168  1.00 28.20 ? 24  THR A N   1 
ATOM   177  C CA  . THR A 1 24  ? -2.496  4.407   16.728  1.00 29.12 ? 24  THR A CA  1 
ATOM   178  C C   . THR A 1 24  ? -1.586  4.713   15.518  1.00 30.68 ? 24  THR A C   1 
ATOM   179  O O   . THR A 1 24  ? -1.449  5.877   15.124  1.00 34.11 ? 24  THR A O   1 
ATOM   180  C CB  . THR A 1 24  ? -2.139  5.374   17.891  1.00 30.03 ? 24  THR A CB  1 
ATOM   181  O OG1 . THR A 1 24  ? -1.929  4.628   19.099  1.00 29.44 ? 24  THR A OG1 1 
ATOM   182  C CG2 . THR A 1 24  ? -3.282  6.360   18.129  1.00 36.00 ? 24  THR A CG2 1 
ATOM   183  N N   . TYR A 1 25  ? -0.980  3.680   14.927  1.00 29.36 ? 25  TYR A N   1 
ATOM   184  C CA  . TYR A 1 25  ? -0.114  3.865   13.766  1.00 29.23 ? 25  TYR A CA  1 
ATOM   185  C C   . TYR A 1 25  ? -0.938  4.454   12.618  1.00 29.53 ? 25  TYR A C   1 
ATOM   186  O O   . TYR A 1 25  ? -0.634  5.539   12.115  1.00 28.90 ? 25  TYR A O   1 
ATOM   187  C CB  . TYR A 1 25  ? 0.529   2.521   13.366  1.00 29.99 ? 25  TYR A CB  1 
ATOM   188  C CG  . TYR A 1 25  ? 1.328   2.493   12.051  1.00 26.54 ? 25  TYR A CG  1 
ATOM   189  C CD1 . TYR A 1 25  ? 0.717   2.174   10.829  1.00 24.12 ? 25  TYR A CD1 1 
ATOM   190  C CD2 . TYR A 1 25  ? 2.701   2.709   12.038  1.00 27.54 ? 25  TYR A CD2 1 
ATOM   191  C CE1 . TYR A 1 25  ? 1.454   2.070   9.647   1.00 17.46 ? 25  TYR A CE1 1 
ATOM   192  C CE2 . TYR A 1 25  ? 3.446   2.597   10.848  1.00 25.48 ? 25  TYR A CE2 1 
ATOM   193  C CZ  . TYR A 1 25  ? 2.815   2.275   9.656   1.00 19.25 ? 25  TYR A CZ  1 
ATOM   194  O OH  . TYR A 1 25  ? 3.555   2.119   8.512   1.00 8.75  ? 25  TYR A OH  1 
ATOM   195  N N   . CYS A 1 26  ? -2.022  3.774   12.255  1.00 28.97 ? 26  CYS A N   1 
ATOM   196  C CA  . CYS A 1 26  ? -2.853  4.228   11.147  1.00 29.46 ? 26  CYS A CA  1 
ATOM   197  C C   . CYS A 1 26  ? -3.362  5.653   11.249  1.00 33.03 ? 26  CYS A C   1 
ATOM   198  O O   . CYS A 1 26  ? -3.151  6.438   10.329  1.00 33.84 ? 26  CYS A O   1 
ATOM   199  C CB  . CYS A 1 26  ? -4.027  3.289   10.925  1.00 31.77 ? 26  CYS A CB  1 
ATOM   200  S SG  . CYS A 1 26  ? -3.525  1.624   10.402  1.00 29.12 ? 26  CYS A SG  1 
ATOM   201  N N   . ASN A 1 27  ? -4.049  5.984   12.343  1.00 29.38 ? 27  ASN A N   1 
ATOM   202  C CA  . ASN A 1 27  ? -4.572  7.338   12.524  1.00 28.56 ? 27  ASN A CA  1 
ATOM   203  C C   . ASN A 1 27  ? -3.445  8.357   12.331  1.00 31.49 ? 27  ASN A C   1 
ATOM   204  O O   . ASN A 1 27  ? -3.650  9.439   11.783  1.00 36.29 ? 27  ASN A O   1 
ATOM   205  C CB  . ASN A 1 27  ? -5.145  7.526   13.931  1.00 26.10 ? 27  ASN A CB  1 
ATOM   206  C CG  . ASN A 1 27  ? -6.419  6.737   14.170  1.00 23.26 ? 27  ASN A CG  1 
ATOM   207  O OD1 . ASN A 1 27  ? -7.500  7.216   13.912  1.00 25.73 ? 27  ASN A OD1 1 
ATOM   208  N ND2 . ASN A 1 27  ? -6.292  5.541   14.709  1.00 31.90 ? 27  ASN A ND2 1 
ATOM   209  N N   . GLN A 1 28  ? -2.242  7.972   12.743  1.00 30.98 ? 28  GLN A N   1 
ATOM   210  C CA  . GLN A 1 28  ? -1.063  8.826   12.679  1.00 32.01 ? 28  GLN A CA  1 
ATOM   211  C C   . GLN A 1 28  ? -0.434  8.958   11.292  1.00 31.36 ? 28  GLN A C   1 
ATOM   212  O O   . GLN A 1 28  ? -0.114  10.062  10.832  1.00 28.76 ? 28  GLN A O   1 
ATOM   213  C CB  . GLN A 1 28  ? -0.038  8.285   13.666  1.00 31.46 ? 28  GLN A CB  1 
ATOM   214  C CG  . GLN A 1 28  ? 0.941   9.301   14.173  1.00 35.92 ? 28  GLN A CG  1 
ATOM   215  C CD  . GLN A 1 28  ? 1.975   8.685   15.083  1.00 38.15 ? 28  GLN A CD  1 
ATOM   216  O OE1 . GLN A 1 28  ? 3.175   8.894   14.907  1.00 38.56 ? 28  GLN A OE1 1 
ATOM   217  N NE2 . GLN A 1 28  ? 1.525   7.886   16.051  1.00 37.84 ? 28  GLN A NE2 1 
ATOM   218  N N   . MET A 1 29  ? -0.259  7.813   10.639  1.00 31.36 ? 29  MET A N   1 
ATOM   219  C CA  . MET A 1 29  ? 0.350   7.744   9.317   1.00 27.75 ? 29  MET A CA  1 
ATOM   220  C C   . MET A 1 29  ? -0.566  8.147   8.154   1.00 26.26 ? 29  MET A C   1 
ATOM   221  O O   . MET A 1 29  ? -0.105  8.748   7.174   1.00 25.59 ? 29  MET A O   1 
ATOM   222  C CB  . MET A 1 29  ? 0.928   6.354   9.094   1.00 29.17 ? 29  MET A CB  1 
ATOM   223  C CG  . MET A 1 29  ? 2.280   6.112   9.764   1.00 34.14 ? 29  MET A CG  1 
ATOM   224  S SD  . MET A 1 29  ? 3.680   6.852   8.836   1.00 42.07 ? 29  MET A SD  1 
ATOM   225  C CE  . MET A 1 29  ? 3.949   5.656   7.544   1.00 35.70 ? 29  MET A CE  1 
ATOM   226  N N   . MET A 1 30  ? -1.861  7.844   8.261   1.00 26.32 ? 30  MET A N   1 
ATOM   227  C CA  . MET A 1 30  ? -2.794  8.192   7.193   1.00 22.01 ? 30  MET A CA  1 
ATOM   228  C C   . MET A 1 30  ? -2.861  9.685   7.039   1.00 21.38 ? 30  MET A C   1 
ATOM   229  O O   . MET A 1 30  ? -2.938  10.184  5.922   1.00 25.42 ? 30  MET A O   1 
ATOM   230  C CB  . MET A 1 30  ? -4.181  7.621   7.444   1.00 19.39 ? 30  MET A CB  1 
ATOM   231  C CG  . MET A 1 30  ? -4.287  6.142   7.159   1.00 18.92 ? 30  MET A CG  1 
ATOM   232  S SD  . MET A 1 30  ? -4.202  5.770   5.385   1.00 28.07 ? 30  MET A SD  1 
ATOM   233  C CE  . MET A 1 30  ? -5.888  5.606   4.897   1.00 17.38 ? 30  MET A CE  1 
ATOM   234  N N   . LYS A 1 31  ? -2.782  10.393  8.167   1.00 19.75 ? 31  LYS A N   1 
ATOM   235  C CA  . LYS A 1 31  ? -2.819  11.865  8.198   1.00 20.24 ? 31  LYS A CA  1 
ATOM   236  C C   . LYS A 1 31  ? -1.504  12.519  7.727   1.00 18.07 ? 31  LYS A C   1 
ATOM   237  O O   . LYS A 1 31  ? -1.501  13.460  6.921   1.00 16.29 ? 31  LYS A O   1 
ATOM   238  C CB  . LYS A 1 31  ? -3.154  12.347  9.606   1.00 19.58 ? 31  LYS A CB  1 
ATOM   239  C CG  . LYS A 1 31  ? -3.200  13.843  9.752   1.00 14.90 ? 31  LYS A CG  1 
ATOM   240  C CD  . LYS A 1 31  ? -3.725  14.263  11.106  1.00 23.82 ? 31  LYS A CD  1 
ATOM   241  C CE  . LYS A 1 31  ? -5.198  13.949  11.292  1.00 27.69 ? 31  LYS A CE  1 
ATOM   242  N NZ  . LYS A 1 31  ? -5.719  14.638  12.512  1.00 37.57 ? 31  LYS A NZ  1 
ATOM   243  N N   . ARG A 1 32  ? -0.396  11.980  8.216   1.00 18.49 ? 32  ARG A N   1 
ATOM   244  C CA  . ARG A 1 32  ? 0.920   12.482  7.869   1.00 19.70 ? 32  ARG A CA  1 
ATOM   245  C C   . ARG A 1 32  ? 1.208   12.290  6.393   1.00 19.54 ? 32  ARG A C   1 
ATOM   246  O O   . ARG A 1 32  ? 1.820   13.155  5.768   1.00 16.05 ? 32  ARG A O   1 
ATOM   247  C CB  . ARG A 1 32  ? 1.977   11.782  8.697   1.00 17.22 ? 32  ARG A CB  1 
ATOM   248  C CG  . ARG A 1 32  ? 3.324   12.437  8.659   1.00 12.86 ? 32  ARG A CG  1 
ATOM   249  C CD  . ARG A 1 32  ? 4.389   11.517  9.189   1.00 23.93 ? 32  ARG A CD  1 
ATOM   250  N NE  . ARG A 1 32  ? 4.282   11.238  10.624  1.00 36.76 ? 32  ARG A NE  1 
ATOM   251  C CZ  . ARG A 1 32  ? 3.571   10.247  11.171  1.00 42.54 ? 32  ARG A CZ  1 
ATOM   252  N NH1 . ARG A 1 32  ? 2.865   9.416   10.418  1.00 46.37 ? 32  ARG A NH1 1 
ATOM   253  N NH2 . ARG A 1 32  ? 3.617   10.040  12.483  1.00 45.55 ? 32  ARG A NH2 1 
ATOM   254  N N   . GLN A 1 33  ? 0.742   11.172  5.836   1.00 22.85 ? 33  GLN A N   1 
ATOM   255  C CA  . GLN A 1 33  ? 0.966   10.869  4.421   1.00 25.45 ? 33  GLN A CA  1 
ATOM   256  C C   . GLN A 1 33  ? -0.002  11.536  3.428   1.00 24.91 ? 33  GLN A C   1 
ATOM   257  O O   . GLN A 1 33  ? 0.111   11.331  2.212   1.00 26.30 ? 33  GLN A O   1 
ATOM   258  C CB  . GLN A 1 33  ? 1.030   9.353   4.185   1.00 29.81 ? 33  GLN A CB  1 
ATOM   259  C CG  . GLN A 1 33  ? 2.290   8.701   4.747   1.00 34.39 ? 33  GLN A CG  1 
ATOM   260  C CD  . GLN A 1 33  ? 3.572   9.438   4.350   1.00 39.07 ? 33  GLN A CD  1 
ATOM   261  O OE1 . GLN A 1 33  ? 4.158   10.162  5.150   1.00 39.64 ? 33  GLN A OE1 1 
ATOM   262  N NE2 . GLN A 1 33  ? 4.016   9.241   3.121   1.00 45.13 ? 33  GLN A NE2 1 
ATOM   263  N N   . GLY A 1 34  ? -0.939  12.337  3.940   1.00 22.44 ? 34  GLY A N   1 
ATOM   264  C CA  . GLY A 1 34  ? -1.893  13.030  3.084   1.00 19.66 ? 34  GLY A CA  1 
ATOM   265  C C   . GLY A 1 34  ? -3.186  12.319  2.682   1.00 20.77 ? 34  GLY A C   1 
ATOM   266  O O   . GLY A 1 34  ? -4.043  12.919  2.015   1.00 18.82 ? 34  GLY A O   1 
ATOM   267  N N   . MET A 1 35  ? -3.392  11.080  3.116   1.00 20.02 ? 35  MET A N   1 
ATOM   268  C CA  . MET A 1 35  ? -4.605  10.351  2.741   1.00 17.54 ? 35  MET A CA  1 
ATOM   269  C C   . MET A 1 35  ? -5.794  10.750  3.590   1.00 19.92 ? 35  MET A C   1 
ATOM   270  O O   . MET A 1 35  ? -6.774  10.008  3.678   1.00 22.56 ? 35  MET A O   1 
ATOM   271  C CB  . MET A 1 35  ? -4.387  8.845   2.859   1.00 15.42 ? 35  MET A CB  1 
ATOM   272  C CG  . MET A 1 35  ? -3.928  8.150   1.582   1.00 11.17 ? 35  MET A CG  1 
ATOM   273  S SD  . MET A 1 35  ? -2.235  7.579   1.688   1.00 16.24 ? 35  MET A SD  1 
ATOM   274  C CE  . MET A 1 35  ? -2.328  6.138   2.538   1.00 5.48  ? 35  MET A CE  1 
ATOM   275  N N   . THR A 1 36  ? -5.734  11.940  4.172   1.00 20.74 ? 36  THR A N   1 
ATOM   276  C CA  . THR A 1 36  ? -6.788  12.423  5.052   1.00 18.32 ? 36  THR A CA  1 
ATOM   277  C C   . THR A 1 36  ? -7.392  13.716  4.526   1.00 21.90 ? 36  THR A C   1 
ATOM   278  O O   . THR A 1 36  ? -8.437  14.144  5.035   1.00 21.90 ? 36  THR A O   1 
ATOM   279  C CB  . THR A 1 36  ? -6.181  12.612  6.498   1.00 22.02 ? 36  THR A CB  1 
ATOM   280  O OG1 . THR A 1 36  ? -6.683  11.590  7.370   1.00 25.04 ? 36  THR A OG1 1 
ATOM   281  C CG2 . THR A 1 36  ? -6.433  14.004  7.082   1.00 18.98 ? 36  THR A CG2 1 
ATOM   282  N N   . LYS A 1 37  ? -6.732  14.323  3.519   1.00 23.81 ? 37  LYS A N   1 
ATOM   283  C CA  . LYS A 1 37  ? -7.162  15.589  2.893   1.00 25.59 ? 37  LYS A CA  1 
ATOM   284  C C   . LYS A 1 37  ? -8.654  15.745  2.632   1.00 27.61 ? 37  LYS A C   1 
ATOM   285  O O   . LYS A 1 37  ? -9.466  15.749  3.557   1.00 30.92 ? 37  LYS A O   1 
ATOM   286  C CB  . LYS A 1 37  ? -6.412  15.855  1.587   1.00 24.27 ? 37  LYS A CB  1 
ATOM   287  C CG  . LYS A 1 37  ? -5.135  16.660  1.727   1.00 24.92 ? 37  LYS A CG  1 
ATOM   288  C CD  . LYS A 1 37  ? -4.564  17.069  0.353   1.00 29.81 ? 37  LYS A CD  1 
ATOM   289  C CE  . LYS A 1 37  ? -4.040  15.885  -0.490  1.00 33.68 ? 37  LYS A CE  1 
ATOM   290  N NZ  . LYS A 1 37  ? -2.705  15.369  -0.043  1.00 30.31 ? 37  LYS A NZ  1 
ATOM   291  N N   . GLY A 1 38  ? -9.033  15.909  1.372   1.00 27.45 ? 38  GLY A N   1 
ATOM   292  C CA  . GLY A 1 38  ? -10.444 16.090  1.054   1.00 25.89 ? 38  GLY A CA  1 
ATOM   293  C C   . GLY A 1 38  ? -11.404 15.056  1.606   1.00 22.44 ? 38  GLY A C   1 
ATOM   294  O O   . GLY A 1 38  ? -12.597 15.271  1.548   1.00 21.90 ? 38  GLY A O   1 
ATOM   295  N N   . SER A 1 39  ? -10.894 13.919  2.072   1.00 19.72 ? 39  SER A N   1 
ATOM   296  C CA  . SER A 1 39  ? -11.727 12.860  2.645   1.00 17.84 ? 39  SER A CA  1 
ATOM   297  C C   . SER A 1 39  ? -10.879 11.750  3.290   1.00 18.53 ? 39  SER A C   1 
ATOM   298  O O   . SER A 1 39  ? -9.664  11.746  3.215   1.00 16.93 ? 39  SER A O   1 
ATOM   299  C CB  . SER A 1 39  ? -12.657 12.299  1.577   1.00 15.66 ? 39  SER A CB  1 
ATOM   300  O OG  . SER A 1 39  ? -11.922 11.894  0.429   1.00 24.39 ? 39  SER A OG  1 
ATOM   301  N N   . CYS A 1 40  ? -11.524 10.811  3.944   1.00 21.31 ? 40  CYS A N   1 
ATOM   302  C CA  . CYS A 1 40  ? -10.801 9.737   4.593   1.00 22.18 ? 40  CYS A CA  1 
ATOM   303  C C   . CYS A 1 40  ? -10.642 8.521   3.674   1.00 22.04 ? 40  CYS A C   1 
ATOM   304  O O   . CYS A 1 40  ? -11.639 7.898   3.342   1.00 24.29 ? 40  CYS A O   1 
ATOM   305  C CB  . CYS A 1 40  ? -11.580 9.298   5.842   1.00 23.91 ? 40  CYS A CB  1 
ATOM   306  S SG  . CYS A 1 40  ? -12.030 10.600  7.054   1.00 24.17 ? 40  CYS A SG  1 
ATOM   307  N N   . LYS A 1 41  ? -9.421  8.151   3.287   1.00 18.44 ? 41  LYS A N   1 
ATOM   308  C CA  . LYS A 1 41  ? -9.232  6.955   2.448   1.00 14.68 ? 41  LYS A CA  1 
ATOM   309  C C   . LYS A 1 41  ? -9.781  5.755   3.191   1.00 19.54 ? 41  LYS A C   1 
ATOM   310  O O   . LYS A 1 41  ? -9.296  5.445   4.284   1.00 25.89 ? 41  LYS A O   1 
ATOM   311  C CB  . LYS A 1 41  ? -7.761  6.669   2.185   1.00 2.00  ? 41  LYS A CB  1 
ATOM   312  C CG  . LYS A 1 41  ? -7.523  6.028   0.840   1.00 8.97  ? 41  LYS A CG  1 
ATOM   313  C CD  . LYS A 1 41  ? -6.028  5.892   0.527   1.00 12.03 ? 41  LYS A CD  1 
ATOM   314  C CE  . LYS A 1 41  ? -5.744  5.459   -0.903  1.00 8.29  ? 41  LYS A CE  1 
ATOM   315  N NZ  . LYS A 1 41  ? -5.193  4.092   -1.036  1.00 9.77  ? 41  LYS A NZ  1 
ATOM   316  N N   . PRO A 1 42  ? -10.677 4.970   2.546   1.00 17.81 ? 42  PRO A N   1 
ATOM   317  C CA  . PRO A 1 42  ? -11.306 3.784   3.139   1.00 13.23 ? 42  PRO A CA  1 
ATOM   318  C C   . PRO A 1 42  ? -10.418 2.626   3.591   1.00 13.72 ? 42  PRO A C   1 
ATOM   319  O O   . PRO A 1 42  ? -10.586 2.113   4.680   1.00 21.28 ? 42  PRO A O   1 
ATOM   320  C CB  . PRO A 1 42  ? -12.285 3.358   2.052   1.00 13.58 ? 42  PRO A CB  1 
ATOM   321  C CG  . PRO A 1 42  ? -12.589 4.669   1.312   1.00 7.66  ? 42  PRO A CG  1 
ATOM   322  C CD  . PRO A 1 42  ? -11.199 5.194   1.185   1.00 7.21  ? 42  PRO A CD  1 
ATOM   323  N N   . VAL A 1 43  ? -9.510  2.192   2.736   1.00 14.20 ? 43  VAL A N   1 
ATOM   324  C CA  . VAL A 1 43  ? -8.606  1.083   3.015   1.00 13.76 ? 43  VAL A CA  1 
ATOM   325  C C   . VAL A 1 43  ? -7.238  1.455   2.435   1.00 16.74 ? 43  VAL A C   1 
ATOM   326  O O   . VAL A 1 43  ? -7.169  2.116   1.392   1.00 21.54 ? 43  VAL A O   1 
ATOM   327  C CB  . VAL A 1 43  ? -9.089  -0.233  2.307   1.00 11.43 ? 43  VAL A CB  1 
ATOM   328  C CG1 . VAL A 1 43  ? -8.329  -1.427  2.823   1.00 10.42 ? 43  VAL A CG1 1 
ATOM   329  C CG2 . VAL A 1 43  ? -10.572 -0.439  2.534   1.00 12.76 ? 43  VAL A CG2 1 
ATOM   330  N N   . ASN A 1 44  ? -6.166  1.134   3.162   1.00 17.94 ? 44  ASN A N   1 
ATOM   331  C CA  . ASN A 1 44  ? -4.805  1.399   2.699   1.00 17.00 ? 44  ASN A CA  1 
ATOM   332  C C   . ASN A 1 44  ? -3.840  0.408   3.328   1.00 20.42 ? 44  ASN A C   1 
ATOM   333  O O   . ASN A 1 44  ? -4.106  -0.110  4.410   1.00 21.56 ? 44  ASN A O   1 
ATOM   334  C CB  . ASN A 1 44  ? -4.359  2.822   2.991   1.00 18.63 ? 44  ASN A CB  1 
ATOM   335  C CG  . ASN A 1 44  ? -3.055  3.178   2.279   1.00 22.33 ? 44  ASN A CG  1 
ATOM   336  O OD1 . ASN A 1 44  ? -3.044  3.541   1.103   1.00 18.44 ? 44  ASN A OD1 1 
ATOM   337  N ND2 . ASN A 1 44  ? -1.947  3.046   2.986   1.00 21.03 ? 44  ASN A ND2 1 
ATOM   338  N N   . THR A 1 45  ? -2.719  0.155   2.652   1.00 23.40 ? 45  THR A N   1 
ATOM   339  C CA  . THR A 1 45  ? -1.703  -0.805  3.102   1.00 21.31 ? 45  THR A CA  1 
ATOM   340  C C   . THR A 1 45  ? -0.302  -0.217  2.957   1.00 21.59 ? 45  THR A C   1 
ATOM   341  O O   . THR A 1 45  ? 0.020   0.417   1.940   1.00 23.40 ? 45  THR A O   1 
ATOM   342  C CB  . THR A 1 45  ? -1.737  -2.058  2.213   1.00 16.94 ? 45  THR A CB  1 
ATOM   343  O OG1 . THR A 1 45  ? -3.090  -2.491  2.053   1.00 25.51 ? 45  THR A OG1 1 
ATOM   344  C CG2 . THR A 1 45  ? -0.919  -3.177  2.805   1.00 14.74 ? 45  THR A CG2 1 
ATOM   345  N N   . PHE A 1 46  ? 0.546   -0.516  3.931   1.00 19.53 ? 46  PHE A N   1 
ATOM   346  C CA  . PHE A 1 46  ? 1.930   -0.057  3.952   1.00 17.64 ? 46  PHE A CA  1 
ATOM   347  C C   . PHE A 1 46  ? 2.828   -1.276  3.873   1.00 17.84 ? 46  PHE A C   1 
ATOM   348  O O   . PHE A 1 46  ? 2.540   -2.274  4.523   1.00 19.37 ? 46  PHE A O   1 
ATOM   349  C CB  . PHE A 1 46  ? 2.207   0.700   5.257   1.00 20.92 ? 46  PHE A CB  1 
ATOM   350  C CG  . PHE A 1 46  ? 1.585   2.051   5.319   1.00 12.77 ? 46  PHE A CG  1 
ATOM   351  C CD1 . PHE A 1 46  ? 0.298   2.221   5.793   1.00 17.90 ? 46  PHE A CD1 1 
ATOM   352  C CD2 . PHE A 1 46  ? 2.260   3.143   4.839   1.00 9.03  ? 46  PHE A CD2 1 
ATOM   353  C CE1 . PHE A 1 46  ? -0.295  3.487   5.792   1.00 15.59 ? 46  PHE A CE1 1 
ATOM   354  C CE2 . PHE A 1 46  ? 1.663   4.396   4.836   1.00 12.61 ? 46  PHE A CE2 1 
ATOM   355  C CZ  . PHE A 1 46  ? 0.390   4.560   5.303   1.00 2.00  ? 46  PHE A CZ  1 
ATOM   356  N N   . VAL A 1 47  ? 3.942   -1.179  3.146   1.00 17.81 ? 47  VAL A N   1 
ATOM   357  C CA  . VAL A 1 47  ? 4.859   -2.307  2.969   1.00 13.29 ? 47  VAL A CA  1 
ATOM   358  C C   . VAL A 1 47  ? 6.178   -2.065  3.666   1.00 15.74 ? 47  VAL A C   1 
ATOM   359  O O   . VAL A 1 47  ? 7.030   -1.342  3.165   1.00 17.57 ? 47  VAL A O   1 
ATOM   360  C CB  . VAL A 1 47  ? 5.163   -2.567  1.456   1.00 17.41 ? 47  VAL A CB  1 
ATOM   361  C CG1 . VAL A 1 47  ? 6.187   -3.675  1.296   1.00 17.20 ? 47  VAL A CG1 1 
ATOM   362  C CG2 . VAL A 1 47  ? 3.889   -2.905  0.687   1.00 11.68 ? 47  VAL A CG2 1 
ATOM   363  N N   . HIS A 1 48  ? 6.349   -2.710  4.810   1.00 14.62 ? 48  HIS A N   1 
ATOM   364  C CA  . HIS A 1 48  ? 7.559   -2.593  5.586   1.00 11.76 ? 48  HIS A CA  1 
ATOM   365  C C   . HIS A 1 48  ? 8.648   -3.448  4.985   1.00 18.41 ? 48  HIS A C   1 
ATOM   366  O O   . HIS A 1 48  ? 9.173   -4.322  5.667   1.00 27.20 ? 48  HIS A O   1 
ATOM   367  C CB  . HIS A 1 48  ? 7.303   -3.064  7.003   1.00 6.29  ? 48  HIS A CB  1 
ATOM   368  C CG  . HIS A 1 48  ? 6.181   -2.355  7.661   1.00 6.79  ? 48  HIS A CG  1 
ATOM   369  N ND1 . HIS A 1 48  ? 6.068   -0.979  7.649   1.00 9.34  ? 48  HIS A ND1 1 
ATOM   370  C CD2 . HIS A 1 48  ? 5.048   -2.818  8.247   1.00 2.00  ? 48  HIS A CD2 1 
ATOM   371  C CE1 . HIS A 1 48  ? 4.907   -0.627  8.181   1.00 9.63  ? 48  HIS A CE1 1 
ATOM   372  N NE2 . HIS A 1 48  ? 4.276   -1.729  8.546   1.00 4.01  ? 48  HIS A NE2 1 
ATOM   373  N N   . GLU A 1 49  ? 9.010   -3.219  3.727   1.00 17.65 ? 49  GLU A N   1 
ATOM   374  C CA  . GLU A 1 49  ? 10.073  -4.018  3.090   1.00 18.13 ? 49  GLU A CA  1 
ATOM   375  C C   . GLU A 1 49  ? 10.906  -3.062  2.229   1.00 16.12 ? 49  GLU A C   1 
ATOM   376  O O   . GLU A 1 49  ? 10.432  -1.971  1.898   1.00 16.51 ? 49  GLU A O   1 
ATOM   377  C CB  . GLU A 1 49  ? 9.417   -5.109  2.222   1.00 18.51 ? 49  GLU A CB  1 
ATOM   378  C CG  . GLU A 1 49  ? 10.161  -6.428  2.139   1.00 19.19 ? 49  GLU A CG  1 
ATOM   379  C CD  . GLU A 1 49  ? 10.080  -7.245  3.418   1.00 26.54 ? 49  GLU A CD  1 
ATOM   380  O OE1 . GLU A 1 49  ? 8.998   -7.301  4.059   1.00 20.56 ? 49  GLU A OE1 1 
ATOM   381  O OE2 . GLU A 1 49  ? 11.108  -7.856  3.767   1.00 32.41 ? 49  GLU A OE2 1 
ATOM   382  N N   . PRO A 1 50  ? 12.190  -3.397  1.946   1.00 14.81 ? 50  PRO A N   1 
ATOM   383  C CA  . PRO A 1 50  ? 13.030  -2.515  1.117   1.00 14.49 ? 50  PRO A CA  1 
ATOM   384  C C   . PRO A 1 50  ? 12.430  -2.280  -0.271  1.00 21.82 ? 50  PRO A C   1 
ATOM   385  O O   . PRO A 1 50  ? 11.755  -3.154  -0.813  1.00 20.65 ? 50  PRO A O   1 
ATOM   386  C CB  . PRO A 1 50  ? 14.323  -3.270  1.024   1.00 6.85  ? 50  PRO A CB  1 
ATOM   387  C CG  . PRO A 1 50  ? 14.424  -3.895  2.346   1.00 15.63 ? 50  PRO A CG  1 
ATOM   388  C CD  . PRO A 1 50  ? 13.020  -4.363  2.686   1.00 14.67 ? 50  PRO A CD  1 
ATOM   389  N N   . LEU A 1 51  ? 12.645  -1.091  -0.827  1.00 22.88 ? 51  LEU A N   1 
ATOM   390  C CA  . LEU A 1 51  ? 12.137  -0.806  -2.153  1.00 27.16 ? 51  LEU A CA  1 
ATOM   391  C C   . LEU A 1 51  ? 12.750  -1.791  -3.132  1.00 29.61 ? 51  LEU A C   1 
ATOM   392  O O   . LEU A 1 51  ? 12.055  -2.270  -4.010  1.00 32.99 ? 51  LEU A O   1 
ATOM   393  C CB  . LEU A 1 51  ? 12.476  0.615   -2.591  1.00 24.14 ? 51  LEU A CB  1 
ATOM   394  C CG  . LEU A 1 51  ? 11.787  1.074   -3.875  1.00 15.34 ? 51  LEU A CG  1 
ATOM   395  C CD1 . LEU A 1 51  ? 10.283  0.959   -3.700  1.00 3.94  ? 51  LEU A CD1 1 
ATOM   396  C CD2 . LEU A 1 51  ? 12.177  2.523   -4.176  1.00 11.70 ? 51  LEU A CD2 1 
ATOM   397  N N   . GLU A 1 52  ? 14.042  -2.092  -3.003  1.00 30.98 ? 52  GLU A N   1 
ATOM   398  C CA  . GLU A 1 52  ? 14.670  -3.060  -3.917  1.00 26.54 ? 52  GLU A CA  1 
ATOM   399  C C   . GLU A 1 52  ? 13.814  -4.331  -4.048  1.00 30.86 ? 52  GLU A C   1 
ATOM   400  O O   . GLU A 1 52  ? 13.629  -4.865  -5.141  1.00 34.44 ? 52  GLU A O   1 
ATOM   401  C CB  . GLU A 1 52  ? 16.045  -3.507  -3.416  1.00 19.87 ? 52  GLU A CB  1 
ATOM   402  C CG  . GLU A 1 52  ? 17.138  -2.463  -3.423  1.00 19.56 ? 52  GLU A CG  1 
ATOM   403  C CD  . GLU A 1 52  ? 17.289  -1.737  -2.094  1.00 22.60 ? 52  GLU A CD  1 
ATOM   404  O OE1 . GLU A 1 52  ? 16.280  -1.595  -1.371  1.00 12.30 ? 52  GLU A OE1 1 
ATOM   405  O OE2 . GLU A 1 52  ? 18.431  -1.321  -1.778  1.00 25.06 ? 52  GLU A OE2 1 
ATOM   406  N N   . ASP A 1 53  ? 13.328  -4.829  -2.919  1.00 33.00 ? 53  ASP A N   1 
ATOM   407  C CA  . ASP A 1 53  ? 12.514  -6.042  -2.868  1.00 30.58 ? 53  ASP A CA  1 
ATOM   408  C C   . ASP A 1 53  ? 11.138  -5.880  -3.483  1.00 28.49 ? 53  ASP A C   1 
ATOM   409  O O   . ASP A 1 53  ? 10.543  -6.840  -3.956  1.00 33.72 ? 53  ASP A O   1 
ATOM   410  C CB  . ASP A 1 53  ? 12.343  -6.501  -1.410  1.00 31.15 ? 53  ASP A CB  1 
ATOM   411  C CG  . ASP A 1 53  ? 13.655  -6.939  -0.756  1.00 35.17 ? 53  ASP A CG  1 
ATOM   412  O OD1 . ASP A 1 53  ? 14.748  -6.641  -1.284  1.00 36.31 ? 53  ASP A OD1 1 
ATOM   413  O OD2 . ASP A 1 53  ? 13.582  -7.592  0.308   1.00 37.39 ? 53  ASP A OD2 1 
ATOM   414  N N   . VAL A 1 54  ? 10.603  -4.681  -3.413  1.00 26.43 ? 54  VAL A N   1 
ATOM   415  C CA  . VAL A 1 54  ? 9.290   -4.427  -3.958  1.00 22.86 ? 54  VAL A CA  1 
ATOM   416  C C   . VAL A 1 54  ? 9.415   -4.262  -5.461  1.00 29.96 ? 54  VAL A C   1 
ATOM   417  O O   . VAL A 1 54  ? 8.652   -4.886  -6.199  1.00 35.74 ? 54  VAL A O   1 
ATOM   418  C CB  . VAL A 1 54  ? 8.610   -3.186  -3.273  1.00 16.82 ? 54  VAL A CB  1 
ATOM   419  C CG1 . VAL A 1 54  ? 7.296   -2.816  -3.957  1.00 14.87 ? 54  VAL A CG1 1 
ATOM   420  C CG2 . VAL A 1 54  ? 8.320   -3.503  -1.837  1.00 11.54 ? 54  VAL A CG2 1 
ATOM   421  N N   . GLN A 1 55  ? 10.417  -3.501  -5.921  1.00 26.86 ? 55  GLN A N   1 
ATOM   422  C CA  . GLN A 1 55  ? 10.645  -3.266  -7.358  1.00 26.28 ? 55  GLN A CA  1 
ATOM   423  C C   . GLN A 1 55  ? 10.852  -4.560  -8.125  1.00 28.45 ? 55  GLN A C   1 
ATOM   424  O O   . GLN A 1 55  ? 10.404  -4.705  -9.261  1.00 26.34 ? 55  GLN A O   1 
ATOM   425  C CB  . GLN A 1 55  ? 11.816  -2.334  -7.559  1.00 24.70 ? 55  GLN A CB  1 
ATOM   426  C CG  . GLN A 1 55  ? 11.457  -0.938  -7.114  1.00 33.18 ? 55  GLN A CG  1 
ATOM   427  C CD  . GLN A 1 55  ? 12.588  0.058   -7.236  1.00 38.37 ? 55  GLN A CD  1 
ATOM   428  O OE1 . GLN A 1 55  ? 13.704  -0.186  -6.768  1.00 38.33 ? 55  GLN A OE1 1 
ATOM   429  N NE2 . GLN A 1 55  ? 12.297  1.210   -7.841  1.00 42.01 ? 55  GLN A NE2 1 
ATOM   430  N N   . ALA A 1 56  ? 11.469  -5.520  -7.453  1.00 27.97 ? 56  ALA A N   1 
ATOM   431  C CA  . ALA A 1 56  ? 11.723  -6.812  -8.028  1.00 24.68 ? 56  ALA A CA  1 
ATOM   432  C C   . ALA A 1 56  ? 10.444  -7.566  -8.368  1.00 24.03 ? 56  ALA A C   1 
ATOM   433  O O   . ALA A 1 56  ? 10.438  -8.403  -9.269  1.00 23.97 ? 56  ALA A O   1 
ATOM   434  C CB  . ALA A 1 56  ? 12.557  -7.638  -7.083  1.00 19.78 ? 56  ALA A CB  1 
ATOM   435  N N   . ILE A 1 57  ? 9.353   -7.284  -7.677  1.00 23.55 ? 57  ILE A N   1 
ATOM   436  C CA  . ILE A 1 57  ? 8.127   -8.005  -7.970  1.00 22.82 ? 57  ILE A CA  1 
ATOM   437  C C   . ILE A 1 57  ? 7.707   -7.831  -9.418  1.00 21.05 ? 57  ILE A C   1 
ATOM   438  O O   . ILE A 1 57  ? 7.085   -8.712  -9.984  1.00 23.83 ? 57  ILE A O   1 
ATOM   439  C CB  . ILE A 1 57  ? 6.989   -7.557  -7.099  1.00 22.69 ? 57  ILE A CB  1 
ATOM   440  C CG1 . ILE A 1 57  ? 7.362   -7.732  -5.637  1.00 20.22 ? 57  ILE A CG1 1 
ATOM   441  C CG2 . ILE A 1 57  ? 5.762   -8.363  -7.425  1.00 23.17 ? 57  ILE A CG2 1 
ATOM   442  C CD1 . ILE A 1 57  ? 6.321   -7.181  -4.727  1.00 17.11 ? 57  ILE A CD1 1 
ATOM   443  N N   . CYS A 1 58  ? 8.099   -6.725  -10.034 1.00 22.97 ? 58  CYS A N   1 
ATOM   444  C CA  . CYS A 1 58  ? 7.748   -6.463  -11.422 1.00 21.31 ? 58  CYS A CA  1 
ATOM   445  C C   . CYS A 1 58  ? 8.394   -7.430  -12.389 1.00 20.61 ? 58  CYS A C   1 
ATOM   446  O O   . CYS A 1 58  ? 8.236   -7.296  -13.592 1.00 24.15 ? 58  CYS A O   1 
ATOM   447  C CB  . CYS A 1 58  ? 8.152   -5.055  -11.817 1.00 21.93 ? 58  CYS A CB  1 
ATOM   448  S SG  . CYS A 1 58  ? 7.341   -3.794  -10.805 1.00 17.16 ? 58  CYS A SG  1 
ATOM   449  N N   . SER A 1 59  ? 9.147   -8.384  -11.879 1.00 20.20 ? 59  SER A N   1 
ATOM   450  C CA  . SER A 1 59  ? 9.804   -9.358  -12.733 1.00 22.41 ? 59  SER A CA  1 
ATOM   451  C C   . SER A 1 59  ? 9.209   -10.753 -12.505 1.00 22.43 ? 59  SER A C   1 
ATOM   452  O O   . SER A 1 59  ? 9.540   -11.698 -13.214 1.00 21.30 ? 59  SER A O   1 
ATOM   453  C CB  . SER A 1 59  ? 11.308  -9.358  -12.415 1.00 24.07 ? 59  SER A CB  1 
ATOM   454  O OG  . SER A 1 59  ? 11.832  -8.033  -12.345 1.00 19.11 ? 59  SER A OG  1 
ATOM   455  N N   . GLN A 1 60  ? 8.345   -10.882 -11.500 1.00 24.94 ? 60  GLN A N   1 
ATOM   456  C CA  . GLN A 1 60  ? 7.746   -12.169 -11.168 1.00 30.10 ? 60  GLN A CA  1 
ATOM   457  C C   . GLN A 1 60  ? 6.610   -12.482 -12.110 1.00 31.42 ? 60  GLN A C   1 
ATOM   458  O O   . GLN A 1 60  ? 6.239   -11.657 -12.950 1.00 34.14 ? 60  GLN A O   1 
ATOM   459  C CB  . GLN A 1 60  ? 7.209   -12.211 -9.725  1.00 30.42 ? 60  GLN A CB  1 
ATOM   460  C CG  . GLN A 1 60  ? 7.907   -11.351 -8.682  1.00 34.54 ? 60  GLN A CG  1 
ATOM   461  C CD  . GLN A 1 60  ? 9.258   -11.889 -8.216  1.00 35.69 ? 60  GLN A CD  1 
ATOM   462  O OE1 . GLN A 1 60  ? 10.140  -12.179 -9.029  1.00 33.72 ? 60  GLN A OE1 1 
ATOM   463  N NE2 . GLN A 1 60  ? 9.429   -12.014 -6.892  1.00 37.04 ? 60  GLN A NE2 1 
ATOM   464  N N   . GLY A 1 61  ? 6.017   -13.656 -11.923 1.00 30.74 ? 61  GLY A N   1 
ATOM   465  C CA  . GLY A 1 61  ? 4.915   -14.087 -12.767 1.00 32.08 ? 61  GLY A CA  1 
ATOM   466  C C   . GLY A 1 61  ? 3.828   -13.046 -12.875 1.00 31.84 ? 61  GLY A C   1 
ATOM   467  O O   . GLY A 1 61  ? 3.503   -12.398 -11.887 1.00 33.99 ? 61  GLY A O   1 
ATOM   468  N N   . GLN A 1 62  ? 3.295   -12.873 -14.078 1.00 30.82 ? 62  GLN A N   1 
ATOM   469  C CA  . GLN A 1 62  ? 2.249   -11.912 -14.315 1.00 31.10 ? 62  GLN A CA  1 
ATOM   470  C C   . GLN A 1 62  ? 0.848   -12.498 -14.164 1.00 29.28 ? 62  GLN A C   1 
ATOM   471  O O   . GLN A 1 62  ? 0.555   -13.597 -14.638 1.00 22.65 ? 62  GLN A O   1 
ATOM   472  C CB  . GLN A 1 62  ? 2.440   -11.230 -15.686 1.00 34.81 ? 62  GLN A CB  1 
ATOM   473  C CG  . GLN A 1 62  ? 1.739   -11.875 -16.888 1.00 38.61 ? 62  GLN A CG  1 
ATOM   474  C CD  . GLN A 1 62  ? 0.288   -11.415 -17.082 1.00 45.35 ? 62  GLN A CD  1 
ATOM   475  O OE1 . GLN A 1 62  ? 0.013   -10.259 -17.402 1.00 48.65 ? 62  GLN A OE1 1 
ATOM   476  N NE2 . GLN A 1 62  ? -0.644  -12.350 -16.944 1.00 47.28 ? 62  GLN A NE2 1 
ATOM   477  N N   . VAL A 1 63  ? -0.003  -11.721 -13.496 1.00 27.08 ? 63  VAL A N   1 
ATOM   478  C CA  . VAL A 1 63  ? -1.401  -12.041 -13.252 1.00 23.98 ? 63  VAL A CA  1 
ATOM   479  C C   . VAL A 1 63  ? -2.204  -10.890 -13.837 1.00 23.04 ? 63  VAL A C   1 
ATOM   480  O O   . VAL A 1 63  ? -1.678  -9.785  -13.992 1.00 23.97 ? 63  VAL A O   1 
ATOM   481  C CB  . VAL A 1 63  ? -1.720  -12.142 -11.728 1.00 26.37 ? 63  VAL A CB  1 
ATOM   482  C CG1 . VAL A 1 63  ? -1.333  -13.518 -11.197 1.00 27.84 ? 63  VAL A CG1 1 
ATOM   483  C CG2 . VAL A 1 63  ? -1.015  -11.030 -10.938 1.00 29.49 ? 63  VAL A CG2 1 
ATOM   484  N N   . THR A 1 64  ? -3.463  -11.143 -14.185 1.00 21.73 ? 64  THR A N   1 
ATOM   485  C CA  . THR A 1 64  ? -4.302  -10.091 -14.750 1.00 17.12 ? 64  THR A CA  1 
ATOM   486  C C   . THR A 1 64  ? -4.700  -9.155  -13.632 1.00 15.97 ? 64  THR A C   1 
ATOM   487  O O   . THR A 1 64  ? -4.614  -9.501  -12.449 1.00 16.95 ? 64  THR A O   1 
ATOM   488  C CB  . THR A 1 64  ? -5.590  -10.641 -15.407 1.00 16.03 ? 64  THR A CB  1 
ATOM   489  O OG1 . THR A 1 64  ? -5.387  -11.993 -15.840 1.00 13.89 ? 64  THR A OG1 1 
ATOM   490  C CG2 . THR A 1 64  ? -5.961  -9.789  -16.601 1.00 3.71  ? 64  THR A CG2 1 
ATOM   491  N N   . CYS A 1 65  ? -5.204  -7.998  -14.027 1.00 18.58 ? 65  CYS A N   1 
ATOM   492  C CA  . CYS A 1 65  ? -5.604  -6.984  -13.094 1.00 18.04 ? 65  CYS A CA  1 
ATOM   493  C C   . CYS A 1 65  ? -7.094  -6.781  -12.826 1.00 21.00 ? 65  CYS A C   1 
ATOM   494  O O   . CYS A 1 65  ? -7.936  -7.274  -13.570 1.00 21.08 ? 65  CYS A O   1 
ATOM   495  C CB  . CYS A 1 65  ? -4.971  -5.697  -13.523 1.00 19.47 ? 65  CYS A CB  1 
ATOM   496  S SG  . CYS A 1 65  ? -4.022  -5.132  -12.102 1.00 34.10 ? 65  CYS A SG  1 
ATOM   497  N N   . LYS A 1 66  ? -7.425  -6.076  -11.743 1.00 22.13 ? 66  LYS A N   1 
ATOM   498  C CA  . LYS A 1 66  ? -8.828  -5.805  -11.427 1.00 16.45 ? 66  LYS A CA  1 
ATOM   499  C C   . LYS A 1 66  ? -9.559  -4.994  -12.520 1.00 14.74 ? 66  LYS A C   1 
ATOM   500  O O   . LYS A 1 66  ? -10.745 -5.206  -12.782 1.00 10.28 ? 66  LYS A O   1 
ATOM   501  C CB  . LYS A 1 66  ? -8.964  -5.172  -10.056 1.00 18.03 ? 66  LYS A CB  1 
ATOM   502  C CG  . LYS A 1 66  ? -8.932  -6.184  -8.930  1.00 20.96 ? 66  LYS A CG  1 
ATOM   503  C CD  . LYS A 1 66  ? -9.478  -5.589  -7.639  1.00 31.73 ? 66  LYS A CD  1 
ATOM   504  C CE  . LYS A 1 66  ? -8.409  -4.844  -6.837  1.00 39.85 ? 66  LYS A CE  1 
ATOM   505  N NZ  . LYS A 1 66  ? -7.733  -3.706  -7.557  1.00 44.48 ? 66  LYS A NZ  1 
ATOM   506  N N   . ASN A 1 67  ? -8.818  -4.102  -13.170 1.00 13.99 ? 67  ASN A N   1 
ATOM   507  C CA  . ASN A 1 67  ? -9.325  -3.284  -14.288 1.00 15.89 ? 67  ASN A CA  1 
ATOM   508  C C   . ASN A 1 67  ? -9.161  -4.016  -15.665 1.00 18.26 ? 67  ASN A C   1 
ATOM   509  O O   . ASN A 1 67  ? -9.326  -3.415  -16.728 1.00 19.01 ? 67  ASN A O   1 
ATOM   510  C CB  . ASN A 1 67  ? -8.556  -1.972  -14.308 1.00 18.60 ? 67  ASN A CB  1 
ATOM   511  C CG  . ASN A 1 67  ? -7.076  -2.187  -14.332 1.00 17.64 ? 67  ASN A CG  1 
ATOM   512  O OD1 . ASN A 1 67  ? -6.589  -3.025  -15.084 1.00 19.78 ? 67  ASN A OD1 1 
ATOM   513  N ND2 . ASN A 1 67  ? -6.350  -1.541  -13.431 1.00 18.50 ? 67  ASN A ND2 1 
ATOM   514  N N   . GLY A 1 68  ? -8.770  -5.284  -15.617 1.00 17.15 ? 68  GLY A N   1 
ATOM   515  C CA  . GLY A 1 68  ? -8.589  -6.095  -16.808 1.00 10.87 ? 68  GLY A CA  1 
ATOM   516  C C   . GLY A 1 68  ? -7.274  -5.955  -17.569 1.00 20.64 ? 68  GLY A C   1 
ATOM   517  O O   . GLY A 1 68  ? -7.118  -6.597  -18.616 1.00 18.72 ? 68  GLY A O   1 
ATOM   518  N N   . ARG A 1 69  ? -6.314  -5.190  -17.023 1.00 22.63 ? 69  ARG A N   1 
ATOM   519  C CA  . ARG A 1 69  ? -5.027  -4.961  -17.678 1.00 19.03 ? 69  ARG A CA  1 
ATOM   520  C C   . ARG A 1 69  ? -3.936  -6.001  -17.468 1.00 23.12 ? 69  ARG A C   1 
ATOM   521  O O   . ARG A 1 69  ? -3.940  -6.717  -16.480 1.00 30.32 ? 69  ARG A O   1 
ATOM   522  C CB  . ARG A 1 69  ? -4.507  -3.570  -17.392 1.00 17.76 ? 69  ARG A CB  1 
ATOM   523  C CG  . ARG A 1 69  ? -5.224  -2.511  -18.204 1.00 21.70 ? 69  ARG A CG  1 
ATOM   524  C CD  . ARG A 1 69  ? -4.519  -1.169  -18.167 1.00 23.54 ? 69  ARG A CD  1 
ATOM   525  N NE  . ARG A 1 69  ? -3.308  -1.190  -18.985 1.00 34.25 ? 69  ARG A NE  1 
ATOM   526  C CZ  . ARG A 1 69  ? -2.193  -0.519  -18.691 1.00 36.36 ? 69  ARG A CZ  1 
ATOM   527  N NH1 . ARG A 1 69  ? -2.147  0.225   -17.601 1.00 39.07 ? 69  ARG A NH1 1 
ATOM   528  N NH2 . ARG A 1 69  ? -1.111  -0.592  -19.479 1.00 37.21 ? 69  ARG A NH2 1 
ATOM   529  N N   . ASN A 1 70  ? -2.934  -5.950  -18.343 1.00 25.17 ? 70  ASN A N   1 
ATOM   530  C CA  . ASN A 1 70  ? -1.806  -6.886  -18.445 1.00 25.85 ? 70  ASN A CA  1 
ATOM   531  C C   . ASN A 1 70  ? -0.587  -6.743  -17.516 1.00 24.08 ? 70  ASN A C   1 
ATOM   532  O O   . ASN A 1 70  ? 0.256   -7.637  -17.452 1.00 22.51 ? 70  ASN A O   1 
ATOM   533  C CB  . ASN A 1 70  ? -1.287  -6.754  -19.888 1.00 29.04 ? 70  ASN A CB  1 
ATOM   534  C CG  . ASN A 1 70  ? -0.796  -8.056  -20.487 1.00 32.44 ? 70  ASN A CG  1 
ATOM   535  O OD1 . ASN A 1 70  ? -0.802  -8.209  -21.708 1.00 34.02 ? 70  ASN A OD1 1 
ATOM   536  N ND2 . ASN A 1 70  ? -0.322  -8.984  -19.658 1.00 37.00 ? 70  ASN A ND2 1 
ATOM   537  N N   . ASN A 1 71  ? -0.485  -5.623  -16.813 1.00 25.24 ? 71  ASN A N   1 
ATOM   538  C CA  . ASN A 1 71  ? 0.699   -5.350  -16.000 1.00 19.95 ? 71  ASN A CA  1 
ATOM   539  C C   . ASN A 1 71  ? 0.787   -5.711  -14.543 1.00 17.57 ? 71  ASN A C   1 
ATOM   540  O O   . ASN A 1 71  ? 1.710   -5.259  -13.867 1.00 20.21 ? 71  ASN A O   1 
ATOM   541  C CB  . ASN A 1 71  ? 1.125   -3.883  -16.168 1.00 20.32 ? 71  ASN A CB  1 
ATOM   542  C CG  . ASN A 1 71  ? -0.026  -2.912  -16.013 1.00 24.45 ? 71  ASN A CG  1 
ATOM   543  O OD1 . ASN A 1 71  ? -1.164  -3.236  -16.337 1.00 28.40 ? 71  ASN A OD1 1 
ATOM   544  N ND2 . ASN A 1 71  ? 0.265   -1.706  -15.558 1.00 23.60 ? 71  ASN A ND2 1 
ATOM   545  N N   . CYS A 1 72  ? -0.067  -6.589  -14.051 1.00 11.85 ? 72  CYS A N   1 
ATOM   546  C CA  . CYS A 1 72  ? 0.017   -6.893  -12.633 1.00 22.06 ? 72  CYS A CA  1 
ATOM   547  C C   . CYS A 1 72  ? 0.904   -8.119  -12.398 1.00 25.07 ? 72  CYS A C   1 
ATOM   548  O O   . CYS A 1 72  ? 1.215   -8.832  -13.349 1.00 27.91 ? 72  CYS A O   1 
ATOM   549  C CB  . CYS A 1 72  ? -1.395  -6.850  -11.985 1.00 23.09 ? 72  CYS A CB  1 
ATOM   550  S SG  . CYS A 1 72  ? -2.140  -5.302  -12.661 1.00 27.16 ? 72  CYS A SG  1 
ATOM   551  N N   . HIS A 1 73  ? 1.501   -8.215  -11.207 1.00 24.66 ? 73  HIS A N   1 
ATOM   552  C CA  . HIS A 1 73  ? 2.412   -9.308  -10.854 1.00 27.67 ? 73  HIS A CA  1 
ATOM   553  C C   . HIS A 1 73  ? 2.177   -9.743  -9.399  1.00 32.46 ? 73  HIS A C   1 
ATOM   554  O O   . HIS A 1 73  ? 2.041   -8.883  -8.519  1.00 38.01 ? 73  HIS A O   1 
ATOM   555  C CB  . HIS A 1 73  ? 3.862   -8.827  -11.009 1.00 23.98 ? 73  HIS A CB  1 
ATOM   556  C CG  . HIS A 1 73  ? 4.239   -8.450  -12.410 1.00 31.20 ? 73  HIS A CG  1 
ATOM   557  N ND1 . HIS A 1 73  ? 3.981   -7.202  -12.943 1.00 36.40 ? 73  HIS A ND1 1 
ATOM   558  C CD2 . HIS A 1 73  ? 4.840   -9.158  -13.397 1.00 32.17 ? 73  HIS A CD2 1 
ATOM   559  C CE1 . HIS A 1 73  ? 4.403   -7.163  -14.194 1.00 36.27 ? 73  HIS A CE1 1 
ATOM   560  N NE2 . HIS A 1 73  ? 4.928   -8.337  -14.495 1.00 34.53 ? 73  HIS A NE2 1 
ATOM   561  N N   . LYS A 1 74  ? 2.091   -11.059 -9.159  1.00 32.55 ? 74  LYS A N   1 
ATOM   562  C CA  . LYS A 1 74  ? 1.877   -11.620 -7.817  1.00 30.23 ? 74  LYS A CA  1 
ATOM   563  C C   . LYS A 1 74  ? 3.207   -11.991 -7.163  1.00 30.54 ? 74  LYS A C   1 
ATOM   564  O O   . LYS A 1 74  ? 4.008   -12.742 -7.747  1.00 32.20 ? 74  LYS A O   1 
ATOM   565  C CB  . LYS A 1 74  ? 0.993   -12.855 -7.910  1.00 30.77 ? 74  LYS A CB  1 
ATOM   566  C CG  . LYS A 1 74  ? 0.641   -13.493 -6.576  1.00 31.95 ? 74  LYS A CG  1 
ATOM   567  C CD  . LYS A 1 74  ? 0.243   -14.949 -6.781  1.00 38.04 ? 74  LYS A CD  1 
ATOM   568  C CE  . LYS A 1 74  ? -0.905  -15.067 -7.772  1.00 41.25 ? 74  LYS A CE  1 
ATOM   569  N NZ  . LYS A 1 74  ? -0.843  -16.304 -8.613  1.00 48.05 ? 74  LYS A NZ  1 
ATOM   570  N N   . SER A 1 75  ? 3.427   -11.506 -5.943  1.00 29.35 ? 75  SER A N   1 
ATOM   571  C CA  . SER A 1 75  ? 4.680   -11.773 -5.233  1.00 30.71 ? 75  SER A CA  1 
ATOM   572  C C   . SER A 1 75  ? 4.873   -13.258 -4.987  1.00 29.69 ? 75  SER A C   1 
ATOM   573  O O   . SER A 1 75  ? 3.903   -13.980 -4.757  1.00 32.03 ? 75  SER A O   1 
ATOM   574  C CB  . SER A 1 75  ? 4.754   -10.990 -3.902  1.00 30.07 ? 75  SER A CB  1 
ATOM   575  O OG  . SER A 1 75  ? 3.741   -11.398 -2.985  1.00 25.00 ? 75  SER A OG  1 
ATOM   576  N N   . SER A 1 76  ? 6.121   -13.712 -4.989  1.00 27.16 ? 76  SER A N   1 
ATOM   577  C CA  . SER A 1 76  ? 6.379   -15.133 -4.769  1.00 25.90 ? 76  SER A CA  1 
ATOM   578  C C   . SER A 1 76  ? 6.735   -15.424 -3.316  1.00 28.35 ? 76  SER A C   1 
ATOM   579  O O   . SER A 1 76  ? 7.115   -16.544 -2.958  1.00 30.56 ? 76  SER A O   1 
ATOM   580  C CB  . SER A 1 76  ? 7.469   -15.623 -5.732  1.00 21.94 ? 76  SER A CB  1 
ATOM   581  O OG  . SER A 1 76  ? 8.374   -14.575 -6.044  1.00 12.27 ? 76  SER A OG  1 
ATOM   582  N N   . SER A 1 77  ? 6.608   -14.399 -2.479  1.00 29.99 ? 77  SER A N   1 
ATOM   583  C CA  . SER A 1 77  ? 6.893   -14.518 -1.062  1.00 25.27 ? 77  SER A CA  1 
ATOM   584  C C   . SER A 1 77  ? 5.985   -13.597 -0.251  1.00 25.37 ? 77  SER A C   1 
ATOM   585  O O   . SER A 1 77  ? 5.303   -12.723 -0.793  1.00 24.05 ? 77  SER A O   1 
ATOM   586  C CB  . SER A 1 77  ? 8.355   -14.206 -0.804  1.00 22.29 ? 77  SER A CB  1 
ATOM   587  O OG  . SER A 1 77  ? 8.624   -14.394 0.565   1.00 32.54 ? 77  SER A OG  1 
ATOM   588  N N   . THR A 1 78  ? 5.944   -13.813 1.051   1.00 27.69 ? 78  THR A N   1 
ATOM   589  C CA  . THR A 1 78  ? 5.104   -13.007 1.920   1.00 27.42 ? 78  THR A CA  1 
ATOM   590  C C   . THR A 1 78  ? 5.842   -11.783 2.458   1.00 30.02 ? 78  THR A C   1 
ATOM   591  O O   . THR A 1 78  ? 6.915   -11.885 3.064   1.00 27.82 ? 78  THR A O   1 
ATOM   592  C CB  . THR A 1 78  ? 4.577   -13.855 3.088   1.00 25.39 ? 78  THR A CB  1 
ATOM   593  O OG1 . THR A 1 78  ? 5.408   -15.014 3.237   1.00 28.88 ? 78  THR A OG1 1 
ATOM   594  C CG2 . THR A 1 78  ? 3.149   -14.300 2.836   1.00 26.17 ? 78  THR A CG2 1 
ATOM   595  N N   . LEU A 1 79  ? 5.237   -10.623 2.228   1.00 31.30 ? 79  LEU A N   1 
ATOM   596  C CA  . LEU A 1 79  ? 5.775   -9.345  2.660   1.00 28.11 ? 79  LEU A CA  1 
ATOM   597  C C   . LEU A 1 79  ? 5.128   -8.908  3.977   1.00 28.46 ? 79  LEU A C   1 
ATOM   598  O O   . LEU A 1 79  ? 4.030   -9.367  4.310   1.00 22.58 ? 79  LEU A O   1 
ATOM   599  C CB  . LEU A 1 79  ? 5.548   -8.303  1.540   1.00 31.27 ? 79  LEU A CB  1 
ATOM   600  C CG  . LEU A 1 79  ? 6.665   -8.181  0.468   1.00 36.62 ? 79  LEU A CG  1 
ATOM   601  C CD1 . LEU A 1 79  ? 6.807   -9.435  -0.400  1.00 30.27 ? 79  LEU A CD1 1 
ATOM   602  C CD2 . LEU A 1 79  ? 6.440   -6.966  -0.409  1.00 40.75 ? 79  LEU A CD2 1 
ATOM   603  N N   . ARG A 1 80  ? 5.844   -8.082  4.751   1.00 28.89 ? 80  ARG A N   1 
ATOM   604  C CA  . ARG A 1 80  ? 5.337   -7.547  6.028   1.00 26.84 ? 80  ARG A CA  1 
ATOM   605  C C   . ARG A 1 80  ? 4.451   -6.342  5.735   1.00 27.26 ? 80  ARG A C   1 
ATOM   606  O O   . ARG A 1 80  ? 4.967   -5.256  5.474   1.00 26.68 ? 80  ARG A O   1 
ATOM   607  C CB  . ARG A 1 80  ? 6.493   -7.065  6.915   1.00 27.17 ? 80  ARG A CB  1 
ATOM   608  C CG  . ARG A 1 80  ? 7.576   -8.077  7.205   1.00 25.41 ? 80  ARG A CG  1 
ATOM   609  C CD  . ARG A 1 80  ? 8.830   -7.368  7.656   1.00 25.45 ? 80  ARG A CD  1 
ATOM   610  N NE  . ARG A 1 80  ? 9.961   -8.275  7.808   1.00 31.47 ? 80  ARG A NE  1 
ATOM   611  C CZ  . ARG A 1 80  ? 11.197  -7.881  8.104   1.00 36.07 ? 80  ARG A CZ  1 
ATOM   612  N NH1 . ARG A 1 80  ? 11.463  -6.592  8.273   1.00 37.04 ? 80  ARG A NH1 1 
ATOM   613  N NH2 . ARG A 1 80  ? 12.157  -8.781  8.290   1.00 41.81 ? 80  ARG A NH2 1 
ATOM   614  N N   . ILE A 1 81  ? 3.135   -6.517  5.817   1.00 28.46 ? 81  ILE A N   1 
ATOM   615  C CA  . ILE A 1 81  ? 2.193   -5.431  5.539   1.00 31.31 ? 81  ILE A CA  1 
ATOM   616  C C   . ILE A 1 81  ? 1.349   -5.014  6.744   1.00 35.91 ? 81  ILE A C   1 
ATOM   617  O O   . ILE A 1 81  ? 1.290   -5.745  7.737   1.00 41.77 ? 81  ILE A O   1 
ATOM   618  C CB  . ILE A 1 81  ? 1.246   -5.784  4.369   1.00 30.41 ? 81  ILE A CB  1 
ATOM   619  C CG1 . ILE A 1 81  ? 0.553   -7.128  4.632   1.00 27.53 ? 81  ILE A CG1 1 
ATOM   620  C CG2 . ILE A 1 81  ? 2.026   -5.810  3.084   1.00 30.43 ? 81  ILE A CG2 1 
ATOM   621  C CD1 . ILE A 1 81  ? -0.887  -7.203  4.196   1.00 19.39 ? 81  ILE A CD1 1 
ATOM   622  N N   . THR A 1 82  ? 0.700   -3.845  6.643   1.00 33.41 ? 82  THR A N   1 
ATOM   623  C CA  . THR A 1 82  ? -0.145  -3.275  7.698   1.00 27.20 ? 82  THR A CA  1 
ATOM   624  C C   . THR A 1 82  ? -1.385  -2.707  7.055   1.00 26.31 ? 82  THR A C   1 
ATOM   625  O O   . THR A 1 82  ? -1.309  -1.817  6.203   1.00 26.49 ? 82  THR A O   1 
ATOM   626  C CB  . THR A 1 82  ? 0.535   -2.065  8.395   1.00 29.03 ? 82  THR A CB  1 
ATOM   627  O OG1 . THR A 1 82  ? 1.841   -2.427  8.842   1.00 32.61 ? 82  THR A OG1 1 
ATOM   628  C CG2 . THR A 1 82  ? -0.272  -1.606  9.593   1.00 27.13 ? 82  THR A CG2 1 
ATOM   629  N N   . ASP A 1 83  ? -2.536  -3.177  7.483   1.00 26.30 ? 83  ASP A N   1 
ATOM   630  C CA  . ASP A 1 83  ? -3.760  -2.657  6.907   1.00 26.35 ? 83  ASP A CA  1 
ATOM   631  C C   . ASP A 1 83  ? -4.402  -1.617  7.810   1.00 22.90 ? 83  ASP A C   1 
ATOM   632  O O   . ASP A 1 83  ? -4.396  -1.749  9.032   1.00 21.42 ? 83  ASP A O   1 
ATOM   633  C CB  . ASP A 1 83  ? -4.741  -3.798  6.581   1.00 24.80 ? 83  ASP A CB  1 
ATOM   634  C CG  . ASP A 1 83  ? -4.150  -4.822  5.611   1.00 26.67 ? 83  ASP A CG  1 
ATOM   635  O OD1 . ASP A 1 83  ? -3.427  -4.436  4.665   1.00 19.29 ? 83  ASP A OD1 1 
ATOM   636  O OD2 . ASP A 1 83  ? -4.404  -6.029  5.801   1.00 31.13 ? 83  ASP A OD2 1 
ATOM   637  N N   . CYS A 1 84  ? -4.888  -0.553  7.181   1.00 23.02 ? 84  CYS A N   1 
ATOM   638  C CA  . CYS A 1 84  ? -5.571  0.541   7.843   1.00 19.73 ? 84  CYS A CA  1 
ATOM   639  C C   . CYS A 1 84  ? -6.942  0.710   7.170   1.00 23.08 ? 84  CYS A C   1 
ATOM   640  O O   . CYS A 1 84  ? -7.004  1.033   5.979   1.00 22.56 ? 84  CYS A O   1 
ATOM   641  C CB  . CYS A 1 84  ? -4.761  1.828   7.674   1.00 22.96 ? 84  CYS A CB  1 
ATOM   642  S SG  . CYS A 1 84  ? -3.100  1.820   8.425   1.00 29.72 ? 84  CYS A SG  1 
ATOM   643  N N   . ARG A 1 85  ? -8.024  0.400   7.894   1.00 25.09 ? 85  ARG A N   1 
ATOM   644  C CA  . ARG A 1 85  ? -9.395  0.540   7.385   1.00 20.83 ? 85  ARG A CA  1 
ATOM   645  C C   . ARG A 1 85  ? -10.298 1.324   8.364   1.00 21.50 ? 85  ARG A C   1 
ATOM   646  O O   . ARG A 1 85  ? -10.300 1.085   9.572   1.00 16.40 ? 85  ARG A O   1 
ATOM   647  C CB  . ARG A 1 85  ? -9.982  -0.815  6.977   1.00 18.63 ? 85  ARG A CB  1 
ATOM   648  C CG  . ARG A 1 85  ? -9.845  -1.951  7.945   1.00 19.05 ? 85  ARG A CG  1 
ATOM   649  C CD  . ARG A 1 85  ? -10.669 -3.165  7.446   1.00 26.39 ? 85  ARG A CD  1 
ATOM   650  N NE  . ARG A 1 85  ? -12.104 -2.866  7.310   1.00 35.70 ? 85  ARG A NE  1 
ATOM   651  C CZ  . ARG A 1 85  ? -12.974 -3.220  8.231   1.00 43.33 ? 85  ARG A CZ  1 
ATOM   652  N NH1 . ARG A 1 85  ? -12.623 -3.877  9.334   1.00 47.20 ? 85  ARG A NH1 1 
ATOM   653  N NH2 . ARG A 1 85  ? -14.265 -2.949  8.044   1.00 45.91 ? 85  ARG A NH2 1 
ATOM   654  N N   . LEU A 1 86  ? -10.971 2.341   7.832   1.00 22.52 ? 86  LEU A N   1 
ATOM   655  C CA  . LEU A 1 86  ? -11.851 3.237   8.596   1.00 22.24 ? 86  LEU A CA  1 
ATOM   656  C C   . LEU A 1 86  ? -12.812 2.560   9.542   1.00 23.71 ? 86  LEU A C   1 
ATOM   657  O O   . LEU A 1 86  ? -13.199 1.418   9.329   1.00 28.98 ? 86  LEU A O   1 
ATOM   658  C CB  . LEU A 1 86  ? -12.684 4.115   7.657   1.00 15.40 ? 86  LEU A CB  1 
ATOM   659  C CG  . LEU A 1 86  ? -12.383 5.583   7.385   1.00 13.74 ? 86  LEU A CG  1 
ATOM   660  C CD1 . LEU A 1 86  ? -13.585 6.193   6.715   1.00 15.58 ? 86  LEU A CD1 1 
ATOM   661  C CD2 . LEU A 1 86  ? -12.121 6.314   8.665   1.00 11.49 ? 86  LEU A CD2 1 
ATOM   662  N N   . LYS A 1 87  ? -13.241 3.295   10.567  1.00 23.44 ? 87  LYS A N   1 
ATOM   663  C CA  . LYS A 1 87  ? -14.199 2.778   11.543  1.00 21.15 ? 87  LYS A CA  1 
ATOM   664  C C   . LYS A 1 87  ? -15.613 3.348   11.327  1.00 23.79 ? 87  LYS A C   1 
ATOM   665  O O   . LYS A 1 87  ? -15.792 4.436   10.754  1.00 20.95 ? 87  LYS A O   1 
ATOM   666  C CB  . LYS A 1 87  ? -13.697 3.047   12.943  1.00 19.06 ? 87  LYS A CB  1 
ATOM   667  C CG  . LYS A 1 87  ? -13.441 1.783   13.756  1.00 25.97 ? 87  LYS A CG  1 
ATOM   668  C CD  . LYS A 1 87  ? -12.857 2.123   15.130  1.00 26.16 ? 87  LYS A CD  1 
ATOM   669  C CE  . LYS A 1 87  ? -11.590 2.927   14.978  1.00 23.90 ? 87  LYS A CE  1 
ATOM   670  N NZ  . LYS A 1 87  ? -11.246 3.681   16.211  1.00 32.10 ? 87  LYS A NZ  1 
ATOM   671  N N   . GLY A 1 88  ? -16.623 2.604   11.775  1.00 26.35 ? 88  GLY A N   1 
ATOM   672  C CA  . GLY A 1 88  ? -18.006 3.037   11.600  1.00 20.12 ? 88  GLY A CA  1 
ATOM   673  C C   . GLY A 1 88  ? -18.271 4.440   12.103  1.00 19.16 ? 88  GLY A C   1 
ATOM   674  O O   . GLY A 1 88  ? -18.981 5.219   11.471  1.00 19.31 ? 88  GLY A O   1 
ATOM   675  N N   . SER A 1 89  ? -17.698 4.745   13.261  1.00 20.10 ? 89  SER A N   1 
ATOM   676  C CA  . SER A 1 89  ? -17.856 6.036   13.905  1.00 19.29 ? 89  SER A CA  1 
ATOM   677  C C   . SER A 1 89  ? -17.426 7.222   13.039  1.00 19.00 ? 89  SER A C   1 
ATOM   678  O O   . SER A 1 89  ? -18.200 8.153   12.821  1.00 19.59 ? 89  SER A O   1 
ATOM   679  C CB  . SER A 1 89  ? -17.092 6.029   15.240  1.00 21.08 ? 89  SER A CB  1 
ATOM   680  O OG  . SER A 1 89  ? -15.678 5.958   15.070  1.00 19.01 ? 89  SER A OG  1 
ATOM   681  N N   . SER A 1 90  ? -16.175 7.185   12.596  1.00 19.22 ? 90  SER A N   1 
ATOM   682  C CA  . SER A 1 90  ? -15.544 8.218   11.767  1.00 20.72 ? 90  SER A CA  1 
ATOM   683  C C   . SER A 1 90  ? -16.416 9.255   11.080  1.00 21.92 ? 90  SER A C   1 
ATOM   684  O O   . SER A 1 90  ? -17.285 8.900   10.280  1.00 20.97 ? 90  SER A O   1 
ATOM   685  C CB  . SER A 1 90  ? -14.673 7.556   10.711  1.00 16.85 ? 90  SER A CB  1 
ATOM   686  O OG  . SER A 1 90  ? -13.489 7.036   11.290  1.00 17.45 ? 90  SER A OG  1 
ATOM   687  N N   . LYS A 1 91  ? -16.120 10.535  11.351  1.00 24.61 ? 91  LYS A N   1 
ATOM   688  C CA  . LYS A 1 91  ? -16.826 11.686  10.765  1.00 25.50 ? 91  LYS A CA  1 
ATOM   689  C C   . LYS A 1 91  ? -15.818 12.737  10.356  1.00 25.02 ? 91  LYS A C   1 
ATOM   690  O O   . LYS A 1 91  ? -15.214 13.406  11.201  1.00 25.58 ? 91  LYS A O   1 
ATOM   691  C CB  . LYS A 1 91  ? -17.868 12.261  11.711  1.00 25.03 ? 91  LYS A CB  1 
ATOM   692  C CG  . LYS A 1 91  ? -19.098 11.362  11.828  1.00 26.83 ? 91  LYS A CG  1 
ATOM   693  C CD  . LYS A 1 91  ? -20.008 11.753  12.975  1.00 28.12 ? 91  LYS A CD  1 
ATOM   694  C CE  . LYS A 1 91  ? -20.828 12.979  12.625  1.00 33.61 ? 91  LYS A CE  1 
ATOM   695  N NZ  . LYS A 1 91  ? -19.992 14.199  12.451  1.00 38.03 ? 91  LYS A NZ  1 
ATOM   696  N N   . TYR A 1 92  ? -15.556 12.777  9.053   1.00 26.38 ? 92  TYR A N   1 
ATOM   697  C CA  . TYR A 1 92  ? -14.590 13.707  8.463   1.00 27.31 ? 92  TYR A CA  1 
ATOM   698  C C   . TYR A 1 92  ? -14.806 15.142  9.018   1.00 28.34 ? 92  TYR A C   1 
ATOM   699  O O   . TYR A 1 92  ? -15.946 15.592  9.156   1.00 32.13 ? 92  TYR A O   1 
ATOM   700  C CB  . TYR A 1 92  ? -14.703 13.662  6.921   1.00 25.71 ? 92  TYR A CB  1 
ATOM   701  C CG  . TYR A 1 92  ? -13.834 14.624  6.154   1.00 17.87 ? 92  TYR A CG  1 
ATOM   702  C CD1 . TYR A 1 92  ? -12.470 14.435  6.066   1.00 24.33 ? 92  TYR A CD1 1 
ATOM   703  C CD2 . TYR A 1 92  ? -14.368 15.778  5.617   1.00 24.18 ? 92  TYR A CD2 1 
ATOM   704  C CE1 . TYR A 1 92  ? -11.654 15.366  5.444   1.00 23.41 ? 92  TYR A CE1 1 
ATOM   705  C CE2 . TYR A 1 92  ? -13.575 16.708  4.988   1.00 22.51 ? 92  TYR A CE2 1 
ATOM   706  C CZ  . TYR A 1 92  ? -12.208 16.519  4.932   1.00 24.50 ? 92  TYR A CZ  1 
ATOM   707  O OH  . TYR A 1 92  ? -11.410 17.503  4.428   1.00 23.55 ? 92  TYR A OH  1 
ATOM   708  N N   . PRO A 1 93  ? -13.715 15.849  9.309   1.00 27.57 ? 93  PRO A N   1 
ATOM   709  C CA  . PRO A 1 93  ? -12.312 15.466  9.171   1.00 24.49 ? 93  PRO A CA  1 
ATOM   710  C C   . PRO A 1 93  ? -11.681 14.626  10.283  1.00 28.27 ? 93  PRO A C   1 
ATOM   711  O O   . PRO A 1 93  ? -10.466 14.657  10.426  1.00 32.92 ? 93  PRO A O   1 
ATOM   712  C CB  . PRO A 1 93  ? -11.589 16.797  9.006   1.00 22.49 ? 93  PRO A CB  1 
ATOM   713  C CG  . PRO A 1 93  ? -12.463 17.744  9.819   1.00 21.60 ? 93  PRO A CG  1 
ATOM   714  C CD  . PRO A 1 93  ? -13.851 17.323  9.518   1.00 22.99 ? 93  PRO A CD  1 
ATOM   715  N N   . ASN A 1 94  ? -12.478 13.937  11.109  1.00 28.10 ? 94  ASN A N   1 
ATOM   716  C CA  . ASN A 1 94  ? -11.896 13.100  12.175  1.00 22.72 ? 94  ASN A CA  1 
ATOM   717  C C   . ASN A 1 94  ? -11.935 11.662  11.677  1.00 20.32 ? 94  ASN A C   1 
ATOM   718  O O   . ASN A 1 94  ? -12.922 10.948  11.878  1.00 19.75 ? 94  ASN A O   1 
ATOM   719  C CB  . ASN A 1 94  ? -12.669 13.228  13.508  1.00 27.47 ? 94  ASN A CB  1 
ATOM   720  C CG  . ASN A 1 94  ? -12.777 14.668  14.012  1.00 29.80 ? 94  ASN A CG  1 
ATOM   721  O OD1 . ASN A 1 94  ? -13.872 15.235  14.035  1.00 34.20 ? 94  ASN A OD1 1 
ATOM   722  N ND2 . ASN A 1 94  ? -11.656 15.261  14.411  1.00 25.56 ? 94  ASN A ND2 1 
ATOM   723  N N   . CYS A 1 95  ? -10.898 11.283  10.925  1.00 21.99 ? 95  CYS A N   1 
ATOM   724  C CA  . CYS A 1 95  ? -10.790 9.946   10.333  1.00 21.34 ? 95  CYS A CA  1 
ATOM   725  C C   . CYS A 1 95  ? -10.210 9.007   11.342  1.00 24.65 ? 95  CYS A C   1 
ATOM   726  O O   . CYS A 1 95  ? -9.080  9.212   11.764  1.00 31.44 ? 95  CYS A O   1 
ATOM   727  C CB  . CYS A 1 95  ? -9.855  9.952   9.133   1.00 19.63 ? 95  CYS A CB  1 
ATOM   728  S SG  . CYS A 1 95  ? -10.237 11.155  7.817   1.00 21.70 ? 95  CYS A SG  1 
ATOM   729  N N   . ASP A 1 96  ? -10.923 7.925   11.636  1.00 26.62 ? 96  ASP A N   1 
ATOM   730  C CA  . ASP A 1 96  ? -10.478 6.951   12.627  1.00 28.75 ? 96  ASP A CA  1 
ATOM   731  C C   . ASP A 1 96  ? -10.297 5.538   12.044  1.00 26.99 ? 96  ASP A C   1 
ATOM   732  O O   . ASP A 1 96  ? -11.266 4.907   11.619  1.00 24.85 ? 96  ASP A O   1 
ATOM   733  C CB  . ASP A 1 96  ? -11.504 6.929   13.758  1.00 30.76 ? 96  ASP A CB  1 
ATOM   734  C CG  . ASP A 1 96  ? -10.904 6.552   15.078  1.00 37.12 ? 96  ASP A CG  1 
ATOM   735  O OD1 . ASP A 1 96  ? -9.862  5.847   15.081  1.00 35.79 ? 96  ASP A OD1 1 
ATOM   736  O OD2 . ASP A 1 96  ? -11.479 6.966   16.112  1.00 39.37 ? 96  ASP A OD2 1 
ATOM   737  N N   . TYR A 1 97  ? -9.058  5.040   12.063  1.00 23.68 ? 97  TYR A N   1 
ATOM   738  C CA  . TYR A 1 97  ? -8.717  3.723   11.511  1.00 24.88 ? 97  TYR A CA  1 
ATOM   739  C C   . TYR A 1 97  ? -8.311  2.689   12.557  1.00 26.96 ? 97  TYR A C   1 
ATOM   740  O O   . TYR A 1 97  ? -7.800  3.031   13.639  1.00 26.82 ? 97  TYR A O   1 
ATOM   741  C CB  . TYR A 1 97  ? -7.556  3.819   10.506  1.00 23.57 ? 97  TYR A CB  1 
ATOM   742  C CG  . TYR A 1 97  ? -7.730  4.843   9.425   1.00 23.02 ? 97  TYR A CG  1 
ATOM   743  C CD1 . TYR A 1 97  ? -7.325  6.166   9.624   1.00 23.98 ? 97  TYR A CD1 1 
ATOM   744  C CD2 . TYR A 1 97  ? -8.261  4.494   8.182   1.00 25.31 ? 97  TYR A CD2 1 
ATOM   745  C CE1 . TYR A 1 97  ? -7.482  7.125   8.632   1.00 24.92 ? 97  TYR A CE1 1 
ATOM   746  C CE2 . TYR A 1 97  ? -8.428  5.457   7.168   1.00 20.33 ? 97  TYR A CE2 1 
ATOM   747  C CZ  . TYR A 1 97  ? -8.016  6.759   7.391   1.00 21.36 ? 97  TYR A CZ  1 
ATOM   748  O OH  . TYR A 1 97  ? -8.184  7.718   6.438   1.00 18.94 ? 97  TYR A OH  1 
ATOM   749  N N   . THR A 1 98  ? -8.416  1.427   12.128  1.00 26.53 ? 98  THR A N   1 
ATOM   750  C CA  . THR A 1 98  ? -8.072  0.230   12.889  1.00 22.50 ? 98  THR A CA  1 
ATOM   751  C C   . THR A 1 98  ? -6.745  -0.312  12.309  1.00 22.98 ? 98  THR A C   1 
ATOM   752  O O   . THR A 1 98  ? -6.638  -0.565  11.106  1.00 21.35 ? 98  THR A O   1 
ATOM   753  C CB  . THR A 1 98  ? -9.182  -0.834  12.712  1.00 25.62 ? 98  THR A CB  1 
ATOM   754  O OG1 . THR A 1 98  ? -10.240 -0.303  11.890  1.00 28.20 ? 98  THR A OG1 1 
ATOM   755  C CG2 . THR A 1 98  ? -9.761  -1.207  14.041  1.00 25.12 ? 98  THR A CG2 1 
ATOM   756  N N   . THR A 1 99  ? -5.736  -0.473  13.153  1.00 22.88 ? 99  THR A N   1 
ATOM   757  C CA  . THR A 1 99  ? -4.445  -0.946  12.696  1.00 19.69 ? 99  THR A CA  1 
ATOM   758  C C   . THR A 1 99  ? -4.317  -2.453  12.770  1.00 23.23 ? 99  THR A C   1 
ATOM   759  O O   . THR A 1 99  ? -4.256  -2.996  13.855  1.00 30.96 ? 99  THR A O   1 
ATOM   760  C CB  . THR A 1 99  ? -3.330  -0.269  13.514  1.00 13.42 ? 99  THR A CB  1 
ATOM   761  O OG1 . THR A 1 99  ? -3.394  1.140   13.285  1.00 17.31 ? 99  THR A OG1 1 
ATOM   762  C CG2 . THR A 1 99  ? -1.961  -0.746  13.086  1.00 12.97 ? 99  THR A CG2 1 
ATOM   763  N N   . THR A 1 100 ? -4.268  -3.130  11.619  1.00 25.16 ? 100 THR A N   1 
ATOM   764  C CA  . THR A 1 100 ? -4.139  -4.595  11.589  1.00 24.00 ? 100 THR A CA  1 
ATOM   765  C C   . THR A 1 100 ? -2.828  -5.069  11.036  1.00 23.44 ? 100 THR A C   1 
ATOM   766  O O   . THR A 1 100 ? -2.455  -4.742  9.911   1.00 29.51 ? 100 THR A O   1 
ATOM   767  C CB  . THR A 1 100 ? -5.212  -5.265  10.749  1.00 20.50 ? 100 THR A CB  1 
ATOM   768  O OG1 . THR A 1 100 ? -6.488  -5.064  11.349  1.00 28.85 ? 100 THR A OG1 1 
ATOM   769  C CG2 . THR A 1 100 ? -4.949  -6.746  10.657  1.00 20.63 ? 100 THR A CG2 1 
ATOM   770  N N   . ASP A 1 101 ? -2.148  -5.911  11.786  1.00 25.24 ? 101 ASP A N   1 
ATOM   771  C CA  . ASP A 1 101 ? -0.887  -6.402  11.281  1.00 26.22 ? 101 ASP A CA  1 
ATOM   772  C C   . ASP A 1 101 ? -1.051  -7.754  10.636  1.00 25.46 ? 101 ASP A C   1 
ATOM   773  O O   . ASP A 1 101 ? -1.934  -8.535  10.994  1.00 27.70 ? 101 ASP A O   1 
ATOM   774  C CB  . ASP A 1 101 ? 0.197   -6.341  12.339  1.00 26.70 ? 101 ASP A CB  1 
ATOM   775  C CG  . ASP A 1 101 ? 0.933   -5.031  12.300  1.00 23.46 ? 101 ASP A CG  1 
ATOM   776  O OD1 . ASP A 1 101 ? 1.320   -4.613  11.188  1.00 28.76 ? 101 ASP A OD1 1 
ATOM   777  O OD2 . ASP A 1 101 ? 1.128   -4.397  13.350  1.00 31.36 ? 101 ASP A OD2 1 
ATOM   778  N N   . SER A 1 102 ? -0.175  -8.035  9.694   1.00 22.81 ? 102 SER A N   1 
ATOM   779  C CA  . SER A 1 102 ? -0.272  -9.260  8.941   1.00 25.42 ? 102 SER A CA  1 
ATOM   780  C C   . SER A 1 102 ? 0.977   -9.494  8.100   1.00 26.06 ? 102 SER A C   1 
ATOM   781  O O   . SER A 1 102 ? 1.947   -8.728  8.164   1.00 21.37 ? 102 SER A O   1 
ATOM   782  C CB  . SER A 1 102 ? -1.496  -9.117  8.033   1.00 25.73 ? 102 SER A CB  1 
ATOM   783  O OG  . SER A 1 102 ? -1.607  -10.204 7.133   1.00 35.40 ? 102 SER A OG  1 
ATOM   784  N N   . GLN A 1 103 ? 0.912   -10.527 7.268   1.00 25.26 ? 103 GLN A N   1 
ATOM   785  C CA  . GLN A 1 103 ? 2.001   -10.888 6.389   1.00 24.74 ? 103 GLN A CA  1 
ATOM   786  C C   . GLN A 1 103 ? 1.426   -11.786 5.285   1.00 28.94 ? 103 GLN A C   1 
ATOM   787  O O   . GLN A 1 103 ? 1.283   -12.991 5.486   1.00 31.09 ? 103 GLN A O   1 
ATOM   788  C CB  . GLN A 1 103 ? 3.050   -11.636 7.197   1.00 23.84 ? 103 GLN A CB  1 
ATOM   789  C CG  . GLN A 1 103 ? 4.448   -11.564 6.641   1.00 26.98 ? 103 GLN A CG  1 
ATOM   790  C CD  . GLN A 1 103 ? 5.409   -12.459 7.389   1.00 31.66 ? 103 GLN A CD  1 
ATOM   791  O OE1 . GLN A 1 103 ? 5.102   -12.923 8.483   1.00 32.98 ? 103 GLN A OE1 1 
ATOM   792  N NE2 . GLN A 1 103 ? 6.577   -12.720 6.797   1.00 36.28 ? 103 GLN A NE2 1 
ATOM   793  N N   . LYS A 1 104 ? 1.064   -11.183 4.143   1.00 28.26 ? 104 LYS A N   1 
ATOM   794  C CA  . LYS A 1 104 ? 0.468   -11.886 2.995   1.00 24.27 ? 104 LYS A CA  1 
ATOM   795  C C   . LYS A 1 104 ? 1.206   -11.518 1.695   1.00 21.95 ? 104 LYS A C   1 
ATOM   796  O O   . LYS A 1 104 ? 2.084   -10.658 1.724   1.00 20.93 ? 104 LYS A O   1 
ATOM   797  C CB  . LYS A 1 104 ? -1.002  -11.504 2.894   1.00 24.93 ? 104 LYS A CB  1 
ATOM   798  C CG  . LYS A 1 104 ? -1.705  -11.359 4.232   1.00 27.94 ? 104 LYS A CG  1 
ATOM   799  C CD  . LYS A 1 104 ? -3.201  -11.128 4.106   1.00 35.01 ? 104 LYS A CD  1 
ATOM   800  C CE  . LYS A 1 104 ? -3.556  -9.760  3.519   1.00 33.50 ? 104 LYS A CE  1 
ATOM   801  N NZ  . LYS A 1 104 ? -4.071  -8.853  4.571   1.00 37.62 ? 104 LYS A NZ  1 
ATOM   802  N N   . HIS A 1 105 ? 0.901   -12.166 0.565   1.00 21.03 ? 105 HIS A N   1 
ATOM   803  C CA  . HIS A 1 105 ? 1.568   -11.822 -0.712  1.00 19.34 ? 105 HIS A CA  1 
ATOM   804  C C   . HIS A 1 105 ? 0.878   -10.591 -1.241  1.00 21.14 ? 105 HIS A C   1 
ATOM   805  O O   . HIS A 1 105 ? -0.326  -10.464 -1.074  1.00 28.08 ? 105 HIS A O   1 
ATOM   806  C CB  . HIS A 1 105 ? 1.379   -12.876 -1.794  1.00 14.70 ? 105 HIS A CB  1 
ATOM   807  C CG  . HIS A 1 105 ? 1.779   -14.257 -1.397  1.00 10.72 ? 105 HIS A CG  1 
ATOM   808  N ND1 . HIS A 1 105 ? 2.964   -14.827 -1.805  1.00 9.73  ? 105 HIS A ND1 1 
ATOM   809  C CD2 . HIS A 1 105 ? 1.131   -15.207 -0.686  1.00 6.65  ? 105 HIS A CD2 1 
ATOM   810  C CE1 . HIS A 1 105 ? 3.029   -16.065 -1.361  1.00 12.87 ? 105 HIS A CE1 1 
ATOM   811  N NE2 . HIS A 1 105 ? 1.928   -16.321 -0.678  1.00 11.19 ? 105 HIS A NE2 1 
ATOM   812  N N   . ILE A 1 106 ? 1.599   -9.711  -1.928  1.00 21.31 ? 106 ILE A N   1 
ATOM   813  C CA  . ILE A 1 106 ? 0.971   -8.499  -2.466  1.00 20.00 ? 106 ILE A CA  1 
ATOM   814  C C   . ILE A 1 106 ? 0.932   -8.544  -3.992  1.00 22.31 ? 106 ILE A C   1 
ATOM   815  O O   . ILE A 1 106 ? 1.834   -9.112  -4.617  1.00 20.05 ? 106 ILE A O   1 
ATOM   816  C CB  . ILE A 1 106 ? 1.718   -7.210  -1.980  1.00 17.60 ? 106 ILE A CB  1 
ATOM   817  C CG1 . ILE A 1 106 ? 2.927   -6.907  -2.879  1.00 20.58 ? 106 ILE A CG1 1 
ATOM   818  C CG2 . ILE A 1 106 ? 2.161   -7.375  -0.534  1.00 16.03 ? 106 ILE A CG2 1 
ATOM   819  C CD1 . ILE A 1 106 ? 3.551   -5.499  -2.705  1.00 5.01  ? 106 ILE A CD1 1 
ATOM   820  N N   . ILE A 1 107 ? -0.137  -8.033  -4.591  1.00 19.82 ? 107 ILE A N   1 
ATOM   821  C CA  . ILE A 1 107 ? -0.215  -8.005  -6.051  1.00 23.14 ? 107 ILE A CA  1 
ATOM   822  C C   . ILE A 1 107 ? -0.104  -6.517  -6.419  1.00 27.69 ? 107 ILE A C   1 
ATOM   823  O O   . ILE A 1 107 ? -0.916  -5.697  -5.985  1.00 31.58 ? 107 ILE A O   1 
ATOM   824  C CB  . ILE A 1 107 ? -1.555  -8.646  -6.553  1.00 20.98 ? 107 ILE A CB  1 
ATOM   825  C CG1 . ILE A 1 107 ? -1.633  -10.106 -6.107  1.00 17.31 ? 107 ILE A CG1 1 
ATOM   826  C CG2 . ILE A 1 107 ? -1.692  -8.537  -8.063  1.00 20.65 ? 107 ILE A CG2 1 
ATOM   827  C CD1 . ILE A 1 107 ? -2.961  -10.779 -6.350  1.00 17.99 ? 107 ILE A CD1 1 
ATOM   828  N N   . ILE A 1 108 ? 0.973   -6.140  -7.094  1.00 27.45 ? 108 ILE A N   1 
ATOM   829  C CA  . ILE A 1 108 ? 1.157   -4.735  -7.474  1.00 24.36 ? 108 ILE A CA  1 
ATOM   830  C C   . ILE A 1 108 ? 1.013   -4.613  -8.966  1.00 27.33 ? 108 ILE A C   1 
ATOM   831  O O   . ILE A 1 108 ? 1.040   -5.619  -9.670  1.00 38.46 ? 108 ILE A O   1 
ATOM   832  C CB  . ILE A 1 108 ? 2.568   -4.194  -7.076  1.00 20.97 ? 108 ILE A CB  1 
ATOM   833  C CG1 . ILE A 1 108 ? 3.673   -5.114  -7.639  1.00 17.16 ? 108 ILE A CG1 1 
ATOM   834  C CG2 . ILE A 1 108 ? 2.637   -3.958  -5.557  1.00 15.02 ? 108 ILE A CG2 1 
ATOM   835  C CD1 . ILE A 1 108 ? 5.068   -4.520  -7.662  1.00 14.57 ? 108 ILE A CD1 1 
ATOM   836  N N   . ALA A 1 109 ? 0.882   -3.385  -9.451  1.00 27.96 ? 109 ALA A N   1 
ATOM   837  C CA  . ALA A 1 109 ? 0.770   -3.107  -10.877 1.00 17.42 ? 109 ALA A CA  1 
ATOM   838  C C   . ALA A 1 109 ? 1.969   -2.271  -11.249 1.00 17.17 ? 109 ALA A C   1 
ATOM   839  O O   . ALA A 1 109 ? 2.180   -1.213  -10.670 1.00 19.63 ? 109 ALA A O   1 
ATOM   840  C CB  . ALA A 1 109 ? -0.476  -2.327  -11.123 1.00 15.45 ? 109 ALA A CB  1 
ATOM   841  N N   . CYS A 1 110 ? 2.787   -2.747  -12.173 1.00 18.77 ? 110 CYS A N   1 
ATOM   842  C CA  . CYS A 1 110 ? 3.954   -1.975  -12.601 1.00 17.28 ? 110 CYS A CA  1 
ATOM   843  C C   . CYS A 1 110 ? 3.722   -1.363  -13.983 1.00 18.95 ? 110 CYS A C   1 
ATOM   844  O O   . CYS A 1 110 ? 2.798   -1.754  -14.703 1.00 22.87 ? 110 CYS A O   1 
ATOM   845  C CB  . CYS A 1 110 ? 5.177   -2.864  -12.683 1.00 11.54 ? 110 CYS A CB  1 
ATOM   846  S SG  . CYS A 1 110 ? 5.388   -4.026  -11.306 1.00 28.59 ? 110 CYS A SG  1 
ATOM   847  N N   . ASP A 1 111 ? 4.569   -0.410  -14.356 1.00 16.83 ? 111 ASP A N   1 
ATOM   848  C CA  . ASP A 1 111 ? 4.472   0.228   -15.660 1.00 12.16 ? 111 ASP A CA  1 
ATOM   849  C C   . ASP A 1 111 ? 5.674   1.141   -15.927 1.00 16.47 ? 111 ASP A C   1 
ATOM   850  O O   . ASP A 1 111 ? 6.522   1.354   -15.059 1.00 18.87 ? 111 ASP A O   1 
ATOM   851  C CB  . ASP A 1 111 ? 3.154   1.000   -15.782 1.00 8.81  ? 111 ASP A CB  1 
ATOM   852  C CG  . ASP A 1 111 ? 2.831   1.416   -17.220 1.00 10.74 ? 111 ASP A CG  1 
ATOM   853  O OD1 . ASP A 1 111 ? 2.617   0.551   -18.105 1.00 5.47  ? 111 ASP A OD1 1 
ATOM   854  O OD2 . ASP A 1 111 ? 2.788   2.634   -17.460 1.00 18.24 ? 111 ASP A OD2 1 
ATOM   855  N N   . GLY A 1 112 ? 5.766   1.622   -17.161 1.00 17.31 ? 112 GLY A N   1 
ATOM   856  C CA  . GLY A 1 112 ? 6.818   2.536   -17.553 1.00 14.61 ? 112 GLY A CA  1 
ATOM   857  C C   . GLY A 1 112 ? 8.096   1.884   -17.984 1.00 20.71 ? 112 GLY A C   1 
ATOM   858  O O   . GLY A 1 112 ? 8.178   0.688   -18.268 1.00 25.08 ? 112 GLY A O   1 
ATOM   859  N N   . ASN A 1 113 ? 9.083   2.735   -18.167 1.00 21.10 ? 113 ASN A N   1 
ATOM   860  C CA  . ASN A 1 113 ? 10.401  2.295   -18.538 1.00 21.57 ? 113 ASN A CA  1 
ATOM   861  C C   . ASN A 1 113 ? 11.330  3.415   -18.104 1.00 20.64 ? 113 ASN A C   1 
ATOM   862  O O   . ASN A 1 113 ? 11.390  4.462   -18.760 1.00 18.73 ? 113 ASN A O   1 
ATOM   863  C CB  . ASN A 1 113 ? 10.514  2.049   -20.037 1.00 21.04 ? 113 ASN A CB  1 
ATOM   864  C CG  . ASN A 1 113 ? 11.737  1.239   -20.388 1.00 24.96 ? 113 ASN A CG  1 
ATOM   865  O OD1 . ASN A 1 113 ? 12.834  1.777   -20.550 1.00 23.26 ? 113 ASN A OD1 1 
ATOM   866  N ND2 . ASN A 1 113 ? 11.564  -0.080  -20.468 1.00 30.01 ? 113 ASN A ND2 1 
ATOM   867  N N   . PRO A 1 114 ? 12.086  3.186   -17.005 1.00 19.68 ? 114 PRO A N   1 
ATOM   868  C CA  . PRO A 1 114 ? 12.160  1.970   -16.160 1.00 17.43 ? 114 PRO A CA  1 
ATOM   869  C C   . PRO A 1 114 ? 10.867  1.391   -15.584 1.00 19.67 ? 114 PRO A C   1 
ATOM   870  O O   . PRO A 1 114 ? 10.132  2.096   -14.910 1.00 26.75 ? 114 PRO A O   1 
ATOM   871  C CB  . PRO A 1 114 ? 13.134  2.370   -15.058 1.00 16.10 ? 114 PRO A CB  1 
ATOM   872  C CG  . PRO A 1 114 ? 13.114  3.882   -15.085 1.00 19.38 ? 114 PRO A CG  1 
ATOM   873  C CD  . PRO A 1 114 ? 13.052  4.192   -16.534 1.00 18.96 ? 114 PRO A CD  1 
ATOM   874  N N   . TYR A 1 115 ? 10.612  0.107   -15.847 1.00 19.22 ? 115 TYR A N   1 
ATOM   875  C CA  . TYR A 1 115 ? 9.410   -0.590  -15.382 1.00 13.93 ? 115 TYR A CA  1 
ATOM   876  C C   . TYR A 1 115 ? 9.367   -0.578  -13.849 1.00 18.21 ? 115 TYR A C   1 
ATOM   877  O O   . TYR A 1 115 ? 9.941   -1.470  -13.205 1.00 14.21 ? 115 TYR A O   1 
ATOM   878  C CB  . TYR A 1 115 ? 9.495   -2.022  -15.878 1.00 11.17 ? 115 TYR A CB  1 
ATOM   879  C CG  . TYR A 1 115 ? 8.196   -2.769  -16.021 1.00 7.97  ? 115 TYR A CG  1 
ATOM   880  C CD1 . TYR A 1 115 ? 7.105   -2.204  -16.660 1.00 13.17 ? 115 TYR A CD1 1 
ATOM   881  C CD2 . TYR A 1 115 ? 8.082   -4.070  -15.561 1.00 7.21  ? 115 TYR A CD2 1 
ATOM   882  C CE1 . TYR A 1 115 ? 5.920   -2.938  -16.834 1.00 15.14 ? 115 TYR A CE1 1 
ATOM   883  C CE2 . TYR A 1 115 ? 6.921   -4.795  -15.723 1.00 10.44 ? 115 TYR A CE2 1 
ATOM   884  C CZ  . TYR A 1 115 ? 5.845   -4.241  -16.360 1.00 13.30 ? 115 TYR A CZ  1 
ATOM   885  O OH  . TYR A 1 115 ? 4.707   -4.996  -16.504 1.00 16.52 ? 115 TYR A OH  1 
ATOM   886  N N   . VAL A 1 116 ? 8.683   0.413   -13.261 1.00 13.60 ? 116 VAL A N   1 
ATOM   887  C CA  . VAL A 1 116 ? 8.609   0.550   -11.792 1.00 12.43 ? 116 VAL A CA  1 
ATOM   888  C C   . VAL A 1 116 ? 7.183   0.393   -11.264 1.00 10.88 ? 116 VAL A C   1 
ATOM   889  O O   . VAL A 1 116 ? 6.230   0.543   -12.021 1.00 14.48 ? 116 VAL A O   1 
ATOM   890  C CB  . VAL A 1 116 ? 9.202   1.940   -11.302 1.00 13.11 ? 116 VAL A CB  1 
ATOM   891  C CG1 . VAL A 1 116 ? 10.689  2.069   -11.630 1.00 6.64  ? 116 VAL A CG1 1 
ATOM   892  C CG2 . VAL A 1 116 ? 8.443   3.093   -11.908 1.00 15.63 ? 116 VAL A CG2 1 
ATOM   893  N N   . PRO A 1 117 ? 7.021   0.050   -9.967  1.00 9.78  ? 117 PRO A N   1 
ATOM   894  C CA  . PRO A 1 117 ? 5.696   -0.123  -9.351  1.00 12.89 ? 117 PRO A CA  1 
ATOM   895  C C   . PRO A 1 117 ? 4.853   1.150   -9.467  1.00 15.62 ? 117 PRO A C   1 
ATOM   896  O O   . PRO A 1 117 ? 5.397   2.250   -9.330  1.00 21.37 ? 117 PRO A O   1 
ATOM   897  C CB  . PRO A 1 117 ? 6.038   -0.383  -7.880  1.00 8.81  ? 117 PRO A CB  1 
ATOM   898  C CG  . PRO A 1 117 ? 7.378   -0.980  -7.928  1.00 7.69  ? 117 PRO A CG  1 
ATOM   899  C CD  . PRO A 1 117 ? 8.086   -0.179  -8.972  1.00 10.23 ? 117 PRO A CD  1 
ATOM   900  N N   . VAL A 1 118 ? 3.538   1.026   -9.637  1.00 10.77 ? 118 VAL A N   1 
ATOM   901  C CA  . VAL A 1 118 ? 2.709   2.227   -9.753  1.00 15.75 ? 118 VAL A CA  1 
ATOM   902  C C   . VAL A 1 118 ? 1.364   2.224   -8.983  1.00 20.90 ? 118 VAL A C   1 
ATOM   903  O O   . VAL A 1 118 ? 0.810   3.294   -8.692  1.00 22.85 ? 118 VAL A O   1 
ATOM   904  C CB  . VAL A 1 118 ? 2.531   2.643   -11.260 1.00 16.35 ? 118 VAL A CB  1 
ATOM   905  C CG1 . VAL A 1 118 ? 3.855   3.135   -11.830 1.00 15.11 ? 118 VAL A CG1 1 
ATOM   906  C CG2 . VAL A 1 118 ? 2.029   1.468   -12.091 1.00 22.32 ? 118 VAL A CG2 1 
ATOM   907  N N   . HIS A 1 119 ? 0.825   1.035   -8.676  1.00 23.53 ? 119 HIS A N   1 
ATOM   908  C CA  . HIS A 1 119 ? -0.440  0.914   -7.921  1.00 21.67 ? 119 HIS A CA  1 
ATOM   909  C C   . HIS A 1 119 ? -0.446  -0.411  -7.164  1.00 23.69 ? 119 HIS A C   1 
ATOM   910  O O   . HIS A 1 119 ? 0.144   -1.391  -7.639  1.00 13.80 ? 119 HIS A O   1 
ATOM   911  C CB  . HIS A 1 119 ? -1.661  0.929   -8.826  1.00 27.01 ? 119 HIS A CB  1 
ATOM   912  C CG  . HIS A 1 119 ? -1.582  1.905   -9.956  1.00 37.67 ? 119 HIS A CG  1 
ATOM   913  N ND1 . HIS A 1 119 ? -1.309  1.511   -11.250 1.00 42.78 ? 119 HIS A ND1 1 
ATOM   914  C CD2 . HIS A 1 119 ? -1.756  3.252   -10.000 1.00 40.37 ? 119 HIS A CD2 1 
ATOM   915  C CE1 . HIS A 1 119 ? -1.315  2.573   -12.035 1.00 46.28 ? 119 HIS A CE1 1 
ATOM   916  N NE2 . HIS A 1 119 ? -1.578  3.635   -11.300 1.00 40.43 ? 119 HIS A NE2 1 
ATOM   917  N N   . PHE A 1 120 ? -1.129  -0.429  -6.010  1.00 23.92 ? 120 PHE A N   1 
ATOM   918  C CA  . PHE A 1 120 ? -1.275  -1.603  -5.125  1.00 16.13 ? 120 PHE A CA  1 
ATOM   919  C C   . PHE A 1 120 ? -2.602  -2.260  -5.466  1.00 19.68 ? 120 PHE A C   1 
ATOM   920  O O   . PHE A 1 120 ? -3.660  -1.706  -5.176  1.00 18.49 ? 120 PHE A O   1 
ATOM   921  C CB  . PHE A 1 120 ? -1.332  -1.113  -3.682  1.00 15.12 ? 120 PHE A CB  1 
ATOM   922  C CG  . PHE A 1 120 ? -1.166  -2.193  -2.640  1.00 9.97  ? 120 PHE A CG  1 
ATOM   923  C CD1 . PHE A 1 120 ? 0.105   -2.537  -2.178  1.00 12.41 ? 120 PHE A CD1 1 
ATOM   924  C CD2 . PHE A 1 120 ? -2.266  -2.851  -2.122  1.00 2.16  ? 120 PHE A CD2 1 
ATOM   925  C CE1 . PHE A 1 120 ? 0.268   -3.533  -1.218  1.00 12.31 ? 120 PHE A CE1 1 
ATOM   926  C CE2 . PHE A 1 120 ? -2.119  -3.833  -1.173  1.00 2.93  ? 120 PHE A CE2 1 
ATOM   927  C CZ  . PHE A 1 120 ? -0.848  -4.180  -0.722  1.00 10.35 ? 120 PHE A CZ  1 
ATOM   928  N N   . ASP A 1 121 ? -2.568  -3.460  -6.045  1.00 22.31 ? 121 ASP A N   1 
ATOM   929  C CA  . ASP A 1 121 ? -3.812  -4.135  -6.413  1.00 19.30 ? 121 ASP A CA  1 
ATOM   930  C C   . ASP A 1 121 ? -4.530  -4.931  -5.328  1.00 18.89 ? 121 ASP A C   1 
ATOM   931  O O   . ASP A 1 121 ? -5.708  -4.693  -5.067  1.00 18.48 ? 121 ASP A O   1 
ATOM   932  C CB  . ASP A 1 121 ? -3.589  -5.029  -7.624  1.00 21.31 ? 121 ASP A CB  1 
ATOM   933  C CG  . ASP A 1 121 ? -4.764  -4.987  -8.599  1.00 28.62 ? 121 ASP A CG  1 
ATOM   934  O OD1 . ASP A 1 121 ? -5.218  -3.854  -8.956  1.00 20.21 ? 121 ASP A OD1 1 
ATOM   935  O OD2 . ASP A 1 121 ? -5.223  -6.086  -8.994  1.00 24.57 ? 121 ASP A OD2 1 
ATOM   936  N N   . ALA A 1 122 ? -3.833  -5.876  -4.700  1.00 18.31 ? 122 ALA A N   1 
ATOM   937  C CA  . ALA A 1 122 ? -4.459  -6.707  -3.674  1.00 19.25 ? 122 ALA A CA  1 
ATOM   938  C C   . ALA A 1 122 ? -3.507  -7.424  -2.727  1.00 18.49 ? 122 ALA A C   1 
ATOM   939  O O   . ALA A 1 122 ? -2.285  -7.394  -2.910  1.00 16.06 ? 122 ALA A O   1 
ATOM   940  C CB  . ALA A 1 122 ? -5.352  -7.712  -4.356  1.00 23.04 ? 122 ALA A CB  1 
ATOM   941  N N   . SER A 1 123 ? -4.102  -8.120  -1.755  1.00 19.26 ? 123 SER A N   1 
ATOM   942  C CA  . SER A 1 123 ? -3.390  -8.890  -0.718  1.00 18.24 ? 123 SER A CA  1 
ATOM   943  C C   . SER A 1 123 ? -3.944  -10.291 -0.706  1.00 21.29 ? 123 SER A C   1 
ATOM   944  O O   . SER A 1 123 ? -5.152  -10.468 -0.509  1.00 25.07 ? 123 SER A O   1 
ATOM   945  C CB  . SER A 1 123 ? -3.666  -8.297  0.649   1.00 11.93 ? 123 SER A CB  1 
ATOM   946  O OG  . SER A 1 123 ? -3.123  -6.995  0.729   1.00 10.74 ? 123 SER A OG  1 
ATOM   947  N N   . VAL A 1 124 ? -3.070  -11.281 -0.857  1.00 19.51 ? 124 VAL A N   1 
ATOM   948  C CA  . VAL A 1 124 ? -3.503  -12.672 -0.893  1.00 23.65 ? 124 VAL A CA  1 
ATOM   949  C C   . VAL A 1 124 ? -2.860  -13.633 0.132   1.00 29.18 ? 124 VAL A C   1 
ATOM   950  O O   . VAL A 1 124 ? -3.628  -14.254 0.915   1.00 32.05 ? 124 VAL A O   1 
ATOM   951  C CB  . VAL A 1 124 ? -3.382  -13.229 -2.350  1.00 20.33 ? 124 VAL A CB  1 
ATOM   952  C CG1 . VAL A 1 124 ? -4.318  -12.453 -3.265  1.00 16.97 ? 124 VAL A CG1 1 
ATOM   953  C CG2 . VAL A 1 124 ? -1.955  -13.116 -2.867  1.00 19.43 ? 124 VAL A CG2 1 
ATOM   954  O OXT . VAL A 1 124 ? -1.608  -13.754 0.173   1.00 33.96 ? 124 VAL A OXT 1 
HETATM 955  P P   . PO4 B 2 .   ? -3.406  2.453   -5.281  1.00 57.12 ? 125 PO4 A P   1 
HETATM 956  O O1  . PO4 B 2 .   ? -3.549  2.498   -6.777  1.00 57.16 ? 125 PO4 A O1  1 
HETATM 957  O O2  . PO4 B 2 .   ? -2.078  1.891   -4.951  1.00 49.64 ? 125 PO4 A O2  1 
HETATM 958  O O3  . PO4 B 2 .   ? -3.484  3.798   -4.684  1.00 58.07 ? 125 PO4 A O3  1 
HETATM 959  O O4  . PO4 B 2 .   ? -4.475  1.629   -4.656  1.00 52.65 ? 125 PO4 A O4  1 
HETATM 960  O O   . HOH C 3 .   ? 4.969   17.119  -10.908 1.00 20.44 ? 126 HOH A O   1 
HETATM 961  O O   . HOH C 3 .   ? 5.201   15.745  -5.842  1.00 7.31  ? 128 HOH A O   1 
HETATM 962  O O   . HOH C 3 .   ? -3.472  -3.511  17.975  1.00 11.88 ? 129 HOH A O   1 
HETATM 963  O O   . HOH C 3 .   ? 5.907   11.850  -4.010  1.00 8.56  ? 130 HOH A O   1 
HETATM 964  O O   . HOH C 3 .   ? -0.400  4.417   -4.903  1.00 2.00  ? 131 HOH A O   1 
HETATM 965  O O   . HOH C 3 .   ? 0.088   10.763  -9.744  1.00 11.53 ? 134 HOH A O   1 
HETATM 966  O O   . HOH C 3 .   ? 7.218   13.459  -12.545 1.00 9.29  ? 135 HOH A O   1 
HETATM 967  O O   . HOH C 3 .   ? 7.176   5.303   10.584  1.00 17.70 ? 137 HOH A O   1 
HETATM 968  O O   . HOH C 3 .   ? 13.103  6.404   -2.726  1.00 12.06 ? 138 HOH A O   1 
HETATM 969  O O   . HOH C 3 .   ? -6.631  10.432  -0.425  1.00 21.08 ? 139 HOH A O   1 
HETATM 970  O O   . HOH C 3 .   ? 13.363  4.213   -7.713  1.00 10.26 ? 141 HOH A O   1 
HETATM 971  O O   . HOH C 3 .   ? 9.268   2.705   -7.459  1.00 3.60  ? 142 HOH A O   1 
HETATM 972  O O   . HOH C 3 .   ? 10.296  6.703   -8.100  1.00 21.06 ? 143 HOH A O   1 
HETATM 973  O O   . HOH C 3 .   ? -4.264  4.212   21.203  1.00 4.28  ? 145 HOH A O   1 
HETATM 974  O O   . HOH C 3 .   ? 3.354   -6.367  10.017  1.00 8.46  ? 146 HOH A O   1 
HETATM 975  O O   . HOH C 3 .   ? -8.389  4.332   16.896  1.00 12.96 ? 147 HOH A O   1 
HETATM 976  O O   . HOH C 3 .   ? -1.914  -7.217  14.542  1.00 6.09  ? 148 HOH A O   1 
HETATM 977  O O   . HOH C 3 .   ? -6.363  0.146   16.069  1.00 13.86 ? 149 HOH A O   1 
HETATM 978  O O   . HOH C 3 .   ? -4.720  0.119   -0.685  1.00 15.54 ? 150 HOH A O   1 
HETATM 979  O O   . HOH C 3 .   ? 0.348   13.404  11.695  1.00 20.20 ? 152 HOH A O   1 
HETATM 980  O O   . HOH C 3 .   ? 12.332  -4.187  -13.724 1.00 16.90 ? 154 HOH A O   1 
HETATM 981  O O   . HOH C 3 .   ? -0.341  5.899   -7.501  1.00 17.36 ? 156 HOH A O   1 
HETATM 982  O O   . HOH C 3 .   ? -6.150  -3.250  -11.437 1.00 3.21  ? 157 HOH A O   1 
HETATM 983  O O   . HOH C 3 .   ? -9.636  -7.251  9.517   1.00 23.38 ? 159 HOH A O   1 
HETATM 984  O O   . HOH C 3 .   ? -5.110  3.401   13.989  1.00 6.78  ? 160 HOH A O   1 
HETATM 985  O O   . HOH C 3 .   ? 7.431   -9.222  -16.317 1.00 11.10 ? 163 HOH A O   1 
HETATM 986  O O   . HOH C 3 .   ? -13.851 -1.859  10.909  1.00 19.93 ? 166 HOH A O   1 
HETATM 987  O O   . HOH C 3 .   ? -17.132 -0.185  10.803  1.00 17.68 ? 167 HOH A O   1 
HETATM 988  O O   . HOH C 3 .   ? -16.418 3.214   16.028  1.00 24.74 ? 168 HOH A O   1 
HETATM 989  O O   . HOH C 3 .   ? 4.239   6.125   3.630   1.00 15.63 ? 170 HOH A O   1 
HETATM 990  O O   . HOH C 3 .   ? -3.313  11.428  -1.685  1.00 37.18 ? 171 HOH A O   1 
HETATM 991  O O   . HOH C 3 .   ? -7.698  -10.263 1.769   1.00 13.20 ? 174 HOH A O   1 
HETATM 992  O O   . HOH C 3 .   ? -5.755  -9.904  -8.312  1.00 16.16 ? 175 HOH A O   1 
HETATM 993  O O   . HOH C 3 .   ? -4.066  0.144   -12.031 1.00 10.33 ? 176 HOH A O   1 
HETATM 994  O O   . HOH C 3 .   ? -0.727  1.136   -15.092 1.00 13.59 ? 178 HOH A O   1 
HETATM 995  O O   . HOH C 3 .   ? -5.380  -2.372  0.536   1.00 20.96 ? 179 HOH A O   1 
HETATM 996  O O   . HOH C 3 .   ? -5.759  2.097   -8.269  1.00 15.84 ? 180 HOH A O   1 
HETATM 997  O O   . HOH C 3 .   ? 11.674  -1.797  -10.702 1.00 47.16 ? 181 HOH A O   1 
HETATM 998  O O   . HOH C 3 .   ? -5.200  10.328  -4.926  1.00 14.92 ? 182 HOH A O   1 
HETATM 999  O O   . HOH C 3 .   ? -5.218  9.342   -9.903  1.00 14.19 ? 183 HOH A O   1 
HETATM 1000 O O   . HOH C 3 .   ? -9.839  3.020   -0.445  1.00 19.83 ? 184 HOH A O   1 
HETATM 1001 O O   . HOH C 3 .   ? -8.096  2.486   -2.495  1.00 9.46  ? 185 HOH A O   1 
HETATM 1002 O O   . HOH C 3 .   ? -7.207  3.668   -5.298  1.00 16.27 ? 187 HOH A O   1 
HETATM 1003 O O   . HOH C 3 .   ? -1.752  17.153  -7.927  1.00 14.16 ? 188 HOH A O   1 
HETATM 1004 O O   . HOH C 3 .   ? -0.738  15.658  -4.070  1.00 13.33 ? 189 HOH A O   1 
HETATM 1005 O O   . HOH C 3 .   ? -10.072 12.677  -1.377  1.00 10.40 ? 190 HOH A O   1 
HETATM 1006 O O   . HOH C 3 .   ? -20.075 16.323  10.626  1.00 14.62 ? 191 HOH A O   1 
HETATM 1007 O O   . HOH C 3 .   ? -17.193 5.994   8.496   1.00 21.89 ? 192 HOH A O   1 
HETATM 1008 O O   . HOH C 3 .   ? 0.171   -17.832 -2.497  1.00 10.90 ? 193 HOH A O   1 
HETATM 1009 O O   . HOH C 3 .   ? 14.310  -6.508  8.337   1.00 18.13 ? 195 HOH A O   1 
HETATM 1010 O O   . HOH C 3 .   ? -8.619  -7.003  -1.873  1.00 20.53 ? 196 HOH A O   1 
HETATM 1011 O O   . HOH C 3 .   ? 0.144   16.409  1.718   1.00 18.16 ? 197 HOH A O   1 
HETATM 1012 O O   . HOH C 3 .   ? 0.106   15.210  -1.343  1.00 14.64 ? 199 HOH A O   1 
HETATM 1013 O O   . HOH C 3 .   ? -14.796 5.821   -1.107  1.00 16.44 ? 201 HOH A O   1 
HETATM 1014 O O   . HOH C 3 .   ? 15.222  -4.057  8.127   1.00 15.52 ? 202 HOH A O   1 
HETATM 1015 O O   . HOH C 3 .   ? 12.409  -3.427  13.089  1.00 16.36 ? 203 HOH A O   1 
HETATM 1016 O O   . HOH C 3 .   ? 11.102  -5.964  16.543  1.00 13.65 ? 204 HOH A O   1 
HETATM 1017 O O   . HOH C 3 .   ? 11.010  -13.991 -15.838 1.00 12.83 ? 206 HOH A O   1 
HETATM 1018 O O   . HOH C 3 .   ? 12.748  -10.309 -15.938 1.00 18.67 ? 207 HOH A O   1 
HETATM 1019 O O   . HOH C 3 .   ? 9.158   -7.391  -16.919 1.00 14.96 ? 208 HOH A O   1 
HETATM 1020 O O   . HOH C 3 .   ? 9.832   -4.854  -19.089 1.00 20.97 ? 209 HOH A O   1 
HETATM 1021 O O   . HOH C 3 .   ? 12.445  -6.174  -19.904 1.00 9.86  ? 210 HOH A O   1 
HETATM 1022 O O   . HOH C 3 .   ? 17.469  -11.148 -12.744 1.00 18.13 ? 211 HOH A O   1 
HETATM 1023 O O   . HOH C 3 .   ? 8.698   -16.940 -10.282 1.00 17.79 ? 212 HOH A O   1 
HETATM 1024 O O   . HOH C 3 .   ? 12.494  -17.117 -11.367 1.00 15.83 ? 213 HOH A O   1 
HETATM 1025 O O   . HOH C 3 .   ? 4.819   -17.313 -12.287 1.00 14.37 ? 214 HOH A O   1 
HETATM 1026 O O   . HOH C 3 .   ? -10.661 8.517   -1.125  1.00 18.51 ? 215 HOH A O   1 
HETATM 1027 O O   . HOH C 3 .   ? -13.580 9.077   -0.992  1.00 19.55 ? 216 HOH A O   1 
HETATM 1028 O O   . HOH C 3 .   ? -13.687 5.361   -5.227  1.00 15.10 ? 217 HOH A O   1 
HETATM 1029 O O   . HOH C 3 .   ? 15.394  -0.598  -11.267 1.00 18.64 ? 218 HOH A O   1 
HETATM 1030 O O   . HOH C 3 .   ? 16.850  -5.466  -7.053  1.00 10.97 ? 219 HOH A O   1 
HETATM 1031 O O   . HOH C 3 .   ? 14.810  -2.977  -8.204  1.00 17.86 ? 220 HOH A O   1 
HETATM 1032 O O   . HOH C 3 .   ? 6.006   4.690   -14.058 1.00 17.25 ? 221 HOH A O   1 
HETATM 1033 O O   . HOH C 3 .   ? 3.122   5.617   -15.512 1.00 15.04 ? 222 HOH A O   1 
HETATM 1034 O O   . HOH C 3 .   ? 7.948   6.603   -12.266 1.00 15.43 ? 223 HOH A O   1 
HETATM 1035 O O   . HOH C 3 .   ? 12.438  6.062   -11.309 1.00 15.62 ? 224 HOH A O   1 
HETATM 1036 O O   . HOH C 3 .   ? 16.842  -4.766  11.483  1.00 20.75 ? 225 HOH A O   1 
HETATM 1037 O O   . HOH C 3 .   ? 9.191   -4.202  9.925   1.00 16.26 ? 226 HOH A O   1 
HETATM 1038 O O   . HOH C 3 .   ? -6.353  0.025   -3.940  1.00 25.10 ? 227 HOH A O   1 
HETATM 1039 O O   . HOH C 3 .   ? 7.714   7.201   4.735   1.00 12.49 ? 228 HOH A O   1 
HETATM 1040 O O   . HOH C 3 .   ? 1.594   16.329  6.981   1.00 19.91 ? 229 HOH A O   1 
HETATM 1041 O O   . HOH C 3 .   ? -8.029  17.007  7.092   1.00 20.33 ? 230 HOH A O   1 
HETATM 1042 O O   . HOH C 3 .   ? -3.452  16.949  7.473   1.00 17.19 ? 231 HOH A O   1 
HETATM 1043 O O   . HOH C 3 .   ? -11.152 -1.739  16.932  1.00 10.98 ? 232 HOH A O   1 
HETATM 1044 O O   . HOH C 3 .   ? 2.106   -19.517 -9.090  1.00 16.57 ? 233 HOH A O   1 
HETATM 1045 O O   . HOH C 3 .   ? 4.976   -15.630 -8.331  1.00 16.04 ? 234 HOH A O   1 
HETATM 1046 O O   . HOH C 3 .   ? -13.570 -0.449  7.574   1.00 18.94 ? 235 HOH A O   1 
HETATM 1047 O O   . HOH C 3 .   ? -8.007  -5.333  2.833   1.00 9.18  ? 236 HOH A O   1 
HETATM 1048 O O   . HOH C 3 .   ? -2.398  -9.270  17.696  1.00 12.16 ? 237 HOH A O   1 
HETATM 1049 O O   . HOH C 3 .   ? 0.080   -2.945  21.772  1.00 14.98 ? 238 HOH A O   1 
HETATM 1050 O O   . HOH C 3 .   ? -1.033  20.063  -1.019  1.00 12.77 ? 239 HOH A O   1 
# 
